data_4AHC
#
_entry.id   4AHC
#
_cell.length_a   78.438
_cell.length_b   197.862
_cell.length_c   78.438
_cell.angle_alpha   90.00
_cell.angle_beta   108.39
_cell.angle_gamma   90.00
#
_symmetry.space_group_name_H-M   'P 1 21 1'
#
loop_
_entity.id
_entity.type
_entity.pdbx_description
1 polymer 'DNA POLYMERASE'
2 non-polymer GLYCEROL
3 water water
#
_entity_poly.entity_id   1
_entity_poly.type   'polypeptide(L)'
_entity_poly.pdbx_seq_one_letter_code
;MILDVDYITEEGKPVIRLFKKENGKFKIEHDRTFRPYIYALLRDDSKIEEVKKITGERHGKIVRIVDVEKVEKKFLGKPI
TVWKLYLEHPQDQPTIREKVREHPAVVDIFEYDIPFAKRYLIDKGLIPMEGEEELKILAFAIATLYHEGEEFGKGPIIMI
SYADENEAKVITWKNIDLPYVEVVSSEREMIKRFLRIIREKDPDIIVTYNGDSFDFPYLAKRAEKLGIKLTIGRDGSEPK
MQRIGDMTAVEVKGRIHFDLYHVITRTINLPTYTLEAVYEAIFGKPKEKVYADEIAKAWESGENLERVAKYSMEDAKATY
ELGKEFLPMEIQLSRLIGQPLWDVSRSSTGNLVEWFLLRKAYERNEVAPNKPSEEEYQRRLRESYTGGFVKEPEKGLWDD
IVYLDFIALYPSIIITHNVSPDTLNLEGCKNYDIAPQVGHKFCKDIPGFIPSLLGHLLEERQKIKTKMKETQDPIEKILL
DYRQKAIKLLANSFYGYYGYAKARWYCKECAESVTAWGRKYIELVWKELEEKFGFKVLYIDTDGLHATIPGGESEEIKKK
ALEFVKYINSKLPGLLELEYEGFYKRGFFVTKKRYAVIDEEGKVITRGLEIVRRDWSEIAKETQARVLETILKHGDVEEA
VRIVKEVIQKLANYEIPPEKLAIYEQITRPLHEYKAIGPHVAVAKKLAAKGVKIKPGMVIGYIVLRGDGPISNRAILAEE
YDPKKHKYDAEYYIENQVLPAVLRILEGFGYRKEDLRYQKTRQVGLTSWLNIKKS
;
_entity_poly.pdbx_strand_id   A,B
#
loop_
_chem_comp.id
_chem_comp.type
_chem_comp.name
_chem_comp.formula
GOL non-polymer GLYCEROL 'C3 H8 O3'
#
# COMPACT_ATOMS: atom_id res chain seq x y z
N MET A 1 21.25 -6.99 -14.31
CA MET A 1 20.40 -5.88 -14.86
C MET A 1 21.25 -4.85 -15.59
N ILE A 2 20.62 -4.15 -16.54
CA ILE A 2 21.29 -3.12 -17.29
C ILE A 2 21.17 -1.79 -16.54
N LEU A 3 22.31 -1.21 -16.17
CA LEU A 3 22.34 0.05 -15.42
C LEU A 3 22.52 1.25 -16.32
N ASP A 4 23.38 1.12 -17.33
CA ASP A 4 23.66 2.22 -18.25
C ASP A 4 24.16 1.68 -19.58
N VAL A 5 24.17 2.53 -20.60
CA VAL A 5 24.69 2.16 -21.91
C VAL A 5 25.24 3.38 -22.66
N ASP A 6 26.47 3.27 -23.16
CA ASP A 6 27.07 4.30 -24.02
C ASP A 6 27.69 3.64 -25.25
N TYR A 7 28.54 4.37 -25.96
CA TYR A 7 29.32 3.78 -27.05
C TYR A 7 30.67 4.48 -27.19
N ILE A 8 31.68 3.71 -27.56
CA ILE A 8 33.02 4.25 -27.82
C ILE A 8 33.47 3.89 -29.24
N THR A 9 34.34 4.71 -29.80
CA THR A 9 34.85 4.50 -31.16
C THR A 9 36.18 3.73 -31.11
N GLU A 10 36.22 2.61 -31.83
CA GLU A 10 37.44 1.82 -31.98
C GLU A 10 37.80 1.68 -33.46
N GLU A 11 38.93 2.28 -33.86
CA GLU A 11 39.41 2.22 -35.24
C GLU A 11 38.35 2.62 -36.26
N GLY A 12 37.62 3.69 -35.95
CA GLY A 12 36.59 4.23 -36.85
C GLY A 12 35.20 3.63 -36.70
N LYS A 13 35.08 2.49 -36.02
CA LYS A 13 33.79 1.81 -35.86
C LYS A 13 33.19 2.10 -34.48
N PRO A 14 31.84 2.16 -34.41
CA PRO A 14 31.14 2.37 -33.14
C PRO A 14 30.98 1.09 -32.35
N VAL A 15 31.35 1.12 -31.06
CA VAL A 15 31.24 -0.05 -30.19
C VAL A 15 30.36 0.27 -28.98
N ILE A 16 29.21 -0.39 -28.90
CA ILE A 16 28.28 -0.25 -27.78
C ILE A 16 28.82 -0.93 -26.52
N ARG A 17 28.57 -0.33 -25.37
CA ARG A 17 28.94 -0.91 -24.07
C ARG A 17 27.74 -0.94 -23.15
N LEU A 18 27.37 -2.14 -22.70
CA LEU A 18 26.27 -2.31 -21.75
C LEU A 18 26.83 -2.55 -20.35
N PHE A 19 26.68 -1.55 -19.48
CA PHE A 19 27.14 -1.64 -18.10
C PHE A 19 26.08 -2.39 -17.30
N LYS A 20 26.47 -3.53 -16.73
CA LYS A 20 25.51 -4.44 -16.08
C LYS A 20 25.89 -4.79 -14.65
N LYS A 21 24.92 -5.32 -13.92
CA LYS A 21 25.12 -5.90 -12.60
C LYS A 21 24.35 -7.21 -12.54
N GLU A 22 25.06 -8.32 -12.36
CA GLU A 22 24.43 -9.66 -12.36
C GLU A 22 24.98 -10.53 -11.24
N ASN A 23 24.08 -11.02 -10.39
CA ASN A 23 24.42 -11.84 -9.22
C ASN A 23 25.40 -11.15 -8.27
N GLY A 24 25.18 -9.85 -8.07
CA GLY A 24 26.03 -9.06 -7.18
C GLY A 24 27.40 -8.74 -7.74
N LYS A 25 27.57 -8.90 -9.05
CA LYS A 25 28.87 -8.70 -9.70
C LYS A 25 28.73 -7.76 -10.90
N PHE A 26 29.68 -6.84 -11.03
CA PHE A 26 29.68 -5.83 -12.10
C PHE A 26 30.42 -6.35 -13.32
N LYS A 27 29.86 -6.13 -14.50
CA LYS A 27 30.52 -6.51 -15.76
C LYS A 27 30.09 -5.60 -16.92
N ILE A 28 31.04 -5.35 -17.83
CA ILE A 28 30.80 -4.57 -19.04
C ILE A 28 30.74 -5.50 -20.24
N GLU A 29 29.67 -5.40 -21.01
CA GLU A 29 29.47 -6.23 -22.20
C GLU A 29 29.56 -5.35 -23.45
N HIS A 30 30.58 -5.61 -24.28
CA HIS A 30 30.78 -4.88 -25.52
C HIS A 30 29.94 -5.49 -26.64
N ASP A 31 29.54 -4.67 -27.60
CA ASP A 31 28.74 -5.13 -28.73
C ASP A 31 29.05 -4.36 -30.02
N ARG A 32 29.61 -5.07 -31.00
CA ARG A 32 30.06 -4.47 -32.26
C ARG A 32 29.14 -4.85 -33.43
N THR A 33 27.98 -5.41 -33.12
CA THR A 33 27.05 -5.93 -34.13
C THR A 33 26.12 -4.85 -34.69
N PHE A 34 25.79 -3.86 -33.86
CA PHE A 34 24.76 -2.89 -34.19
C PHE A 34 25.23 -1.86 -35.21
N ARG A 35 24.30 -1.37 -36.04
CA ARG A 35 24.61 -0.44 -37.12
C ARG A 35 23.62 0.74 -37.10
N PRO A 36 24.13 1.98 -37.12
CA PRO A 36 23.24 3.14 -37.17
C PRO A 36 22.62 3.33 -38.56
N TYR A 37 21.46 3.97 -38.62
CA TYR A 37 20.72 4.09 -39.87
C TYR A 37 19.81 5.32 -39.90
N ILE A 38 19.27 5.60 -41.09
CA ILE A 38 18.25 6.62 -41.29
C ILE A 38 17.26 6.11 -42.34
N TYR A 39 16.05 6.66 -42.34
CA TYR A 39 15.02 6.26 -43.29
C TYR A 39 14.90 7.30 -44.41
N ALA A 40 14.58 6.82 -45.62
CA ALA A 40 14.37 7.69 -46.77
C ALA A 40 13.06 7.38 -47.46
N LEU A 41 12.25 8.41 -47.69
CA LEU A 41 11.01 8.29 -48.45
C LEU A 41 11.21 8.90 -49.83
N LEU A 42 10.99 8.10 -50.88
CA LEU A 42 11.25 8.52 -52.25
C LEU A 42 9.96 8.69 -53.06
N ARG A 43 10.03 9.52 -54.11
CA ARG A 43 8.95 9.61 -55.10
C ARG A 43 8.89 8.28 -55.84
N ASP A 44 10.04 7.90 -56.39
CA ASP A 44 10.18 6.71 -57.21
C ASP A 44 11.17 5.78 -56.52
N ASP A 45 10.77 4.54 -56.30
CA ASP A 45 11.62 3.55 -55.63
C ASP A 45 12.77 3.07 -56.49
N SER A 46 12.65 3.24 -57.81
CA SER A 46 13.74 2.89 -58.73
C SER A 46 14.91 3.86 -58.64
N LYS A 47 14.63 5.09 -58.20
CA LYS A 47 15.67 6.11 -58.00
C LYS A 47 16.64 5.77 -56.87
N ILE A 48 16.31 4.75 -56.06
CA ILE A 48 17.18 4.28 -54.97
C ILE A 48 18.64 4.07 -55.41
N GLU A 49 18.82 3.60 -56.64
CA GLU A 49 20.15 3.35 -57.18
C GLU A 49 21.03 4.61 -57.19
N GLU A 50 20.42 5.76 -57.50
CA GLU A 50 21.11 7.05 -57.43
C GLU A 50 21.34 7.47 -55.98
N VAL A 51 20.38 7.17 -55.11
CA VAL A 51 20.46 7.54 -53.68
C VAL A 51 21.54 6.73 -52.94
N LYS A 52 21.70 5.46 -53.31
CA LYS A 52 22.71 4.59 -52.69
C LYS A 52 24.13 5.16 -52.73
N LYS A 53 24.49 5.78 -53.86
CA LYS A 53 25.86 6.25 -54.09
C LYS A 53 26.12 7.71 -53.68
N ILE A 54 25.17 8.31 -52.95
CA ILE A 54 25.33 9.69 -52.48
C ILE A 54 26.38 9.75 -51.37
N THR A 55 27.31 10.70 -51.48
CA THR A 55 28.48 10.77 -50.60
C THR A 55 28.40 11.96 -49.64
N GLY A 56 29.02 11.81 -48.48
CA GLY A 56 29.13 12.88 -47.47
C GLY A 56 30.57 13.05 -47.02
N GLU A 57 30.76 13.80 -45.94
CA GLU A 57 32.11 14.08 -45.43
C GLU A 57 32.14 14.39 -43.93
N ARG A 58 33.24 14.01 -43.28
CA ARG A 58 33.46 14.29 -41.87
C ARG A 58 34.96 14.18 -41.55
N HIS A 59 35.50 15.21 -40.90
CA HIS A 59 36.93 15.31 -40.61
C HIS A 59 37.81 15.13 -41.87
N GLY A 60 37.33 15.65 -43.00
CA GLY A 60 38.03 15.51 -44.28
C GLY A 60 37.91 14.15 -44.94
N LYS A 61 37.37 13.16 -44.22
CA LYS A 61 37.24 11.79 -44.74
C LYS A 61 36.01 11.68 -45.64
N ILE A 62 35.88 10.52 -46.29
CA ILE A 62 34.78 10.26 -47.22
C ILE A 62 33.76 9.33 -46.57
N VAL A 63 32.57 9.85 -46.32
CA VAL A 63 31.48 9.09 -45.69
C VAL A 63 30.50 8.61 -46.76
N ARG A 64 30.19 7.31 -46.74
CA ARG A 64 29.28 6.71 -47.73
C ARG A 64 28.26 5.79 -47.09
N ILE A 65 27.20 5.49 -47.83
CA ILE A 65 26.14 4.59 -47.37
C ILE A 65 26.62 3.15 -47.51
N VAL A 66 26.70 2.43 -46.39
CA VAL A 66 27.25 1.08 -46.36
C VAL A 66 26.24 0.03 -46.83
N ASP A 67 24.96 0.23 -46.53
CA ASP A 67 23.91 -0.71 -46.91
C ASP A 67 22.56 0.00 -47.03
N VAL A 68 21.71 -0.51 -47.93
CA VAL A 68 20.35 0.00 -48.12
C VAL A 68 19.38 -1.17 -48.17
N GLU A 69 18.18 -0.99 -47.63
CA GLU A 69 17.21 -2.08 -47.50
C GLU A 69 15.77 -1.56 -47.56
N LYS A 70 14.94 -2.20 -48.38
CA LYS A 70 13.54 -1.80 -48.53
C LYS A 70 12.71 -2.40 -47.39
N VAL A 71 11.85 -1.58 -46.79
CA VAL A 71 11.05 -2.00 -45.62
C VAL A 71 9.66 -1.37 -45.64
N GLU A 72 8.66 -2.12 -45.17
CA GLU A 72 7.30 -1.61 -45.00
C GLU A 72 7.19 -0.98 -43.63
N LYS A 73 6.57 0.20 -43.57
CA LYS A 73 6.37 0.92 -42.33
C LYS A 73 5.01 1.59 -42.32
N LYS A 74 4.58 2.04 -41.14
CA LYS A 74 3.38 2.84 -41.00
C LYS A 74 3.79 4.27 -40.70
N PHE A 75 2.99 5.23 -41.15
CA PHE A 75 3.20 6.63 -40.79
C PHE A 75 1.84 7.26 -40.48
N LEU A 76 1.63 7.52 -39.19
CA LEU A 76 0.32 7.94 -38.68
C LEU A 76 -0.75 6.90 -39.06
N GLY A 77 -0.41 5.62 -38.92
CA GLY A 77 -1.31 4.53 -39.26
C GLY A 77 -1.25 4.10 -40.72
N LYS A 78 -1.21 5.07 -41.63
CA LYS A 78 -1.30 4.80 -43.07
C LYS A 78 -0.03 4.11 -43.58
N PRO A 79 -0.17 2.96 -44.27
CA PRO A 79 0.98 2.23 -44.82
C PRO A 79 1.92 3.10 -45.67
N ILE A 80 3.20 2.74 -45.69
CA ILE A 80 4.22 3.52 -46.41
C ILE A 80 5.47 2.68 -46.65
N THR A 81 6.20 2.98 -47.73
CA THR A 81 7.45 2.31 -48.05
C THR A 81 8.62 3.25 -47.78
N VAL A 82 9.69 2.71 -47.19
CA VAL A 82 10.88 3.50 -46.86
C VAL A 82 12.15 2.69 -47.09
N TRP A 83 13.25 3.41 -47.30
CA TRP A 83 14.57 2.81 -47.49
C TRP A 83 15.45 3.08 -46.29
N LYS A 84 16.00 2.01 -45.72
CA LYS A 84 16.79 2.07 -44.51
C LYS A 84 18.28 2.19 -44.85
N LEU A 85 18.77 3.42 -44.85
CA LEU A 85 20.15 3.71 -45.26
C LEU A 85 21.10 3.53 -44.07
N TYR A 86 21.84 2.44 -44.05
CA TYR A 86 22.80 2.16 -42.98
C TYR A 86 24.09 2.95 -43.19
N LEU A 87 24.78 3.23 -42.09
CA LEU A 87 26.01 4.00 -42.12
C LEU A 87 27.08 3.34 -41.24
N GLU A 88 28.31 3.83 -41.33
CA GLU A 88 29.42 3.28 -40.53
C GLU A 88 29.34 3.78 -39.09
N HIS A 89 29.24 5.09 -38.94
CA HIS A 89 29.25 5.73 -37.62
C HIS A 89 27.97 6.55 -37.42
N PRO A 90 27.50 6.66 -36.15
CA PRO A 90 26.34 7.51 -35.86
C PRO A 90 26.55 8.98 -36.24
N GLN A 91 27.78 9.47 -36.10
CA GLN A 91 28.11 10.85 -36.43
C GLN A 91 28.12 11.13 -37.94
N ASP A 92 27.94 10.10 -38.76
CA ASP A 92 27.78 10.29 -40.21
C ASP A 92 26.37 10.71 -40.61
N GLN A 93 25.43 10.62 -39.67
CA GLN A 93 24.01 10.88 -39.96
C GLN A 93 23.71 12.33 -40.38
N PRO A 94 24.33 13.32 -39.72
CA PRO A 94 24.11 14.72 -40.15
C PRO A 94 24.52 15.01 -41.60
N THR A 95 25.67 14.49 -42.03
CA THR A 95 26.19 14.77 -43.38
C THR A 95 25.42 13.98 -44.45
N ILE A 96 25.09 12.73 -44.14
CA ILE A 96 24.29 11.90 -45.05
C ILE A 96 22.86 12.46 -45.16
N ARG A 97 22.35 13.02 -44.07
CA ARG A 97 21.05 13.70 -44.11
C ARG A 97 21.08 14.91 -45.04
N GLU A 98 22.09 15.77 -44.84
CA GLU A 98 22.24 17.01 -45.63
C GLU A 98 22.12 16.77 -47.13
N LYS A 99 22.77 15.71 -47.61
CA LYS A 99 22.95 15.51 -49.04
C LYS A 99 21.98 14.51 -49.67
N VAL A 100 21.55 13.50 -48.91
CA VAL A 100 20.51 12.58 -49.39
C VAL A 100 19.17 13.29 -49.55
N ARG A 101 18.88 14.20 -48.62
CA ARG A 101 17.63 14.98 -48.65
C ARG A 101 17.59 15.99 -49.79
N GLU A 102 18.76 16.38 -50.29
CA GLU A 102 18.86 17.33 -51.40
C GLU A 102 18.51 16.70 -52.75
N HIS A 103 18.51 15.38 -52.81
CA HIS A 103 18.17 14.65 -54.03
C HIS A 103 16.70 14.89 -54.41
N PRO A 104 16.42 15.15 -55.71
CA PRO A 104 15.05 15.42 -56.16
C PRO A 104 14.04 14.29 -55.91
N ALA A 105 14.53 13.04 -55.91
CA ALA A 105 13.67 11.88 -55.68
C ALA A 105 13.24 11.72 -54.22
N VAL A 106 14.06 12.22 -53.29
CA VAL A 106 13.78 12.08 -51.86
C VAL A 106 12.76 13.13 -51.38
N VAL A 107 11.70 12.65 -50.75
CA VAL A 107 10.63 13.53 -50.24
C VAL A 107 10.95 14.00 -48.83
N ASP A 108 11.42 13.08 -47.99
CA ASP A 108 11.84 13.41 -46.63
C ASP A 108 12.66 12.26 -46.05
N ILE A 109 13.39 12.53 -44.96
CA ILE A 109 14.07 11.47 -44.20
C ILE A 109 13.63 11.51 -42.73
N PHE A 110 13.55 10.32 -42.12
CA PHE A 110 13.02 10.18 -40.76
C PHE A 110 13.97 9.47 -39.81
N GLU A 111 13.77 9.70 -38.52
CA GLU A 111 14.55 9.06 -37.45
C GLU A 111 16.06 9.15 -37.69
N TYR A 112 16.54 10.37 -37.88
CA TYR A 112 17.94 10.63 -38.20
C TYR A 112 18.75 11.20 -37.03
N ASP A 113 18.07 11.57 -35.94
CA ASP A 113 18.73 12.28 -34.83
C ASP A 113 18.49 11.63 -33.46
N ILE A 114 18.27 10.32 -33.44
CA ILE A 114 18.15 9.59 -32.18
C ILE A 114 19.55 9.14 -31.76
N PRO A 115 19.97 9.47 -30.52
CA PRO A 115 21.29 9.02 -30.04
C PRO A 115 21.50 7.51 -30.15
N PHE A 116 22.72 7.11 -30.47
CA PHE A 116 23.06 5.72 -30.79
C PHE A 116 22.81 4.76 -29.62
N ALA A 117 23.16 5.17 -28.41
CA ALA A 117 23.00 4.32 -27.23
C ALA A 117 21.53 4.04 -26.93
N LYS A 118 20.69 5.05 -27.11
CA LYS A 118 19.25 4.91 -26.91
C LYS A 118 18.61 4.16 -28.08
N ARG A 119 19.15 4.37 -29.28
CA ARG A 119 18.73 3.62 -30.48
C ARG A 119 18.93 2.11 -30.27
N TYR A 120 20.01 1.75 -29.59
CA TYR A 120 20.35 0.35 -29.32
C TYR A 120 19.33 -0.32 -28.39
N LEU A 121 18.97 0.37 -27.31
CA LEU A 121 18.01 -0.17 -26.33
C LEU A 121 16.62 -0.36 -26.92
N ILE A 122 16.18 0.61 -27.70
CA ILE A 122 14.87 0.53 -28.36
C ILE A 122 14.82 -0.63 -29.35
N ASP A 123 15.83 -0.74 -30.20
CA ASP A 123 15.86 -1.74 -31.26
C ASP A 123 16.06 -3.17 -30.75
N LYS A 124 16.89 -3.34 -29.72
CA LYS A 124 17.13 -4.65 -29.12
C LYS A 124 16.03 -5.06 -28.14
N GLY A 125 15.12 -4.14 -27.81
CA GLY A 125 14.07 -4.40 -26.84
C GLY A 125 14.61 -4.58 -25.43
N LEU A 126 15.64 -3.80 -25.09
CA LEU A 126 16.30 -3.91 -23.79
C LEU A 126 15.76 -2.84 -22.83
N ILE A 127 15.28 -3.29 -21.67
CA ILE A 127 14.71 -2.43 -20.65
C ILE A 127 15.64 -2.41 -19.44
N PRO A 128 16.17 -1.23 -19.08
CA PRO A 128 17.05 -1.15 -17.90
C PRO A 128 16.32 -1.36 -16.57
N MET A 129 17.09 -1.63 -15.53
CA MET A 129 16.60 -1.78 -14.16
C MET A 129 15.61 -2.91 -13.96
N GLU A 130 15.73 -3.97 -14.77
CA GLU A 130 14.87 -5.14 -14.65
C GLU A 130 15.47 -6.18 -13.73
N GLY A 131 14.66 -7.13 -13.29
CA GLY A 131 15.10 -8.20 -12.41
C GLY A 131 15.38 -7.74 -10.99
N GLU A 132 15.57 -8.70 -10.08
CA GLU A 132 15.87 -8.40 -8.69
C GLU A 132 17.38 -8.45 -8.45
N GLU A 133 17.96 -7.30 -8.09
CA GLU A 133 19.37 -7.22 -7.70
C GLU A 133 19.53 -6.26 -6.54
N GLU A 134 20.39 -6.62 -5.59
CA GLU A 134 20.72 -5.76 -4.46
C GLU A 134 21.63 -4.64 -4.93
N LEU A 135 21.05 -3.48 -5.25
CA LEU A 135 21.82 -2.31 -5.64
C LEU A 135 22.31 -1.58 -4.39
N LYS A 136 23.60 -1.25 -4.36
CA LYS A 136 24.20 -0.53 -3.25
C LYS A 136 24.14 0.97 -3.49
N ILE A 137 23.43 1.68 -2.61
CA ILE A 137 23.22 3.11 -2.73
C ILE A 137 24.05 3.86 -1.70
N LEU A 138 24.67 4.97 -2.12
CA LEU A 138 25.47 5.81 -1.22
C LEU A 138 25.22 7.29 -1.54
N ALA A 139 25.01 8.09 -0.50
CA ALA A 139 24.75 9.51 -0.65
C ALA A 139 25.94 10.31 -0.11
N PHE A 140 26.12 11.52 -0.61
CA PHE A 140 27.15 12.41 -0.07
C PHE A 140 26.84 13.90 -0.31
N ALA A 141 27.44 14.74 0.53
CA ALA A 141 27.31 16.18 0.43
C ALA A 141 28.59 16.81 0.94
N ILE A 142 28.82 18.08 0.60
CA ILE A 142 30.05 18.77 1.00
C ILE A 142 29.79 20.16 1.58
N ALA A 143 30.62 20.56 2.54
CA ALA A 143 30.57 21.89 3.13
C ALA A 143 31.83 22.66 2.72
N THR A 144 31.65 23.89 2.23
CA THR A 144 32.75 24.70 1.71
C THR A 144 32.88 26.03 2.45
N LEU A 145 34.08 26.58 2.45
CA LEU A 145 34.36 27.87 3.10
C LEU A 145 34.18 29.01 2.10
N TYR A 146 33.05 29.70 2.20
CA TYR A 146 32.76 30.82 1.32
C TYR A 146 33.25 32.13 1.96
N HIS A 147 33.78 33.02 1.14
CA HIS A 147 34.25 34.34 1.58
C HIS A 147 34.40 35.26 0.36
N GLU A 148 33.77 36.43 0.42
CA GLU A 148 33.75 37.38 -0.70
C GLU A 148 32.94 36.82 -1.88
N GLY A 149 32.54 37.70 -2.79
CA GLY A 149 32.02 37.27 -4.09
C GLY A 149 33.16 36.71 -4.93
N GLU A 150 33.62 35.52 -4.54
CA GLU A 150 34.87 34.94 -5.06
C GLU A 150 34.56 33.85 -6.08
N GLU A 151 35.58 33.50 -6.87
CA GLU A 151 35.49 32.44 -7.88
C GLU A 151 34.95 31.14 -7.33
N PHE A 152 34.28 30.38 -8.18
CA PHE A 152 33.74 29.07 -7.82
C PHE A 152 34.87 28.06 -7.68
N GLY A 153 35.26 27.77 -6.45
CA GLY A 153 36.29 26.76 -6.16
C GLY A 153 37.47 27.22 -5.31
N LYS A 154 37.60 28.53 -5.08
CA LYS A 154 38.72 29.07 -4.30
C LYS A 154 38.65 28.69 -2.82
N GLY A 155 37.44 28.53 -2.29
CA GLY A 155 37.26 28.11 -0.90
C GLY A 155 37.56 26.63 -0.71
N PRO A 156 38.29 26.27 0.37
CA PRO A 156 38.55 24.84 0.61
C PRO A 156 37.32 24.06 1.08
N ILE A 157 37.25 22.78 0.71
CA ILE A 157 36.19 21.91 1.19
C ILE A 157 36.44 21.59 2.66
N ILE A 158 35.57 22.13 3.52
CA ILE A 158 35.69 21.95 4.96
C ILE A 158 35.33 20.53 5.40
N MET A 159 34.24 20.00 4.82
CA MET A 159 33.75 18.67 5.19
C MET A 159 33.18 17.92 3.98
N ILE A 160 33.41 16.60 3.97
CA ILE A 160 32.78 15.69 3.02
C ILE A 160 32.05 14.63 3.81
N SER A 161 30.72 14.70 3.81
CA SER A 161 29.90 13.75 4.56
C SER A 161 29.27 12.73 3.62
N TYR A 162 28.99 11.54 4.14
CA TYR A 162 28.38 10.47 3.35
C TYR A 162 27.48 9.59 4.21
N ALA A 163 26.50 8.94 3.58
CA ALA A 163 25.52 8.12 4.31
C ALA A 163 24.93 7.01 3.43
N ASP A 164 24.76 5.84 4.02
CA ASP A 164 24.12 4.70 3.35
C ASP A 164 23.19 3.98 4.33
N GLU A 165 22.87 2.71 4.06
CA GLU A 165 22.00 1.91 4.94
C GLU A 165 22.56 1.74 6.36
N ASN A 166 23.86 1.51 6.47
CA ASN A 166 24.49 1.18 7.76
C ASN A 166 24.92 2.38 8.60
N GLU A 167 25.48 3.41 7.95
CA GLU A 167 26.13 4.51 8.67
C GLU A 167 25.98 5.87 7.99
N ALA A 168 26.27 6.93 8.75
CA ALA A 168 26.31 8.29 8.24
C ALA A 168 27.47 9.03 8.91
N LYS A 169 28.53 9.33 8.14
CA LYS A 169 29.77 9.88 8.69
C LYS A 169 30.20 11.18 8.04
N VAL A 170 31.11 11.90 8.70
CA VAL A 170 31.70 13.13 8.18
C VAL A 170 33.22 13.00 8.13
N ILE A 171 33.81 13.41 6.99
CA ILE A 171 35.26 13.43 6.83
C ILE A 171 35.74 14.87 6.79
N THR A 172 36.69 15.20 7.66
CA THR A 172 37.19 16.58 7.80
C THR A 172 38.67 16.59 8.18
N TRP A 173 39.25 17.78 8.24
CA TRP A 173 40.65 17.95 8.64
C TRP A 173 40.81 18.99 9.76
N LYS A 174 40.01 18.82 10.81
CA LYS A 174 40.15 19.56 12.06
C LYS A 174 39.76 18.65 13.21
N ASN A 175 40.30 18.91 14.40
CA ASN A 175 39.97 18.12 15.59
C ASN A 175 38.53 18.36 16.04
N ILE A 176 37.71 17.32 15.91
CA ILE A 176 36.34 17.32 16.42
C ILE A 176 36.12 16.03 17.21
N ASP A 177 35.37 16.13 18.30
CA ASP A 177 35.26 15.03 19.26
C ASP A 177 34.02 14.14 19.07
N LEU A 178 33.36 14.23 17.91
CA LEU A 178 32.16 13.43 17.63
C LEU A 178 32.51 12.01 17.19
N PRO A 179 31.62 11.03 17.46
CA PRO A 179 31.91 9.64 17.09
C PRO A 179 31.72 9.33 15.59
N TYR A 180 30.95 10.15 14.88
CA TYR A 180 30.71 9.97 13.46
C TYR A 180 31.63 10.84 12.58
N VAL A 181 32.42 11.70 13.21
CA VAL A 181 33.39 12.53 12.50
C VAL A 181 34.74 11.82 12.40
N GLU A 182 35.33 11.83 11.21
CA GLU A 182 36.65 11.27 10.96
C GLU A 182 37.61 12.42 10.64
N VAL A 183 38.65 12.57 11.45
CA VAL A 183 39.62 13.65 11.26
C VAL A 183 40.81 13.15 10.45
N VAL A 184 41.31 13.99 9.54
CA VAL A 184 42.39 13.63 8.62
C VAL A 184 43.45 14.75 8.56
N SER A 185 44.59 14.43 7.97
CA SER A 185 45.74 15.35 7.88
C SER A 185 45.38 16.73 7.31
N SER A 186 44.79 16.74 6.12
CA SER A 186 44.49 17.99 5.41
C SER A 186 43.35 17.81 4.42
N GLU A 187 43.03 18.87 3.69
CA GLU A 187 42.02 18.81 2.63
C GLU A 187 42.35 17.75 1.59
N ARG A 188 43.61 17.70 1.18
CA ARG A 188 44.07 16.73 0.20
C ARG A 188 43.72 15.30 0.63
N GLU A 189 44.05 14.98 1.89
CA GLU A 189 43.80 13.65 2.43
C GLU A 189 42.31 13.39 2.69
N MET A 190 41.57 14.46 2.98
CA MET A 190 40.11 14.38 3.10
C MET A 190 39.50 13.89 1.79
N ILE A 191 39.99 14.41 0.67
CA ILE A 191 39.52 14.00 -0.65
C ILE A 191 39.94 12.55 -0.95
N LYS A 192 41.18 12.20 -0.60
CA LYS A 192 41.68 10.82 -0.78
C LYS A 192 40.91 9.82 0.07
N ARG A 193 40.53 10.22 1.27
CA ARG A 193 39.68 9.39 2.14
C ARG A 193 38.36 9.11 1.45
N PHE A 194 37.70 10.16 0.99
CA PHE A 194 36.42 10.04 0.27
C PHE A 194 36.51 9.07 -0.91
N LEU A 195 37.63 9.12 -1.65
CA LEU A 195 37.85 8.19 -2.76
C LEU A 195 37.98 6.74 -2.28
N ARG A 196 38.60 6.55 -1.11
CA ARG A 196 38.73 5.23 -0.51
C ARG A 196 37.37 4.68 -0.06
N ILE A 197 36.52 5.56 0.48
CA ILE A 197 35.18 5.17 0.93
C ILE A 197 34.33 4.71 -0.24
N ILE A 198 34.38 5.46 -1.34
CA ILE A 198 33.67 5.10 -2.57
C ILE A 198 34.23 3.81 -3.16
N ARG A 199 35.54 3.61 -2.98
CA ARG A 199 36.24 2.42 -3.47
C ARG A 199 35.87 1.17 -2.65
N GLU A 200 35.84 1.32 -1.33
CA GLU A 200 35.49 0.22 -0.43
C GLU A 200 34.01 -0.14 -0.52
N LYS A 201 33.14 0.88 -0.47
CA LYS A 201 31.70 0.65 -0.55
C LYS A 201 31.25 0.24 -1.95
N ASP A 202 31.90 0.78 -2.98
CA ASP A 202 31.63 0.41 -4.38
C ASP A 202 30.13 0.47 -4.71
N PRO A 203 29.53 1.67 -4.61
CA PRO A 203 28.09 1.81 -4.83
C PRO A 203 27.67 1.65 -6.29
N ASP A 204 26.45 1.15 -6.50
CA ASP A 204 25.85 1.08 -7.84
C ASP A 204 25.25 2.43 -8.21
N ILE A 205 24.75 3.15 -7.21
CA ILE A 205 24.16 4.46 -7.40
C ILE A 205 24.75 5.45 -6.41
N ILE A 206 25.20 6.60 -6.92
CA ILE A 206 25.65 7.69 -6.06
C ILE A 206 24.58 8.79 -6.06
N VAL A 207 24.10 9.15 -4.87
CA VAL A 207 23.01 10.10 -4.73
C VAL A 207 23.50 11.44 -4.20
N THR A 208 23.07 12.52 -4.84
CA THR A 208 23.34 13.88 -4.37
C THR A 208 22.06 14.70 -4.41
N TYR A 209 22.07 15.84 -3.72
CA TYR A 209 21.06 16.88 -3.93
C TYR A 209 21.76 18.10 -4.50
N ASN A 210 21.52 18.36 -5.78
CA ASN A 210 22.17 19.45 -6.52
C ASN A 210 23.65 19.17 -6.78
N GLY A 211 23.96 17.91 -7.11
CA GLY A 211 25.34 17.49 -7.35
C GLY A 211 25.88 17.87 -8.72
N ASP A 212 25.02 17.89 -9.73
CA ASP A 212 25.42 18.31 -11.08
C ASP A 212 26.03 19.72 -11.07
N SER A 213 25.36 20.65 -10.42
CA SER A 213 25.76 22.06 -10.48
C SER A 213 26.80 22.45 -9.43
N PHE A 214 26.69 21.90 -8.22
CA PHE A 214 27.53 22.35 -7.09
C PHE A 214 28.57 21.35 -6.61
N ASP A 215 28.14 20.17 -6.19
CA ASP A 215 29.03 19.26 -5.44
C ASP A 215 30.17 18.67 -6.28
N PHE A 216 29.84 18.17 -7.47
CA PHE A 216 30.85 17.54 -8.33
C PHE A 216 31.82 18.53 -8.98
N PRO A 217 31.29 19.64 -9.55
CA PRO A 217 32.18 20.67 -10.10
C PRO A 217 33.11 21.32 -9.07
N TYR A 218 32.60 21.56 -7.87
CA TYR A 218 33.41 22.19 -6.81
C TYR A 218 34.47 21.22 -6.29
N LEU A 219 34.13 19.94 -6.22
CA LEU A 219 35.08 18.87 -5.86
C LEU A 219 36.16 18.72 -6.92
N ALA A 220 35.78 18.86 -8.19
CA ALA A 220 36.69 18.69 -9.32
C ALA A 220 37.72 19.83 -9.42
N LYS A 221 37.26 21.06 -9.25
CA LYS A 221 38.15 22.23 -9.29
C LYS A 221 39.11 22.23 -8.10
N ARG A 222 38.58 21.82 -6.94
CA ARG A 222 39.41 21.61 -5.75
C ARG A 222 40.47 20.55 -6.00
N ALA A 223 40.04 19.39 -6.51
CA ALA A 223 40.94 18.27 -6.79
C ALA A 223 41.99 18.62 -7.84
N GLU A 224 41.63 19.50 -8.77
CA GLU A 224 42.58 19.98 -9.79
C GLU A 224 43.69 20.79 -9.16
N LYS A 225 43.32 21.72 -8.28
CA LYS A 225 44.28 22.58 -7.58
C LYS A 225 45.21 21.77 -6.68
N LEU A 226 44.65 20.79 -5.98
CA LEU A 226 45.40 19.96 -5.04
C LEU A 226 46.19 18.83 -5.72
N GLY A 227 46.08 18.72 -7.05
CA GLY A 227 46.84 17.72 -7.80
C GLY A 227 46.45 16.30 -7.43
N ILE A 228 45.17 15.98 -7.58
CA ILE A 228 44.62 14.70 -7.14
C ILE A 228 43.49 14.24 -8.07
N LYS A 229 43.64 13.04 -8.63
CA LYS A 229 42.68 12.49 -9.58
C LYS A 229 41.47 11.90 -8.84
N LEU A 230 40.28 12.18 -9.37
CA LEU A 230 39.04 11.68 -8.78
C LEU A 230 38.65 10.34 -9.38
N THR A 231 39.29 9.27 -8.91
CA THR A 231 39.03 7.92 -9.43
C THR A 231 37.73 7.36 -8.86
N ILE A 232 36.61 7.95 -9.28
CA ILE A 232 35.28 7.62 -8.75
C ILE A 232 34.58 6.57 -9.61
N GLY A 233 34.79 6.64 -10.92
CA GLY A 233 34.23 5.65 -11.84
C GLY A 233 34.77 4.26 -11.56
N ARG A 234 34.08 3.24 -12.08
CA ARG A 234 34.48 1.86 -11.85
C ARG A 234 35.61 1.39 -12.77
N ASP A 235 36.01 2.25 -13.71
CA ASP A 235 37.22 2.04 -14.50
C ASP A 235 38.29 3.07 -14.15
N GLY A 236 38.14 3.72 -12.99
CA GLY A 236 39.10 4.71 -12.51
C GLY A 236 38.95 6.11 -13.09
N SER A 237 38.01 6.30 -14.01
CA SER A 237 37.83 7.59 -14.69
C SER A 237 37.25 8.65 -13.75
N GLU A 238 37.44 9.91 -14.11
CA GLU A 238 36.89 11.03 -13.35
C GLU A 238 35.47 11.33 -13.79
N PRO A 239 34.68 12.00 -12.93
CA PRO A 239 33.33 12.41 -13.34
C PRO A 239 33.35 13.33 -14.56
N LYS A 240 32.54 13.01 -15.56
CA LYS A 240 32.51 13.75 -16.82
C LYS A 240 31.29 14.66 -16.89
N MET A 241 31.50 15.91 -17.27
CA MET A 241 30.42 16.87 -17.46
C MET A 241 29.76 16.60 -18.80
N GLN A 242 28.44 16.40 -18.78
CA GLN A 242 27.67 16.19 -20.02
C GLN A 242 26.45 17.09 -20.09
N ARG A 243 26.08 17.47 -21.30
CA ARG A 243 24.94 18.35 -21.53
C ARG A 243 23.73 17.58 -22.09
N ILE A 244 22.54 18.09 -21.81
CA ILE A 244 21.30 17.52 -22.32
C ILE A 244 20.47 18.60 -23.03
N GLY A 245 19.97 19.57 -22.25
CA GLY A 245 19.26 20.72 -22.79
C GLY A 245 20.02 21.98 -22.38
N ASP A 246 19.39 22.80 -21.54
CA ASP A 246 20.08 23.94 -20.92
C ASP A 246 20.54 23.55 -19.51
N MET A 247 21.24 22.40 -19.44
CA MET A 247 21.70 21.84 -18.17
C MET A 247 22.98 21.05 -18.42
N THR A 248 24.00 21.30 -17.62
CA THR A 248 25.24 20.53 -17.65
C THR A 248 25.24 19.57 -16.47
N ALA A 249 25.07 18.28 -16.75
CA ALA A 249 25.01 17.25 -15.71
C ALA A 249 26.35 16.55 -15.56
N VAL A 250 26.48 15.77 -14.49
CA VAL A 250 27.71 15.03 -14.22
C VAL A 250 27.48 13.53 -14.33
N GLU A 251 28.39 12.87 -15.04
CA GLU A 251 28.28 11.45 -15.36
C GLU A 251 29.39 10.70 -14.62
N VAL A 252 29.10 9.48 -14.16
CA VAL A 252 30.11 8.62 -13.54
C VAL A 252 30.09 7.23 -14.19
N LYS A 253 31.19 6.85 -14.85
CA LYS A 253 31.26 5.59 -15.58
C LYS A 253 31.16 4.39 -14.65
N GLY A 254 30.25 3.48 -14.96
CA GLY A 254 30.04 2.27 -14.16
C GLY A 254 28.92 2.40 -13.13
N ARG A 255 28.71 3.62 -12.63
CA ARG A 255 27.68 3.90 -11.63
C ARG A 255 26.63 4.84 -12.20
N ILE A 256 25.55 5.03 -11.45
CA ILE A 256 24.49 5.96 -11.82
C ILE A 256 24.51 7.12 -10.85
N HIS A 257 24.89 8.30 -11.33
CA HIS A 257 24.82 9.51 -10.52
C HIS A 257 23.37 9.98 -10.49
N PHE A 258 22.75 9.92 -9.31
CA PHE A 258 21.34 10.26 -9.14
C PHE A 258 21.20 11.58 -8.40
N ASP A 259 21.05 12.66 -9.15
CA ASP A 259 20.88 13.99 -8.56
C ASP A 259 19.39 14.17 -8.20
N LEU A 260 19.12 14.25 -6.90
CA LEU A 260 17.75 14.33 -6.40
C LEU A 260 17.02 15.62 -6.78
N TYR A 261 17.78 16.70 -6.97
CA TYR A 261 17.20 18.01 -7.27
C TYR A 261 16.28 18.01 -8.50
N HIS A 262 16.69 17.29 -9.55
CA HIS A 262 15.96 17.29 -10.82
C HIS A 262 14.64 16.51 -10.75
N VAL A 263 14.58 15.49 -9.90
CA VAL A 263 13.39 14.64 -9.77
C VAL A 263 12.29 15.34 -8.97
N ILE A 264 12.71 16.10 -7.96
CA ILE A 264 11.78 16.80 -7.07
C ILE A 264 11.15 18.01 -7.76
N THR A 265 11.88 18.63 -8.68
CA THR A 265 11.41 19.84 -9.36
C THR A 265 10.15 19.62 -10.18
N ARG A 266 10.21 18.69 -11.14
CA ARG A 266 9.06 18.43 -12.03
C ARG A 266 7.90 17.68 -11.37
N THR A 267 8.12 17.12 -10.17
CA THR A 267 7.08 16.40 -9.45
C THR A 267 6.18 17.37 -8.66
N ILE A 268 6.68 17.85 -7.52
CA ILE A 268 5.89 18.69 -6.61
C ILE A 268 6.33 20.15 -6.66
N ASN A 269 5.41 21.05 -6.31
CA ASN A 269 5.69 22.49 -6.31
C ASN A 269 5.83 23.05 -4.89
N LEU A 270 6.94 23.74 -4.65
CA LEU A 270 7.19 24.39 -3.37
C LEU A 270 7.69 25.83 -3.62
N PRO A 271 7.58 26.71 -2.61
CA PRO A 271 8.09 28.07 -2.78
C PRO A 271 9.58 28.11 -3.10
N THR A 272 10.37 27.34 -2.36
CA THR A 272 11.80 27.21 -2.60
C THR A 272 12.24 25.75 -2.39
N TYR A 273 13.22 25.31 -3.18
CA TYR A 273 13.67 23.92 -3.17
C TYR A 273 15.00 23.74 -2.44
N THR A 274 15.05 24.17 -1.18
CA THR A 274 16.21 23.88 -0.32
C THR A 274 16.11 22.45 0.19
N LEU A 275 17.25 21.89 0.59
CA LEU A 275 17.28 20.52 1.12
C LEU A 275 16.48 20.38 2.41
N GLU A 276 16.38 21.48 3.17
CA GLU A 276 15.64 21.49 4.43
C GLU A 276 14.14 21.50 4.19
N ALA A 277 13.69 22.29 3.21
CA ALA A 277 12.27 22.38 2.87
C ALA A 277 11.74 21.08 2.29
N VAL A 278 12.48 20.52 1.33
CA VAL A 278 12.10 19.26 0.67
C VAL A 278 11.97 18.12 1.69
N TYR A 279 12.89 18.07 2.64
CA TYR A 279 12.86 17.03 3.68
C TYR A 279 11.62 17.16 4.57
N GLU A 280 11.25 18.38 4.91
CA GLU A 280 10.10 18.65 5.78
C GLU A 280 8.79 18.35 5.06
N ALA A 281 8.70 18.76 3.79
CA ALA A 281 7.50 18.52 2.98
C ALA A 281 7.23 17.04 2.79
N ILE A 282 8.30 16.27 2.57
CA ILE A 282 8.16 14.83 2.36
C ILE A 282 7.92 14.07 3.67
N PHE A 283 8.85 14.20 4.61
CA PHE A 283 8.84 13.37 5.82
C PHE A 283 8.12 13.99 7.03
N GLY A 284 7.86 15.30 6.99
CA GLY A 284 7.14 15.97 8.07
C GLY A 284 8.05 16.60 9.11
N LYS A 285 8.93 15.79 9.70
CA LYS A 285 9.85 16.26 10.74
C LYS A 285 10.89 17.24 10.18
N PRO A 286 11.35 18.21 11.00
CA PRO A 286 12.17 19.31 10.51
C PRO A 286 13.66 19.00 10.40
N LYS A 287 14.39 19.89 9.72
CA LYS A 287 15.84 19.79 9.57
C LYS A 287 16.49 21.16 9.77
N GLU A 288 17.40 21.25 10.74
CA GLU A 288 18.07 22.51 11.07
C GLU A 288 19.03 22.93 9.96
N LYS A 289 19.19 24.24 9.79
CA LYS A 289 20.06 24.81 8.77
C LYS A 289 21.16 25.66 9.39
N VAL A 290 22.41 25.38 9.03
CA VAL A 290 23.56 26.18 9.41
C VAL A 290 24.02 26.97 8.19
N TYR A 291 24.24 28.27 8.36
CA TYR A 291 24.51 29.18 7.24
C TYR A 291 26.00 29.42 7.02
N ALA A 292 26.33 29.98 5.87
CA ALA A 292 27.72 30.17 5.42
C ALA A 292 28.55 31.01 6.41
N ASP A 293 27.93 32.07 6.94
CA ASP A 293 28.60 32.94 7.91
C ASP A 293 28.87 32.22 9.23
N GLU A 294 27.95 31.34 9.62
CA GLU A 294 28.10 30.53 10.82
C GLU A 294 29.22 29.49 10.65
N ILE A 295 29.36 28.97 9.43
CA ILE A 295 30.44 28.03 9.10
C ILE A 295 31.79 28.73 9.02
N ALA A 296 31.82 29.90 8.39
CA ALA A 296 33.05 30.68 8.22
C ALA A 296 33.64 31.13 9.56
N LYS A 297 32.78 31.50 10.50
CA LYS A 297 33.20 31.94 11.82
C LYS A 297 33.71 30.77 12.67
N ALA A 298 32.97 29.66 12.67
CA ALA A 298 33.30 28.49 13.49
C ALA A 298 34.52 27.72 12.98
N TRP A 299 34.76 27.77 11.68
CA TRP A 299 35.86 27.02 11.05
C TRP A 299 37.23 27.61 11.42
N GLU A 300 37.39 28.92 11.22
CA GLU A 300 38.66 29.59 11.50
C GLU A 300 38.97 29.70 12.99
N SER A 301 37.92 29.68 13.82
CA SER A 301 38.10 29.73 15.28
C SER A 301 38.69 28.43 15.82
N GLY A 302 38.14 27.30 15.38
CA GLY A 302 38.57 25.98 15.85
C GLY A 302 37.58 25.36 16.82
N GLU A 303 36.67 26.17 17.35
CA GLU A 303 35.62 25.71 18.25
C GLU A 303 34.25 25.90 17.62
N ASN A 304 33.23 25.33 18.25
CA ASN A 304 31.86 25.30 17.71
C ASN A 304 31.78 24.56 16.37
N LEU A 305 32.62 23.54 16.21
CA LEU A 305 32.65 22.71 15.01
C LEU A 305 31.72 21.51 15.14
N GLU A 306 31.19 21.27 16.34
CA GLU A 306 30.23 20.20 16.58
C GLU A 306 28.94 20.50 15.83
N ARG A 307 28.54 21.77 15.85
CA ARG A 307 27.31 22.23 15.21
C ARG A 307 27.37 22.09 13.68
N VAL A 308 28.54 22.33 13.11
CA VAL A 308 28.73 22.27 11.65
C VAL A 308 28.85 20.81 11.20
N ALA A 309 29.50 19.98 12.01
CA ALA A 309 29.63 18.55 11.73
C ALA A 309 28.28 17.83 11.83
N LYS A 310 27.39 18.34 12.68
CA LYS A 310 26.02 17.84 12.78
C LYS A 310 25.26 18.12 11.49
N TYR A 311 25.29 19.38 11.06
CA TYR A 311 24.61 19.81 9.84
C TYR A 311 25.11 19.07 8.60
N SER A 312 26.43 18.89 8.52
CA SER A 312 27.04 18.17 7.40
C SER A 312 26.64 16.69 7.39
N MET A 313 26.60 16.08 8.57
CA MET A 313 26.19 14.68 8.71
C MET A 313 24.73 14.49 8.31
N GLU A 314 23.88 15.44 8.70
CA GLU A 314 22.45 15.38 8.38
C GLU A 314 22.17 15.67 6.90
N ASP A 315 23.03 16.46 6.26
CA ASP A 315 22.94 16.67 4.81
C ASP A 315 23.08 15.35 4.05
N ALA A 316 24.06 14.55 4.47
CA ALA A 316 24.29 13.24 3.88
C ALA A 316 23.17 12.27 4.27
N LYS A 317 22.75 12.35 5.53
CA LYS A 317 21.72 11.45 6.06
C LYS A 317 20.35 11.73 5.46
N ALA A 318 20.06 13.00 5.19
CA ALA A 318 18.78 13.40 4.60
C ALA A 318 18.73 13.03 3.12
N THR A 319 19.82 13.32 2.41
CA THR A 319 19.93 13.01 0.98
C THR A 319 19.72 11.53 0.71
N TYR A 320 20.29 10.68 1.56
CA TYR A 320 20.11 9.23 1.45
C TYR A 320 18.63 8.85 1.66
N GLU A 321 18.02 9.42 2.70
CA GLU A 321 16.63 9.12 3.03
C GLU A 321 15.65 9.58 1.95
N LEU A 322 15.89 10.77 1.38
CA LEU A 322 15.11 11.24 0.23
C LEU A 322 15.39 10.36 -0.98
N GLY A 323 16.65 10.05 -1.22
CA GLY A 323 17.05 9.17 -2.32
C GLY A 323 16.39 7.81 -2.26
N LYS A 324 16.26 7.26 -1.05
CA LYS A 324 15.64 5.96 -0.85
C LYS A 324 14.14 5.98 -1.19
N GLU A 325 13.53 7.16 -1.13
CA GLU A 325 12.10 7.32 -1.36
C GLU A 325 11.74 7.61 -2.82
N PHE A 326 12.59 8.38 -3.51
CA PHE A 326 12.32 8.79 -4.89
C PHE A 326 12.96 7.88 -5.94
N LEU A 327 13.96 7.09 -5.53
CA LEU A 327 14.67 6.20 -6.47
C LEU A 327 13.84 5.02 -6.95
N PRO A 328 13.07 4.37 -6.06
CA PRO A 328 12.19 3.28 -6.50
C PRO A 328 11.11 3.73 -7.48
N MET A 329 10.61 4.94 -7.30
CA MET A 329 9.70 5.57 -8.25
C MET A 329 10.38 5.73 -9.60
N GLU A 330 11.62 6.20 -9.57
CA GLU A 330 12.34 6.57 -10.79
C GLU A 330 12.84 5.36 -11.59
N ILE A 331 13.12 4.26 -10.90
CA ILE A 331 13.54 3.03 -11.58
C ILE A 331 12.38 2.38 -12.34
N GLN A 332 11.16 2.54 -11.82
CA GLN A 332 9.97 2.04 -12.50
C GLN A 332 9.70 2.86 -13.75
N LEU A 333 9.91 4.18 -13.67
CA LEU A 333 9.84 5.05 -14.85
C LEU A 333 10.80 4.60 -15.94
N SER A 334 12.08 4.47 -15.56
CA SER A 334 13.12 4.03 -16.49
C SER A 334 12.83 2.63 -17.06
N ARG A 335 12.15 1.81 -16.26
CA ARG A 335 11.70 0.49 -16.69
C ARG A 335 10.43 0.58 -17.54
N LEU A 336 9.68 1.67 -17.38
CA LEU A 336 8.44 1.91 -18.12
C LEU A 336 8.72 2.61 -19.45
N ILE A 337 9.58 3.62 -19.42
CA ILE A 337 10.00 4.31 -20.65
C ILE A 337 11.02 3.46 -21.42
N GLY A 338 11.96 2.85 -20.70
CA GLY A 338 12.95 1.96 -21.30
C GLY A 338 14.25 2.64 -21.67
N GLN A 339 14.68 3.58 -20.82
CA GLN A 339 15.94 4.28 -20.97
C GLN A 339 16.64 4.28 -19.61
N PRO A 340 17.95 4.59 -19.58
CA PRO A 340 18.67 4.52 -18.29
C PRO A 340 18.26 5.59 -17.27
N LEU A 341 18.42 5.26 -15.99
CA LEU A 341 18.00 6.13 -14.89
C LEU A 341 18.72 7.47 -14.85
N TRP A 342 19.97 7.50 -15.35
CA TRP A 342 20.74 8.74 -15.41
C TRP A 342 20.03 9.77 -16.30
N ASP A 343 19.55 9.29 -17.44
CA ASP A 343 18.82 10.13 -18.37
C ASP A 343 17.40 10.42 -17.88
N VAL A 344 16.67 9.37 -17.53
CA VAL A 344 15.24 9.47 -17.16
C VAL A 344 14.99 10.47 -16.01
N SER A 345 15.86 10.46 -15.02
CA SER A 345 15.73 11.34 -13.85
C SER A 345 16.08 12.79 -14.13
N ARG A 346 16.72 13.05 -15.28
CA ARG A 346 17.05 14.40 -15.72
C ARG A 346 16.18 14.87 -16.89
N SER A 347 15.22 14.03 -17.27
CA SER A 347 14.31 14.35 -18.38
C SER A 347 13.02 14.98 -17.86
N SER A 348 12.49 15.94 -18.61
CA SER A 348 11.17 16.51 -18.33
C SER A 348 10.08 15.51 -18.70
N THR A 349 8.91 15.64 -18.09
CA THR A 349 7.80 14.70 -18.34
C THR A 349 7.37 14.67 -19.79
N GLY A 350 7.50 15.79 -20.49
CA GLY A 350 7.23 15.85 -21.92
C GLY A 350 8.20 15.01 -22.73
N ASN A 351 9.48 15.05 -22.36
CA ASN A 351 10.50 14.26 -23.04
C ASN A 351 10.47 12.77 -22.65
N LEU A 352 9.98 12.48 -21.45
CA LEU A 352 9.78 11.08 -21.03
C LEU A 352 8.68 10.40 -21.85
N VAL A 353 7.65 11.17 -22.22
CA VAL A 353 6.60 10.66 -23.11
C VAL A 353 7.17 10.41 -24.50
N GLU A 354 8.08 11.27 -24.94
CA GLU A 354 8.71 11.13 -26.26
C GLU A 354 9.49 9.82 -26.37
N TRP A 355 10.34 9.54 -25.38
CA TRP A 355 11.13 8.30 -25.37
C TRP A 355 10.25 7.06 -25.25
N PHE A 356 9.13 7.18 -24.54
CA PHE A 356 8.13 6.11 -24.45
C PHE A 356 7.57 5.80 -25.85
N LEU A 357 7.09 6.85 -26.54
CA LEU A 357 6.48 6.69 -27.85
C LEU A 357 7.45 6.23 -28.95
N LEU A 358 8.72 6.60 -28.82
CA LEU A 358 9.73 6.18 -29.80
C LEU A 358 9.99 4.67 -29.68
N ARG A 359 9.98 4.16 -28.46
CA ARG A 359 10.11 2.73 -28.22
C ARG A 359 8.89 1.95 -28.74
N LYS A 360 7.71 2.49 -28.45
CA LYS A 360 6.45 1.86 -28.88
C LYS A 360 6.31 1.90 -30.39
N ALA A 361 6.67 3.03 -31.00
CA ALA A 361 6.75 3.17 -32.45
C ALA A 361 7.51 2.00 -33.08
N TYR A 362 8.63 1.61 -32.47
CA TYR A 362 9.45 0.52 -32.98
C TYR A 362 8.79 -0.84 -32.81
N GLU A 363 8.04 -1.01 -31.71
CA GLU A 363 7.31 -2.25 -31.46
C GLU A 363 6.15 -2.42 -32.45
N ARG A 364 5.61 -1.30 -32.92
CA ARG A 364 4.49 -1.30 -33.87
C ARG A 364 4.91 -1.15 -35.33
N ASN A 365 6.21 -1.25 -35.60
CA ASN A 365 6.76 -1.12 -36.96
C ASN A 365 6.43 0.24 -37.59
N GLU A 366 6.28 1.26 -36.76
CA GLU A 366 5.76 2.56 -37.17
C GLU A 366 6.83 3.64 -37.17
N VAL A 367 6.87 4.44 -38.23
CA VAL A 367 7.87 5.50 -38.37
C VAL A 367 7.48 6.76 -37.60
N ALA A 368 8.40 7.26 -36.78
CA ALA A 368 8.15 8.45 -35.97
C ALA A 368 8.20 9.71 -36.83
N PRO A 369 7.39 10.72 -36.47
CA PRO A 369 7.57 12.03 -37.09
C PRO A 369 8.88 12.66 -36.65
N ASN A 370 9.41 13.56 -37.47
CA ASN A 370 10.64 14.27 -37.14
C ASN A 370 10.40 15.37 -36.12
N LYS A 371 11.47 15.83 -35.49
CA LYS A 371 11.42 17.03 -34.68
C LYS A 371 10.96 18.20 -35.54
N PRO A 372 10.38 19.24 -34.93
CA PRO A 372 10.01 20.41 -35.72
C PRO A 372 11.25 21.20 -36.11
N SER A 373 11.16 21.94 -37.23
CA SER A 373 12.22 22.87 -37.63
C SER A 373 12.25 24.04 -36.64
N GLU A 374 13.26 24.89 -36.75
CA GLU A 374 13.37 26.07 -35.88
C GLU A 374 12.22 27.04 -36.12
N GLU A 375 11.77 27.14 -37.37
CA GLU A 375 10.62 27.98 -37.72
C GLU A 375 9.32 27.38 -37.20
N GLU A 376 9.21 26.05 -37.28
CA GLU A 376 8.05 25.32 -36.76
C GLU A 376 8.04 25.33 -35.23
N TYR A 377 9.21 25.17 -34.63
CA TYR A 377 9.34 25.19 -33.16
C TYR A 377 8.90 26.53 -32.58
N GLN A 378 9.33 27.63 -33.21
CA GLN A 378 9.00 28.97 -32.74
C GLN A 378 7.53 29.32 -33.00
N ARG A 379 6.96 28.72 -34.04
CA ARG A 379 5.54 28.89 -34.37
C ARG A 379 4.64 28.29 -33.27
N ARG A 380 4.94 27.05 -32.89
CA ARG A 380 4.19 26.35 -31.84
C ARG A 380 4.29 27.06 -30.49
N LEU A 381 5.47 27.61 -30.20
CA LEU A 381 5.72 28.32 -28.94
C LEU A 381 4.99 29.66 -28.88
N ARG A 382 4.53 30.16 -30.03
CA ARG A 382 3.77 31.41 -30.09
C ARG A 382 2.28 31.19 -29.79
N GLU A 383 1.74 30.06 -30.24
CA GLU A 383 0.29 29.79 -30.10
C GLU A 383 -0.14 29.64 -28.64
N SER A 384 -1.41 29.97 -28.39
CA SER A 384 -2.00 29.89 -27.05
C SER A 384 -2.94 28.70 -26.94
N TYR A 385 -3.12 28.22 -25.71
CA TYR A 385 -3.96 27.04 -25.44
C TYR A 385 -5.05 27.39 -24.43
N THR A 386 -6.31 27.24 -24.84
CA THR A 386 -7.46 27.54 -23.99
C THR A 386 -7.61 26.48 -22.89
N GLY A 387 -7.70 26.93 -21.64
CA GLY A 387 -7.73 26.02 -20.49
C GLY A 387 -9.10 25.46 -20.17
N GLY A 388 -9.20 24.78 -19.02
CA GLY A 388 -10.43 24.16 -18.57
C GLY A 388 -11.44 25.18 -18.07
N PHE A 389 -12.70 24.75 -17.98
CA PHE A 389 -13.79 25.63 -17.57
C PHE A 389 -13.66 25.99 -16.09
N VAL A 390 -13.59 27.29 -15.81
CA VAL A 390 -13.65 27.80 -14.45
C VAL A 390 -14.87 28.69 -14.32
N LYS A 391 -15.61 28.52 -13.23
CA LYS A 391 -16.84 29.25 -12.97
C LYS A 391 -16.61 30.31 -11.91
N GLU A 392 -17.22 31.48 -12.07
CA GLU A 392 -17.24 32.48 -11.00
C GLU A 392 -18.15 31.95 -9.89
N PRO A 393 -17.58 31.74 -8.69
CA PRO A 393 -18.33 31.04 -7.65
C PRO A 393 -19.48 31.83 -7.05
N GLU A 394 -20.42 31.11 -6.43
CA GLU A 394 -21.51 31.72 -5.68
C GLU A 394 -20.94 32.19 -4.35
N LYS A 395 -21.15 33.46 -4.02
CA LYS A 395 -20.59 34.05 -2.81
C LYS A 395 -21.45 33.78 -1.58
N GLY A 396 -20.89 34.09 -0.41
CA GLY A 396 -21.57 33.84 0.87
C GLY A 396 -20.93 32.67 1.60
N LEU A 397 -21.34 32.48 2.85
CA LEU A 397 -20.87 31.38 3.67
C LEU A 397 -21.80 30.18 3.50
N TRP A 398 -21.26 29.06 3.02
CA TRP A 398 -22.06 27.87 2.71
C TRP A 398 -21.77 26.72 3.67
N ASP A 399 -22.77 25.84 3.85
CA ASP A 399 -22.68 24.71 4.76
C ASP A 399 -22.71 23.39 4.00
N ASP A 400 -22.18 22.33 4.63
CA ASP A 400 -22.31 20.96 4.15
C ASP A 400 -22.06 20.84 2.64
N ILE A 401 -20.80 21.01 2.25
CA ILE A 401 -20.43 21.08 0.84
C ILE A 401 -19.80 19.76 0.40
N VAL A 402 -20.29 19.23 -0.73
CA VAL A 402 -19.71 18.02 -1.32
C VAL A 402 -18.83 18.39 -2.51
N TYR A 403 -17.68 17.74 -2.62
CA TYR A 403 -16.81 17.88 -3.77
C TYR A 403 -16.90 16.62 -4.61
N LEU A 404 -17.17 16.78 -5.90
CA LEU A 404 -17.16 15.69 -6.86
C LEU A 404 -16.18 16.06 -7.97
N ASP A 405 -15.46 15.06 -8.50
CA ASP A 405 -14.57 15.30 -9.64
C ASP A 405 -14.46 14.08 -10.55
N PHE A 406 -13.85 14.29 -11.71
CA PHE A 406 -13.64 13.21 -12.68
C PHE A 406 -12.38 12.45 -12.32
N ILE A 407 -12.35 11.16 -12.66
CA ILE A 407 -11.15 10.34 -12.49
C ILE A 407 -10.40 10.31 -13.82
N ALA A 408 -9.13 10.70 -13.78
CA ALA A 408 -8.28 10.73 -14.98
C ALA A 408 -9.04 11.32 -16.17
N LEU A 409 -9.53 12.55 -16.01
CA LEU A 409 -10.40 13.18 -17.01
C LEU A 409 -9.80 13.19 -18.41
N TYR A 410 -8.69 13.90 -18.58
CA TYR A 410 -8.09 14.10 -19.91
C TYR A 410 -7.63 12.78 -20.55
N PRO A 411 -6.99 11.90 -19.76
CA PRO A 411 -6.71 10.56 -20.29
C PRO A 411 -7.98 9.79 -20.72
N SER A 412 -9.04 9.87 -19.93
CA SER A 412 -10.28 9.15 -20.26
C SER A 412 -10.90 9.69 -21.56
N ILE A 413 -10.81 11.00 -21.76
CA ILE A 413 -11.26 11.63 -23.00
C ILE A 413 -10.46 11.18 -24.22
N ILE A 414 -9.14 11.10 -24.06
CA ILE A 414 -8.25 10.70 -25.17
C ILE A 414 -8.55 9.28 -25.65
N ILE A 415 -8.94 8.41 -24.74
CA ILE A 415 -9.24 7.00 -25.07
C ILE A 415 -10.66 6.85 -25.64
N THR A 416 -11.62 7.54 -25.05
CA THR A 416 -13.02 7.37 -25.43
C THR A 416 -13.33 7.90 -26.83
N HIS A 417 -12.69 9.01 -27.20
CA HIS A 417 -12.91 9.64 -28.49
C HIS A 417 -11.72 9.51 -29.43
N ASN A 418 -10.82 8.58 -29.13
CA ASN A 418 -9.69 8.24 -29.99
C ASN A 418 -8.95 9.48 -30.53
N VAL A 419 -8.47 10.32 -29.60
CA VAL A 419 -7.88 11.62 -29.94
C VAL A 419 -6.38 11.54 -30.20
N SER A 420 -6.00 11.55 -31.48
CA SER A 420 -4.58 11.56 -31.87
C SER A 420 -4.37 12.05 -33.31
N PRO A 421 -3.16 12.55 -33.63
CA PRO A 421 -2.88 13.05 -34.97
C PRO A 421 -3.20 12.06 -36.10
N ASP A 422 -2.92 10.78 -35.85
CA ASP A 422 -3.17 9.72 -36.84
C ASP A 422 -4.66 9.41 -37.08
N THR A 423 -5.55 9.97 -36.25
CA THR A 423 -6.98 9.82 -36.46
C THR A 423 -7.70 11.16 -36.69
N LEU A 424 -6.93 12.24 -36.80
CA LEU A 424 -7.51 13.58 -36.98
C LEU A 424 -7.92 13.81 -38.43
N ASN A 425 -9.22 14.02 -38.66
CA ASN A 425 -9.75 14.31 -39.99
C ASN A 425 -9.25 13.32 -41.04
N LEU A 426 -9.51 12.03 -40.79
CA LEU A 426 -8.99 10.95 -41.62
C LEU A 426 -9.83 10.80 -42.89
N GLU A 427 -9.15 10.64 -44.02
CA GLU A 427 -9.82 10.56 -45.32
C GLU A 427 -10.37 9.15 -45.55
N GLY A 428 -11.66 9.07 -45.88
CA GLY A 428 -12.33 7.79 -46.06
C GLY A 428 -12.69 7.12 -44.75
N CYS A 429 -12.92 7.91 -43.71
CA CYS A 429 -13.26 7.39 -42.39
C CYS A 429 -14.76 7.15 -42.29
N LYS A 430 -15.15 5.99 -41.76
CA LYS A 430 -16.55 5.58 -41.69
C LYS A 430 -17.29 6.26 -40.53
N ASN A 431 -16.86 5.97 -39.31
CA ASN A 431 -17.48 6.51 -38.11
C ASN A 431 -16.49 7.36 -37.31
N TYR A 432 -16.91 8.55 -36.89
CA TYR A 432 -16.05 9.46 -36.14
C TYR A 432 -16.82 10.27 -35.10
N ASP A 433 -16.08 10.80 -34.13
CA ASP A 433 -16.62 11.70 -33.11
C ASP A 433 -16.13 13.12 -33.36
N ILE A 434 -17.01 14.10 -33.16
CA ILE A 434 -16.68 15.51 -33.37
C ILE A 434 -16.45 16.20 -32.02
N ALA A 435 -15.37 16.97 -31.93
CA ALA A 435 -15.06 17.71 -30.71
C ALA A 435 -15.95 18.95 -30.61
N PRO A 436 -16.47 19.24 -29.41
CA PRO A 436 -17.40 20.37 -29.25
C PRO A 436 -16.71 21.72 -29.39
N GLN A 437 -17.40 22.67 -30.05
CA GLN A 437 -16.92 24.05 -30.22
C GLN A 437 -15.74 24.21 -31.18
N VAL A 438 -14.87 23.21 -31.26
CA VAL A 438 -13.67 23.26 -32.12
C VAL A 438 -13.85 22.49 -33.42
N GLY A 439 -14.76 21.50 -33.42
CA GLY A 439 -15.20 20.85 -34.65
C GLY A 439 -14.27 19.82 -35.27
N HIS A 440 -13.18 19.47 -34.59
CA HIS A 440 -12.24 18.49 -35.12
C HIS A 440 -12.84 17.09 -35.04
N LYS A 441 -12.65 16.31 -36.10
CA LYS A 441 -13.26 14.99 -36.23
C LYS A 441 -12.21 13.91 -36.04
N PHE A 442 -12.47 12.98 -35.11
CA PHE A 442 -11.54 11.89 -34.82
C PHE A 442 -12.13 10.53 -35.17
N CYS A 443 -11.41 9.79 -36.00
CA CYS A 443 -11.87 8.50 -36.53
C CYS A 443 -11.87 7.44 -35.43
N LYS A 444 -12.92 6.64 -35.37
CA LYS A 444 -13.04 5.57 -34.37
C LYS A 444 -13.22 4.19 -34.99
N ASP A 445 -12.79 4.03 -36.24
CA ASP A 445 -12.76 2.72 -36.89
C ASP A 445 -11.70 1.85 -36.23
N ILE A 446 -10.48 2.39 -36.15
CA ILE A 446 -9.35 1.70 -35.54
C ILE A 446 -8.79 2.57 -34.40
N PRO A 447 -8.40 1.96 -33.28
CA PRO A 447 -7.79 2.75 -32.20
C PRO A 447 -6.43 3.29 -32.62
N GLY A 448 -6.21 4.59 -32.41
CA GLY A 448 -4.99 5.25 -32.85
C GLY A 448 -3.76 4.86 -32.04
N PHE A 449 -2.65 5.55 -32.29
CA PHE A 449 -1.37 5.18 -31.71
C PHE A 449 -1.33 5.52 -30.21
N ILE A 450 -1.51 6.80 -29.89
CA ILE A 450 -1.46 7.26 -28.50
C ILE A 450 -2.64 6.80 -27.62
N PRO A 451 -3.88 6.86 -28.16
CA PRO A 451 -5.05 6.37 -27.41
C PRO A 451 -4.98 4.89 -27.02
N SER A 452 -4.37 4.07 -27.85
CA SER A 452 -4.20 2.64 -27.59
C SER A 452 -3.15 2.36 -26.52
N LEU A 453 -2.03 3.09 -26.58
CA LEU A 453 -0.97 2.98 -25.59
C LEU A 453 -1.48 3.39 -24.21
N LEU A 454 -2.15 4.54 -24.16
CA LEU A 454 -2.67 5.09 -22.92
C LEU A 454 -3.72 4.15 -22.31
N GLY A 455 -4.58 3.61 -23.18
CA GLY A 455 -5.60 2.64 -22.75
C GLY A 455 -5.01 1.38 -22.14
N HIS A 456 -3.88 0.93 -22.67
CA HIS A 456 -3.16 -0.20 -22.09
C HIS A 456 -2.50 0.17 -20.75
N LEU A 457 -1.96 1.38 -20.67
CA LEU A 457 -1.34 1.87 -19.43
C LEU A 457 -2.34 1.91 -18.27
N LEU A 458 -3.54 2.39 -18.54
CA LEU A 458 -4.58 2.48 -17.50
C LEU A 458 -5.16 1.11 -17.15
N GLU A 459 -5.14 0.18 -18.11
CA GLU A 459 -5.53 -1.20 -17.84
C GLU A 459 -4.57 -1.83 -16.85
N GLU A 460 -3.27 -1.72 -17.14
CA GLU A 460 -2.23 -2.30 -16.30
C GLU A 460 -2.23 -1.69 -14.89
N ARG A 461 -2.58 -0.41 -14.78
CA ARG A 461 -2.68 0.26 -13.48
C ARG A 461 -3.78 -0.35 -12.62
N GLN A 462 -4.93 -0.64 -13.24
CA GLN A 462 -6.07 -1.25 -12.53
C GLN A 462 -5.76 -2.65 -12.02
N LYS A 463 -5.00 -3.42 -12.80
CA LYS A 463 -4.54 -4.75 -12.40
C LYS A 463 -3.64 -4.67 -11.16
N ILE A 464 -2.71 -3.73 -11.19
CA ILE A 464 -1.81 -3.50 -10.06
C ILE A 464 -2.59 -3.05 -8.82
N LYS A 465 -3.52 -2.13 -9.01
CA LYS A 465 -4.36 -1.61 -7.93
C LYS A 465 -5.23 -2.72 -7.32
N THR A 466 -5.79 -3.57 -8.17
CA THR A 466 -6.61 -4.70 -7.71
C THR A 466 -5.76 -5.71 -6.95
N LYS A 467 -4.58 -6.02 -7.48
CA LYS A 467 -3.67 -6.97 -6.84
C LYS A 467 -3.16 -6.45 -5.49
N MET A 468 -3.11 -5.12 -5.32
CA MET A 468 -2.69 -4.51 -4.07
C MET A 468 -3.68 -4.74 -2.91
N LYS A 469 -4.96 -4.90 -3.21
CA LYS A 469 -5.96 -5.28 -2.20
C LYS A 469 -5.68 -6.71 -1.69
N GLU A 470 -5.19 -7.54 -2.61
CA GLU A 470 -5.01 -8.98 -2.37
C GLU A 470 -3.69 -9.31 -1.67
N THR A 471 -2.62 -8.61 -2.05
CA THR A 471 -1.28 -8.93 -1.58
C THR A 471 -1.10 -8.67 -0.08
N GLN A 472 -0.36 -9.57 0.57
CA GLN A 472 0.01 -9.41 1.98
C GLN A 472 1.53 -9.24 2.18
N ASP A 473 2.30 -9.51 1.13
CA ASP A 473 3.74 -9.28 1.14
C ASP A 473 4.01 -7.77 1.13
N PRO A 474 4.67 -7.24 2.19
CA PRO A 474 4.93 -5.81 2.27
C PRO A 474 5.91 -5.29 1.21
N ILE A 475 6.83 -6.15 0.79
CA ILE A 475 7.81 -5.78 -0.24
C ILE A 475 7.12 -5.70 -1.61
N GLU A 476 6.21 -6.65 -1.87
CA GLU A 476 5.42 -6.65 -3.10
C GLU A 476 4.48 -5.45 -3.13
N LYS A 477 3.78 -5.22 -2.02
CA LYS A 477 2.81 -4.14 -1.93
C LYS A 477 3.43 -2.77 -2.20
N ILE A 478 4.63 -2.55 -1.67
CA ILE A 478 5.34 -1.29 -1.88
C ILE A 478 5.89 -1.22 -3.31
N LEU A 479 6.26 -2.37 -3.88
CA LEU A 479 6.73 -2.44 -5.27
C LEU A 479 5.59 -2.06 -6.21
N LEU A 480 4.41 -2.65 -5.99
CA LEU A 480 3.22 -2.36 -6.78
C LEU A 480 2.82 -0.88 -6.71
N ASP A 481 2.96 -0.27 -5.54
CA ASP A 481 2.56 1.12 -5.33
C ASP A 481 3.39 2.08 -6.19
N TYR A 482 4.68 1.80 -6.33
CA TYR A 482 5.56 2.61 -7.19
C TYR A 482 5.25 2.40 -8.67
N ARG A 483 5.09 1.13 -9.07
CA ARG A 483 4.66 0.80 -10.44
C ARG A 483 3.39 1.57 -10.83
N GLN A 484 2.48 1.69 -9.87
CA GLN A 484 1.20 2.38 -10.04
C GLN A 484 1.38 3.91 -10.08
N LYS A 485 2.29 4.43 -9.27
CA LYS A 485 2.64 5.86 -9.31
C LYS A 485 3.30 6.22 -10.64
N ALA A 486 4.19 5.35 -11.12
CA ALA A 486 4.95 5.61 -12.34
C ALA A 486 4.05 5.68 -13.57
N ILE A 487 3.16 4.69 -13.70
CA ILE A 487 2.17 4.66 -14.79
C ILE A 487 1.24 5.89 -14.75
N LYS A 488 0.82 6.30 -13.55
CA LYS A 488 -0.07 7.45 -13.38
C LYS A 488 0.57 8.75 -13.86
N LEU A 489 1.78 9.02 -13.39
CA LEU A 489 2.56 10.18 -13.82
C LEU A 489 2.73 10.21 -15.34
N LEU A 490 3.13 9.08 -15.91
CA LEU A 490 3.35 8.96 -17.35
C LEU A 490 2.05 9.18 -18.14
N ALA A 491 0.93 8.71 -17.57
CA ALA A 491 -0.38 8.82 -18.21
C ALA A 491 -0.92 10.26 -18.22
N ASN A 492 -0.70 10.98 -17.12
CA ASN A 492 -1.13 12.38 -17.03
C ASN A 492 -0.27 13.34 -17.83
N SER A 493 0.89 12.86 -18.31
CA SER A 493 1.80 13.67 -19.11
C SER A 493 1.37 13.80 -20.57
N PHE A 494 0.50 12.92 -21.04
CA PHE A 494 0.13 12.86 -22.46
C PHE A 494 -0.60 14.10 -22.95
N TYR A 495 -1.50 14.64 -22.15
CA TYR A 495 -2.21 15.88 -22.48
C TYR A 495 -1.25 17.02 -22.76
N GLY A 496 -0.36 17.28 -21.79
CA GLY A 496 0.65 18.32 -21.92
C GLY A 496 1.58 18.11 -23.11
N TYR A 497 1.88 16.85 -23.40
CA TYR A 497 2.77 16.49 -24.50
C TYR A 497 2.23 16.86 -25.88
N TYR A 498 0.90 16.81 -26.05
CA TYR A 498 0.27 17.20 -27.32
C TYR A 498 0.53 18.67 -27.64
N GLY A 499 0.57 19.51 -26.61
CA GLY A 499 0.86 20.95 -26.79
C GLY A 499 2.30 21.32 -26.54
N TYR A 500 3.19 20.32 -26.61
CA TYR A 500 4.61 20.51 -26.32
C TYR A 500 5.37 20.83 -27.61
N ALA A 501 5.82 22.07 -27.72
CA ALA A 501 6.50 22.58 -28.93
C ALA A 501 7.48 21.61 -29.57
N LYS A 502 8.37 21.04 -28.77
CA LYS A 502 9.42 20.15 -29.27
C LYS A 502 8.94 18.75 -29.67
N ALA A 503 7.70 18.40 -29.34
CA ALA A 503 7.19 17.04 -29.54
C ALA A 503 7.10 16.64 -31.02
N ARG A 504 7.44 15.39 -31.31
CA ARG A 504 7.30 14.83 -32.65
C ARG A 504 5.82 14.60 -32.99
N TRP A 505 5.08 14.03 -32.04
CA TRP A 505 3.65 13.80 -32.19
C TRP A 505 2.83 14.98 -31.64
N TYR A 506 3.22 16.19 -32.03
CA TYR A 506 2.51 17.40 -31.66
C TYR A 506 1.15 17.46 -32.36
N CYS A 507 0.15 17.99 -31.66
CA CYS A 507 -1.21 18.08 -32.19
C CYS A 507 -2.04 19.05 -31.36
N LYS A 508 -2.00 20.33 -31.73
CA LYS A 508 -2.80 21.37 -31.06
C LYS A 508 -4.27 21.03 -31.13
N GLU A 509 -4.71 20.47 -32.26
CA GLU A 509 -6.11 20.10 -32.46
C GLU A 509 -6.54 19.04 -31.44
N CYS A 510 -5.68 18.05 -31.21
CA CYS A 510 -5.93 17.02 -30.19
C CYS A 510 -6.07 17.67 -28.81
N ALA A 511 -5.16 18.60 -28.49
CA ALA A 511 -5.18 19.28 -27.19
C ALA A 511 -6.38 20.22 -27.04
N GLU A 512 -6.74 20.91 -28.12
CA GLU A 512 -7.96 21.74 -28.16
C GLU A 512 -9.19 20.89 -27.83
N SER A 513 -9.28 19.72 -28.46
CA SER A 513 -10.43 18.84 -28.33
C SER A 513 -10.56 18.23 -26.94
N VAL A 514 -9.44 17.76 -26.39
CA VAL A 514 -9.42 17.20 -25.04
C VAL A 514 -9.95 18.22 -24.02
N THR A 515 -9.48 19.46 -24.12
CA THR A 515 -9.97 20.56 -23.29
C THR A 515 -11.45 20.86 -23.56
N ALA A 516 -11.82 20.87 -24.84
CA ALA A 516 -13.19 21.15 -25.27
C ALA A 516 -14.18 20.10 -24.75
N TRP A 517 -13.80 18.82 -24.84
CA TRP A 517 -14.63 17.73 -24.32
C TRP A 517 -14.74 17.78 -22.79
N GLY A 518 -13.63 18.12 -22.13
CA GLY A 518 -13.62 18.29 -20.68
C GLY A 518 -14.62 19.34 -20.22
N ARG A 519 -14.73 20.43 -20.98
CA ARG A 519 -15.68 21.50 -20.68
C ARG A 519 -17.13 21.05 -20.89
N LYS A 520 -17.35 20.17 -21.85
CA LYS A 520 -18.69 19.66 -22.14
C LYS A 520 -19.23 18.80 -21.00
N TYR A 521 -18.42 17.84 -20.55
CA TYR A 521 -18.84 16.89 -19.52
C TYR A 521 -18.93 17.52 -18.13
N ILE A 522 -18.07 18.50 -17.84
CA ILE A 522 -18.18 19.23 -16.58
C ILE A 522 -19.49 20.02 -16.52
N GLU A 523 -19.86 20.63 -17.64
CA GLU A 523 -21.12 21.38 -17.74
C GLU A 523 -22.33 20.44 -17.76
N LEU A 524 -22.17 19.23 -18.28
CA LEU A 524 -23.22 18.21 -18.23
C LEU A 524 -23.53 17.85 -16.79
N VAL A 525 -22.48 17.56 -16.01
CA VAL A 525 -22.63 17.26 -14.58
C VAL A 525 -23.26 18.44 -13.84
N TRP A 526 -22.81 19.65 -14.17
CA TRP A 526 -23.35 20.89 -13.59
C TRP A 526 -24.86 21.00 -13.82
N LYS A 527 -25.31 20.74 -15.04
CA LYS A 527 -26.72 20.83 -15.38
C LYS A 527 -27.54 19.72 -14.74
N GLU A 528 -27.03 18.49 -14.81
CA GLU A 528 -27.74 17.32 -14.29
C GLU A 528 -27.86 17.33 -12.76
N LEU A 529 -26.87 17.93 -12.09
CA LEU A 529 -26.85 17.98 -10.63
C LEU A 529 -27.81 19.04 -10.08
N GLU A 530 -28.01 20.13 -10.82
CA GLU A 530 -28.86 21.24 -10.38
C GLU A 530 -30.34 21.06 -10.75
N GLU A 531 -30.62 20.36 -11.85
CA GLU A 531 -32.00 20.19 -12.34
C GLU A 531 -32.65 18.93 -11.77
N LYS A 532 -32.09 17.76 -12.10
CA LYS A 532 -32.67 16.49 -11.71
C LYS A 532 -32.48 16.16 -10.22
N PHE A 533 -31.37 16.62 -9.64
CA PHE A 533 -31.09 16.37 -8.22
C PHE A 533 -31.31 17.58 -7.31
N GLY A 534 -31.52 18.76 -7.88
CA GLY A 534 -31.87 19.95 -7.10
C GLY A 534 -30.76 20.60 -6.29
N PHE A 535 -29.51 20.20 -6.52
CA PHE A 535 -28.37 20.79 -5.83
C PHE A 535 -28.10 22.21 -6.32
N LYS A 536 -27.26 22.95 -5.59
CA LYS A 536 -26.79 24.26 -6.04
C LYS A 536 -25.26 24.23 -6.12
N VAL A 537 -24.74 24.22 -7.35
CA VAL A 537 -23.30 24.20 -7.57
C VAL A 537 -22.65 25.51 -7.16
N LEU A 538 -21.67 25.42 -6.26
CA LEU A 538 -21.04 26.59 -5.67
C LEU A 538 -19.80 27.06 -6.44
N TYR A 539 -19.03 26.11 -6.97
CA TYR A 539 -17.77 26.44 -7.66
C TYR A 539 -17.34 25.27 -8.54
N ILE A 540 -16.81 25.59 -9.72
CA ILE A 540 -16.33 24.58 -10.68
C ILE A 540 -14.97 24.97 -11.24
N ASP A 541 -14.04 24.02 -11.26
CA ASP A 541 -12.71 24.24 -11.82
C ASP A 541 -12.17 23.00 -12.54
N THR A 542 -12.20 23.06 -13.87
CA THR A 542 -11.50 22.09 -14.74
C THR A 542 -12.13 20.69 -14.74
N ASP A 543 -11.98 19.97 -13.64
CA ASP A 543 -12.45 18.58 -13.56
C ASP A 543 -13.23 18.27 -12.29
N GLY A 544 -13.58 19.29 -11.51
CA GLY A 544 -14.28 19.08 -10.25
C GLY A 544 -15.26 20.18 -9.90
N LEU A 545 -16.22 19.86 -9.02
CA LEU A 545 -17.27 20.79 -8.61
C LEU A 545 -17.52 20.73 -7.10
N HIS A 546 -17.76 21.90 -6.50
CA HIS A 546 -18.27 21.99 -5.14
C HIS A 546 -19.77 22.30 -5.21
N ALA A 547 -20.56 21.60 -4.39
CA ALA A 547 -22.02 21.77 -4.42
C ALA A 547 -22.69 21.36 -3.12
N THR A 548 -23.98 21.69 -3.00
CA THR A 548 -24.78 21.34 -1.82
C THR A 548 -26.28 21.51 -2.06
N ILE A 549 -27.08 21.15 -1.05
CA ILE A 549 -28.50 21.45 -1.00
C ILE A 549 -28.70 22.51 0.09
N PRO A 550 -28.77 23.80 -0.29
CA PRO A 550 -28.84 24.91 0.66
C PRO A 550 -29.80 24.67 1.84
N GLY A 551 -29.25 24.60 3.05
CA GLY A 551 -30.03 24.37 4.26
C GLY A 551 -30.46 22.92 4.47
N GLY A 552 -30.10 22.04 3.54
CA GLY A 552 -30.46 20.63 3.62
C GLY A 552 -29.64 19.93 4.68
N GLU A 553 -30.11 18.78 5.12
CA GLU A 553 -29.46 18.07 6.20
C GLU A 553 -28.16 17.41 5.73
N SER A 554 -27.18 17.37 6.64
CA SER A 554 -25.84 16.88 6.32
C SER A 554 -25.83 15.46 5.76
N GLU A 555 -26.58 14.57 6.41
CA GLU A 555 -26.58 13.15 6.06
C GLU A 555 -27.31 12.89 4.73
N GLU A 556 -28.30 13.71 4.43
CA GLU A 556 -29.07 13.58 3.19
C GLU A 556 -28.25 14.02 1.97
N ILE A 557 -27.47 15.09 2.13
CA ILE A 557 -26.65 15.61 1.04
C ILE A 557 -25.61 14.58 0.58
N LYS A 558 -24.96 13.93 1.53
CA LYS A 558 -24.01 12.86 1.23
C LYS A 558 -24.70 11.74 0.45
N LYS A 559 -25.84 11.29 0.97
CA LYS A 559 -26.64 10.22 0.36
C LYS A 559 -27.04 10.56 -1.09
N LYS A 560 -27.56 11.76 -1.29
CA LYS A 560 -27.99 12.19 -2.63
C LYS A 560 -26.83 12.45 -3.58
N ALA A 561 -25.63 12.70 -3.03
CA ALA A 561 -24.43 12.86 -3.83
C ALA A 561 -23.93 11.50 -4.30
N LEU A 562 -23.87 10.54 -3.37
CA LEU A 562 -23.50 9.16 -3.69
C LEU A 562 -24.45 8.53 -4.72
N GLU A 563 -25.71 8.96 -4.71
CA GLU A 563 -26.68 8.53 -5.72
C GLU A 563 -26.45 9.20 -7.07
N PHE A 564 -26.05 10.47 -7.05
CA PHE A 564 -25.79 11.22 -8.29
C PHE A 564 -24.64 10.64 -9.12
N VAL A 565 -23.56 10.21 -8.46
CA VAL A 565 -22.41 9.66 -9.18
C VAL A 565 -22.77 8.38 -9.91
N LYS A 566 -23.57 7.52 -9.26
CA LYS A 566 -24.12 6.33 -9.92
C LYS A 566 -24.96 6.69 -11.14
N TYR A 567 -25.80 7.72 -10.98
CA TYR A 567 -26.67 8.17 -12.06
C TYR A 567 -25.86 8.75 -13.23
N ILE A 568 -25.05 9.76 -12.95
CA ILE A 568 -24.30 10.47 -13.99
C ILE A 568 -23.35 9.55 -14.78
N ASN A 569 -22.84 8.51 -14.14
CA ASN A 569 -21.96 7.54 -14.81
C ASN A 569 -22.68 6.67 -15.84
N SER A 570 -24.00 6.53 -15.69
CA SER A 570 -24.82 5.84 -16.69
C SER A 570 -24.93 6.67 -17.96
N LYS A 571 -24.83 7.99 -17.82
CA LYS A 571 -24.92 8.92 -18.94
C LYS A 571 -23.58 9.21 -19.63
N LEU A 572 -22.48 9.15 -18.85
CA LEU A 572 -21.15 9.45 -19.39
C LEU A 572 -20.64 8.31 -20.29
N PRO A 573 -19.99 8.66 -21.42
CA PRO A 573 -19.50 7.67 -22.38
C PRO A 573 -18.15 7.06 -22.02
N GLY A 574 -17.92 5.82 -22.48
CA GLY A 574 -16.64 5.15 -22.33
C GLY A 574 -16.03 5.21 -20.94
N LEU A 575 -14.76 5.61 -20.89
CA LEU A 575 -14.00 5.73 -19.64
C LEU A 575 -14.32 6.96 -18.78
N LEU A 576 -15.13 7.90 -19.30
CA LEU A 576 -15.53 9.07 -18.49
C LEU A 576 -16.25 8.58 -17.23
N GLU A 577 -15.89 9.17 -16.09
CA GLU A 577 -16.41 8.72 -14.80
C GLU A 577 -16.22 9.76 -13.70
N LEU A 578 -17.25 9.97 -12.89
CA LEU A 578 -17.21 10.89 -11.76
C LEU A 578 -17.11 10.10 -10.45
N GLU A 579 -16.57 10.74 -9.42
CA GLU A 579 -16.42 10.12 -8.10
C GLU A 579 -16.77 11.08 -6.96
N TYR A 580 -17.19 10.52 -5.84
CA TYR A 580 -17.37 11.25 -4.60
C TYR A 580 -16.01 11.35 -3.91
N GLU A 581 -15.50 12.57 -3.78
CA GLU A 581 -14.12 12.77 -3.33
C GLU A 581 -14.01 13.22 -1.86
N GLY A 582 -14.94 14.06 -1.41
CA GLY A 582 -14.92 14.51 -0.02
C GLY A 582 -16.09 15.39 0.40
N PHE A 583 -16.10 15.73 1.68
CA PHE A 583 -17.18 16.50 2.29
C PHE A 583 -16.61 17.57 3.21
N TYR A 584 -17.25 18.75 3.23
CA TYR A 584 -16.80 19.86 4.04
C TYR A 584 -17.96 20.47 4.83
N LYS A 585 -17.73 20.76 6.12
CA LYS A 585 -18.79 21.29 7.00
C LYS A 585 -19.16 22.72 6.66
N ARG A 586 -18.14 23.56 6.43
CA ARG A 586 -18.35 24.93 5.99
C ARG A 586 -17.34 25.30 4.91
N GLY A 587 -17.61 26.40 4.21
CA GLY A 587 -16.74 26.90 3.16
C GLY A 587 -17.29 28.14 2.48
N PHE A 588 -16.38 28.99 1.99
CA PHE A 588 -16.75 30.17 1.21
C PHE A 588 -15.82 30.32 0.01
N PHE A 589 -16.27 31.09 -0.97
CA PHE A 589 -15.52 31.26 -2.22
C PHE A 589 -15.47 32.74 -2.61
N VAL A 590 -14.25 33.31 -2.58
CA VAL A 590 -14.06 34.73 -2.88
C VAL A 590 -14.15 34.97 -4.40
N THR A 591 -13.28 34.31 -5.15
CA THR A 591 -13.27 34.38 -6.61
C THR A 591 -12.63 33.10 -7.18
N LYS A 592 -12.41 33.07 -8.50
CA LYS A 592 -11.70 31.96 -9.14
C LYS A 592 -10.35 31.71 -8.47
N LYS A 593 -10.05 30.43 -8.20
CA LYS A 593 -8.79 30.02 -7.56
C LYS A 593 -8.55 30.63 -6.16
N ARG A 594 -9.59 31.20 -5.55
CA ARG A 594 -9.47 31.83 -4.24
C ARG A 594 -10.63 31.40 -3.35
N TYR A 595 -10.37 30.48 -2.44
CA TYR A 595 -11.39 29.98 -1.51
C TYR A 595 -10.80 29.29 -0.29
N ALA A 596 -11.65 28.96 0.67
CA ALA A 596 -11.26 28.25 1.89
C ALA A 596 -12.37 27.32 2.33
N VAL A 597 -12.03 26.06 2.59
CA VAL A 597 -12.98 25.07 3.08
C VAL A 597 -12.46 24.41 4.36
N ILE A 598 -13.32 23.67 5.04
CA ILE A 598 -12.97 23.00 6.28
C ILE A 598 -13.70 21.66 6.38
N ASP A 599 -12.93 20.58 6.61
CA ASP A 599 -13.52 19.24 6.69
C ASP A 599 -14.16 19.02 8.07
N GLU A 600 -14.68 17.81 8.28
CA GLU A 600 -15.36 17.48 9.53
C GLU A 600 -14.41 17.33 10.73
N GLU A 601 -13.13 17.11 10.46
CA GLU A 601 -12.12 17.02 11.52
C GLU A 601 -11.59 18.39 11.96
N GLY A 602 -12.03 19.45 11.28
CA GLY A 602 -11.61 20.82 11.63
C GLY A 602 -10.40 21.31 10.85
N LYS A 603 -9.81 20.43 10.03
CA LYS A 603 -8.66 20.77 9.20
C LYS A 603 -9.10 21.74 8.10
N VAL A 604 -8.42 22.89 8.02
CA VAL A 604 -8.82 23.95 7.09
C VAL A 604 -7.91 24.01 5.86
N ILE A 605 -8.45 23.56 4.73
CA ILE A 605 -7.75 23.64 3.44
C ILE A 605 -8.03 25.01 2.80
N THR A 606 -7.05 25.54 2.08
CA THR A 606 -7.19 26.83 1.40
C THR A 606 -6.54 26.83 0.02
N ARG A 607 -6.87 27.84 -0.77
CA ARG A 607 -6.27 28.05 -2.08
C ARG A 607 -6.46 29.51 -2.46
N GLY A 608 -5.39 30.16 -2.92
CA GLY A 608 -5.44 31.57 -3.32
C GLY A 608 -5.37 32.56 -2.18
N LEU A 609 -5.77 32.13 -0.98
CA LEU A 609 -5.73 32.97 0.21
C LEU A 609 -4.45 32.67 1.00
N GLU A 610 -3.38 33.38 0.65
CA GLU A 610 -2.05 33.15 1.25
C GLU A 610 -1.32 34.47 1.50
N ILE A 611 -0.15 34.37 2.13
CA ILE A 611 0.69 35.53 2.43
C ILE A 611 1.66 35.79 1.29
N ILE A 619 2.42 38.43 12.93
CA ILE A 619 1.14 38.99 13.38
C ILE A 619 0.12 39.00 12.25
N ALA A 620 0.56 39.31 11.03
CA ALA A 620 -0.33 39.37 9.86
C ALA A 620 -0.77 37.97 9.45
N LYS A 621 0.16 37.01 9.50
CA LYS A 621 -0.14 35.61 9.21
C LYS A 621 -0.97 34.97 10.33
N GLU A 622 -0.79 35.44 11.56
CA GLU A 622 -1.55 34.93 12.70
C GLU A 622 -3.00 35.41 12.67
N THR A 623 -3.20 36.69 12.31
CA THR A 623 -4.54 37.27 12.28
C THR A 623 -5.41 36.69 11.17
N GLN A 624 -4.86 36.58 9.96
CA GLN A 624 -5.59 36.02 8.82
C GLN A 624 -5.89 34.52 9.00
N ALA A 625 -5.08 33.85 9.82
CA ALA A 625 -5.35 32.48 10.23
C ALA A 625 -6.46 32.43 11.29
N ARG A 626 -6.45 33.41 12.19
CA ARG A 626 -7.47 33.54 13.22
C ARG A 626 -8.82 33.97 12.63
N VAL A 627 -8.77 34.74 11.54
CA VAL A 627 -9.99 35.14 10.82
C VAL A 627 -10.65 33.94 10.14
N LEU A 628 -9.84 33.09 9.53
CA LEU A 628 -10.34 31.87 8.87
C LEU A 628 -11.03 30.92 9.87
N GLU A 629 -10.45 30.80 11.07
CA GLU A 629 -10.98 29.89 12.09
C GLU A 629 -12.36 30.33 12.56
N THR A 630 -12.50 31.60 12.92
CA THR A 630 -13.77 32.14 13.40
C THR A 630 -14.88 32.08 12.34
N ILE A 631 -14.50 32.11 11.07
CA ILE A 631 -15.45 31.97 9.96
C ILE A 631 -15.80 30.51 9.70
N LEU A 632 -14.79 29.66 9.61
CA LEU A 632 -14.98 28.26 9.23
C LEU A 632 -15.50 27.37 10.36
N LYS A 633 -14.98 27.53 11.57
CA LYS A 633 -15.40 26.70 12.71
C LYS A 633 -16.76 27.11 13.27
N HIS A 634 -16.99 28.42 13.39
CA HIS A 634 -18.18 28.94 14.07
C HIS A 634 -19.22 29.57 13.14
N GLY A 635 -18.83 29.90 11.92
CA GLY A 635 -19.75 30.50 10.95
C GLY A 635 -20.16 31.92 11.31
N ASP A 636 -19.21 32.70 11.81
CA ASP A 636 -19.49 34.05 12.30
C ASP A 636 -18.54 35.06 11.63
N VAL A 637 -19.05 35.72 10.59
CA VAL A 637 -18.28 36.73 9.84
C VAL A 637 -18.14 38.03 10.62
N GLU A 638 -19.15 38.35 11.43
CA GLU A 638 -19.13 39.57 12.24
C GLU A 638 -18.06 39.47 13.33
N GLU A 639 -17.93 38.28 13.92
CA GLU A 639 -16.89 38.03 14.92
C GLU A 639 -15.48 38.18 14.33
N ALA A 640 -15.34 37.81 13.06
CA ALA A 640 -14.05 37.95 12.37
C ALA A 640 -13.65 39.42 12.16
N VAL A 641 -14.64 40.28 11.99
CA VAL A 641 -14.40 41.71 11.81
C VAL A 641 -13.92 42.36 13.11
N ARG A 642 -14.45 41.90 14.24
CA ARG A 642 -14.02 42.38 15.56
C ARG A 642 -12.54 42.08 15.81
N ILE A 643 -12.11 40.90 15.35
CA ILE A 643 -10.71 40.48 15.51
C ILE A 643 -9.76 41.42 14.77
N VAL A 644 -10.16 41.82 13.56
CA VAL A 644 -9.36 42.75 12.76
C VAL A 644 -9.30 44.13 13.42
N LYS A 645 -10.41 44.54 14.04
CA LYS A 645 -10.47 45.81 14.77
C LYS A 645 -9.65 45.79 16.06
N GLU A 646 -9.57 44.63 16.71
CA GLU A 646 -8.76 44.48 17.92
C GLU A 646 -7.26 44.52 17.61
N VAL A 647 -6.87 43.85 16.52
CA VAL A 647 -5.46 43.76 16.13
C VAL A 647 -4.88 45.12 15.74
N ILE A 648 -5.63 45.88 14.95
CA ILE A 648 -5.18 47.22 14.51
C ILE A 648 -5.10 48.22 15.66
N GLN A 649 -5.92 48.01 16.68
CA GLN A 649 -5.90 48.85 17.89
C GLN A 649 -4.64 48.59 18.71
N LYS A 650 -4.20 47.34 18.75
CA LYS A 650 -2.97 46.96 19.45
C LYS A 650 -1.70 47.49 18.76
N LEU A 651 -1.77 47.67 17.44
CA LEU A 651 -0.65 48.22 16.68
C LEU A 651 -0.42 49.70 17.01
N ALA A 652 -1.51 50.45 17.17
CA ALA A 652 -1.44 51.87 17.51
C ALA A 652 -0.95 52.08 18.94
N ASN A 653 -1.51 51.31 19.88
CA ASN A 653 -1.12 51.38 21.29
C ASN A 653 0.11 50.55 21.64
N TYR A 654 0.57 49.73 20.69
CA TYR A 654 1.75 48.86 20.88
C TYR A 654 1.57 47.89 22.05
N GLU A 655 0.36 47.36 22.20
CA GLU A 655 0.05 46.38 23.24
C GLU A 655 0.63 45.00 22.90
N ILE A 656 0.81 44.74 21.60
CA ILE A 656 1.45 43.51 21.15
C ILE A 656 2.94 43.47 21.54
N PRO A 657 3.48 42.29 21.86
CA PRO A 657 4.91 42.21 22.18
C PRO A 657 5.82 42.36 20.95
N PRO A 658 7.13 42.57 21.17
CA PRO A 658 8.09 42.62 20.05
C PRO A 658 8.28 41.26 19.36
N GLU A 659 9.19 41.21 18.40
CA GLU A 659 9.54 39.99 17.65
C GLU A 659 8.44 39.51 16.69
N LYS A 660 7.17 39.61 17.10
CA LYS A 660 6.04 39.25 16.24
C LYS A 660 5.92 40.19 15.03
N LEU A 661 6.41 41.42 15.18
CA LEU A 661 6.39 42.42 14.11
C LEU A 661 7.63 42.33 13.19
N ALA A 662 8.63 41.57 13.59
CA ALA A 662 9.87 41.44 12.82
C ALA A 662 9.70 40.55 11.59
N ILE A 663 10.63 40.69 10.65
CA ILE A 663 10.60 39.91 9.40
C ILE A 663 11.96 39.25 9.18
N TYR A 664 11.96 37.93 8.99
CA TYR A 664 13.18 37.15 8.78
C TYR A 664 13.41 36.90 7.29
N GLU A 665 14.48 37.48 6.75
CA GLU A 665 14.83 37.32 5.33
C GLU A 665 16.31 37.01 5.19
N ILE A 677 19.09 47.76 -4.58
CA ILE A 677 18.71 48.30 -3.28
C ILE A 677 17.21 48.10 -3.04
N GLY A 678 16.86 47.76 -1.81
CA GLY A 678 15.47 47.50 -1.43
C GLY A 678 15.22 47.70 0.05
N PRO A 679 14.53 46.74 0.70
CA PRO A 679 14.31 46.79 2.15
C PRO A 679 15.60 46.76 2.99
N HIS A 680 16.66 46.14 2.47
CA HIS A 680 17.92 46.02 3.19
C HIS A 680 18.81 47.25 3.01
N VAL A 681 18.34 48.40 3.48
CA VAL A 681 19.12 49.64 3.49
C VAL A 681 19.74 49.83 4.87
N ALA A 682 18.92 49.70 5.91
CA ALA A 682 19.39 49.77 7.29
C ALA A 682 20.09 48.48 7.73
N VAL A 683 19.83 47.38 7.01
CA VAL A 683 20.43 46.08 7.31
C VAL A 683 21.92 46.06 6.95
N ALA A 684 22.29 46.78 5.89
CA ALA A 684 23.69 46.86 5.43
C ALA A 684 24.60 47.63 6.39
N LYS A 685 24.01 48.47 7.24
CA LYS A 685 24.76 49.24 8.23
C LYS A 685 25.33 48.34 9.33
N LYS A 686 24.59 47.29 9.68
CA LYS A 686 24.99 46.35 10.74
C LYS A 686 26.04 45.35 10.25
N LEU A 687 27.27 45.84 10.06
CA LEU A 687 28.41 45.01 9.69
C LEU A 687 29.51 45.08 10.73
N ALA A 688 29.92 46.31 11.06
CA ALA A 688 30.96 46.55 12.08
C ALA A 688 32.33 46.07 11.61
N LYS A 724 11.08 48.41 24.58
CA LYS A 724 11.01 49.43 25.63
C LYS A 724 11.01 50.84 25.05
N LYS A 725 11.73 51.04 23.93
CA LYS A 725 11.75 52.32 23.24
C LYS A 725 12.01 52.11 21.74
N HIS A 726 11.79 53.16 20.95
CA HIS A 726 11.98 53.12 19.49
C HIS A 726 11.07 52.12 18.79
N LYS A 727 9.86 51.94 19.33
CA LYS A 727 8.83 51.11 18.71
C LYS A 727 7.79 52.03 18.07
N TYR A 728 8.16 52.64 16.96
CA TYR A 728 7.34 53.67 16.31
C TYR A 728 6.51 53.15 15.13
N ASP A 729 6.94 52.05 14.52
CA ASP A 729 6.26 51.51 13.33
C ASP A 729 4.86 51.00 13.67
N ALA A 730 3.87 51.45 12.89
CA ALA A 730 2.47 51.08 13.10
C ALA A 730 1.66 51.16 11.80
N GLU A 731 1.72 52.30 11.13
CA GLU A 731 1.05 52.51 9.84
C GLU A 731 1.49 51.47 8.81
N TYR A 732 2.76 51.09 8.83
CA TYR A 732 3.29 50.05 7.95
C TYR A 732 2.61 48.70 8.18
N TYR A 733 2.45 48.33 9.44
CA TYR A 733 1.89 47.01 9.79
C TYR A 733 0.40 46.90 9.45
N ILE A 734 -0.32 48.01 9.49
CA ILE A 734 -1.73 48.03 9.14
C ILE A 734 -1.93 48.03 7.63
N GLU A 735 -1.29 48.97 6.94
CA GLU A 735 -1.49 49.16 5.50
C GLU A 735 -0.83 48.08 4.64
N ASN A 736 0.36 47.63 5.04
CA ASN A 736 1.17 46.73 4.22
C ASN A 736 1.03 45.24 4.57
N GLN A 737 0.68 44.93 5.83
CA GLN A 737 0.65 43.54 6.28
C GLN A 737 -0.72 43.02 6.69
N VAL A 738 -1.43 43.76 7.55
CA VAL A 738 -2.72 43.29 8.08
C VAL A 738 -3.86 43.37 7.07
N LEU A 739 -4.04 44.54 6.45
CA LEU A 739 -5.15 44.78 5.54
C LEU A 739 -5.11 43.91 4.27
N PRO A 740 -3.96 43.89 3.55
CA PRO A 740 -3.88 43.11 2.31
C PRO A 740 -4.16 41.62 2.49
N ALA A 741 -3.79 41.07 3.64
CA ALA A 741 -4.04 39.66 3.95
C ALA A 741 -5.50 39.41 4.31
N VAL A 742 -6.05 40.26 5.18
CA VAL A 742 -7.41 40.10 5.68
C VAL A 742 -8.48 40.50 4.66
N LEU A 743 -8.24 41.57 3.93
CA LEU A 743 -9.19 42.03 2.88
C LEU A 743 -9.39 40.97 1.80
N ARG A 744 -8.34 40.20 1.52
CA ARG A 744 -8.40 39.12 0.54
C ARG A 744 -9.56 38.16 0.84
N ILE A 745 -9.81 37.94 2.13
CA ILE A 745 -10.91 37.09 2.59
C ILE A 745 -12.22 37.86 2.65
N LEU A 746 -12.20 39.00 3.34
CA LEU A 746 -13.43 39.75 3.67
C LEU A 746 -14.07 40.47 2.48
N GLU A 747 -13.33 40.63 1.37
CA GLU A 747 -13.88 41.24 0.16
C GLU A 747 -15.07 40.44 -0.40
N GLY A 748 -15.04 39.12 -0.22
CA GLY A 748 -16.14 38.25 -0.65
C GLY A 748 -17.44 38.51 0.07
N PHE A 749 -17.36 39.00 1.31
CA PHE A 749 -18.54 39.32 2.12
C PHE A 749 -18.90 40.81 2.05
N GLY A 750 -18.33 41.53 1.09
CA GLY A 750 -18.70 42.93 0.84
C GLY A 750 -18.10 43.96 1.78
N TYR A 751 -16.96 43.64 2.38
CA TYR A 751 -16.27 44.58 3.27
C TYR A 751 -15.17 45.34 2.53
N ARG A 752 -14.80 46.50 3.08
CA ARG A 752 -13.76 47.36 2.50
C ARG A 752 -12.73 47.74 3.56
N LYS A 753 -11.76 48.57 3.17
CA LYS A 753 -10.76 49.09 4.10
C LYS A 753 -11.38 49.97 5.18
N GLU A 754 -12.49 50.62 4.83
CA GLU A 754 -13.20 51.52 5.73
C GLU A 754 -13.78 50.80 6.95
N ASP A 755 -14.31 49.60 6.73
CA ASP A 755 -14.91 48.79 7.79
C ASP A 755 -13.90 48.39 8.86
N LEU A 756 -12.69 48.05 8.43
CA LEU A 756 -11.63 47.63 9.35
C LEU A 756 -10.98 48.85 9.98
N ARG A 757 -10.45 49.73 9.15
CA ARG A 757 -9.77 50.94 9.60
C ARG A 757 -10.79 52.07 9.82
N MET B 1 0.30 7.50 26.17
CA MET B 1 -0.83 6.62 25.76
C MET B 1 -1.09 5.52 26.79
N ILE B 2 -2.32 5.01 26.77
CA ILE B 2 -2.72 3.92 27.65
C ILE B 2 -2.33 2.60 26.98
N LEU B 3 -1.50 1.81 27.65
CA LEU B 3 -1.05 0.52 27.11
C LEU B 3 -1.94 -0.62 27.58
N ASP B 4 -2.39 -0.56 28.83
CA ASP B 4 -3.26 -1.57 29.41
C ASP B 4 -4.04 -1.00 30.60
N VAL B 5 -5.06 -1.72 31.06
CA VAL B 5 -5.78 -1.38 32.28
C VAL B 5 -6.23 -2.64 33.02
N ASP B 6 -6.13 -2.61 34.35
CA ASP B 6 -6.70 -3.65 35.20
C ASP B 6 -7.19 -3.03 36.51
N TYR B 7 -7.59 -3.87 37.47
CA TYR B 7 -7.99 -3.37 38.78
C TYR B 7 -7.46 -4.23 39.92
N ILE B 8 -7.17 -3.57 41.04
CA ILE B 8 -6.75 -4.24 42.29
C ILE B 8 -7.75 -3.88 43.39
N THR B 9 -7.59 -4.51 44.55
CA THR B 9 -8.50 -4.28 45.68
C THR B 9 -7.72 -3.79 46.90
N GLU B 10 -8.08 -2.61 47.38
CA GLU B 10 -7.49 -2.02 48.58
C GLU B 10 -8.57 -1.86 49.65
N GLU B 11 -8.55 -2.77 50.64
CA GLU B 11 -9.45 -2.71 51.78
C GLU B 11 -10.92 -2.83 51.38
N GLY B 12 -11.22 -3.75 50.47
CA GLY B 12 -12.59 -4.02 50.04
C GLY B 12 -13.10 -3.21 48.86
N LYS B 13 -12.37 -2.16 48.47
CA LYS B 13 -12.79 -1.28 47.37
C LYS B 13 -11.91 -1.49 46.13
N PRO B 14 -12.52 -1.42 44.94
CA PRO B 14 -11.79 -1.63 43.68
C PRO B 14 -11.07 -0.37 43.22
N VAL B 15 -9.79 -0.52 42.87
CA VAL B 15 -8.99 0.60 42.39
C VAL B 15 -8.53 0.32 40.96
N ILE B 16 -8.98 1.17 40.03
CA ILE B 16 -8.63 1.04 38.61
C ILE B 16 -7.19 1.50 38.37
N ARG B 17 -6.42 0.69 37.65
CA ARG B 17 -5.04 1.03 37.30
C ARG B 17 -4.91 1.22 35.79
N LEU B 18 -4.24 2.30 35.39
CA LEU B 18 -3.96 2.59 33.99
C LEU B 18 -2.45 2.51 33.76
N PHE B 19 -2.03 1.56 32.92
CA PHE B 19 -0.61 1.42 32.58
C PHE B 19 -0.31 2.29 31.37
N LYS B 20 0.28 3.46 31.61
CA LYS B 20 0.50 4.45 30.56
C LYS B 20 1.97 4.58 30.16
N LYS B 21 2.17 5.15 28.97
CA LYS B 21 3.49 5.50 28.47
C LYS B 21 3.42 6.92 27.88
N GLU B 22 4.00 7.89 28.58
CA GLU B 22 3.92 9.30 28.17
C GLU B 22 5.31 9.96 28.14
N ASN B 23 5.65 10.54 26.98
CA ASN B 23 6.94 11.18 26.76
C ASN B 23 8.13 10.24 26.97
N GLY B 24 7.96 8.98 26.56
CA GLY B 24 9.02 7.97 26.68
C GLY B 24 9.22 7.42 28.07
N LYS B 25 8.28 7.72 28.99
CA LYS B 25 8.39 7.30 30.39
C LYS B 25 7.16 6.50 30.81
N PHE B 26 7.40 5.37 31.47
CA PHE B 26 6.33 4.49 31.94
C PHE B 26 5.76 5.01 33.27
N LYS B 27 4.44 4.93 33.42
CA LYS B 27 3.78 5.34 34.66
C LYS B 27 2.45 4.62 34.89
N ILE B 28 2.07 4.49 36.16
CA ILE B 28 0.81 3.87 36.55
C ILE B 28 -0.09 4.91 37.22
N GLU B 29 -1.32 5.03 36.74
CA GLU B 29 -2.30 5.98 37.28
C GLU B 29 -3.43 5.22 37.98
N HIS B 30 -3.78 5.68 39.18
CA HIS B 30 -4.83 5.05 39.99
C HIS B 30 -6.10 5.89 39.98
N ASP B 31 -7.25 5.21 39.94
CA ASP B 31 -8.56 5.88 39.99
C ASP B 31 -9.51 5.11 40.91
N ARG B 32 -9.71 5.65 42.10
CA ARG B 32 -10.60 5.05 43.11
C ARG B 32 -12.03 5.60 42.99
N THR B 33 -12.25 6.51 42.04
CA THR B 33 -13.53 7.21 41.93
C THR B 33 -14.62 6.40 41.23
N PHE B 34 -14.22 5.54 40.28
CA PHE B 34 -15.18 4.80 39.47
C PHE B 34 -15.90 3.69 40.25
N ARG B 35 -17.18 3.53 39.97
CA ARG B 35 -18.04 2.57 40.67
C ARG B 35 -18.69 1.59 39.68
N PRO B 36 -18.84 0.31 40.08
CA PRO B 36 -19.57 -0.64 39.23
C PRO B 36 -21.09 -0.52 39.39
N TYR B 37 -21.83 -1.06 38.45
CA TYR B 37 -23.30 -0.98 38.48
C TYR B 37 -23.99 -2.00 37.60
N ILE B 38 -25.30 -2.14 37.79
CA ILE B 38 -26.16 -2.89 36.88
C ILE B 38 -27.44 -2.08 36.61
N TYR B 39 -28.17 -2.46 35.57
CA TYR B 39 -29.44 -1.81 35.23
C TYR B 39 -30.60 -2.72 35.61
N ALA B 40 -31.76 -2.12 35.89
CA ALA B 40 -32.96 -2.87 36.30
C ALA B 40 -34.23 -2.25 35.72
N LEU B 41 -35.00 -3.05 34.99
CA LEU B 41 -36.28 -2.62 34.44
C LEU B 41 -37.41 -3.09 35.36
N LEU B 42 -38.30 -2.16 35.74
CA LEU B 42 -39.39 -2.46 36.67
C LEU B 42 -40.76 -2.27 36.02
N ARG B 43 -41.75 -2.95 36.57
CA ARG B 43 -43.15 -2.77 36.16
C ARG B 43 -43.69 -1.50 36.79
N ASP B 44 -43.38 -1.33 38.07
CA ASP B 44 -43.77 -0.14 38.84
C ASP B 44 -42.51 0.57 39.31
N ASP B 45 -42.33 1.82 38.88
CA ASP B 45 -41.15 2.60 39.25
C ASP B 45 -41.16 3.06 40.72
N SER B 46 -42.34 3.05 41.34
CA SER B 46 -42.48 3.40 42.76
C SER B 46 -42.19 2.20 43.69
N LYS B 47 -41.83 1.06 43.12
CA LYS B 47 -41.39 -0.11 43.89
C LYS B 47 -39.87 -0.12 44.11
N ILE B 48 -39.19 0.97 43.72
CA ILE B 48 -37.74 1.06 43.84
C ILE B 48 -37.26 1.10 45.29
N GLU B 49 -38.11 1.60 46.20
CA GLU B 49 -37.75 1.68 47.61
C GLU B 49 -37.64 0.28 48.22
N GLU B 50 -38.45 -0.66 47.74
CA GLU B 50 -38.34 -2.07 48.12
C GLU B 50 -37.13 -2.74 47.45
N VAL B 51 -36.95 -2.49 46.17
CA VAL B 51 -35.86 -3.10 45.38
C VAL B 51 -34.48 -2.66 45.86
N LYS B 52 -34.38 -1.42 46.35
CA LYS B 52 -33.12 -0.86 46.84
C LYS B 52 -32.58 -1.61 48.07
N LYS B 53 -33.48 -2.05 48.94
CA LYS B 53 -33.11 -2.68 50.21
C LYS B 53 -32.65 -4.13 50.09
N ILE B 54 -32.73 -4.70 48.89
CA ILE B 54 -32.32 -6.09 48.66
C ILE B 54 -30.81 -6.25 48.92
N THR B 55 -30.44 -7.38 49.51
CA THR B 55 -29.07 -7.62 49.97
C THR B 55 -28.65 -9.07 49.76
N GLY B 56 -27.36 -9.27 49.46
CA GLY B 56 -26.79 -10.59 49.23
C GLY B 56 -25.62 -10.88 50.14
N GLU B 57 -24.76 -11.81 49.73
CA GLU B 57 -23.58 -12.20 50.53
C GLU B 57 -22.39 -12.58 49.65
N ARG B 58 -21.19 -12.36 50.18
CA ARG B 58 -19.94 -12.76 49.52
C ARG B 58 -18.82 -12.92 50.55
N HIS B 59 -18.13 -14.06 50.50
CA HIS B 59 -17.08 -14.42 51.47
C HIS B 59 -17.59 -14.34 52.92
N GLY B 60 -18.84 -14.71 53.14
CA GLY B 60 -19.45 -14.64 54.46
C GLY B 60 -20.08 -13.30 54.81
N LYS B 61 -19.49 -12.22 54.29
CA LYS B 61 -19.94 -10.85 54.58
C LYS B 61 -21.27 -10.55 53.89
N ILE B 62 -21.88 -9.43 54.29
CA ILE B 62 -23.12 -8.95 53.68
C ILE B 62 -22.79 -7.95 52.57
N VAL B 63 -23.57 -7.99 51.49
CA VAL B 63 -23.39 -7.07 50.36
C VAL B 63 -24.71 -6.35 50.06
N ARG B 64 -24.63 -5.03 49.86
CA ARG B 64 -25.82 -4.21 49.65
C ARG B 64 -25.68 -3.27 48.45
N ILE B 65 -26.78 -2.62 48.08
CA ILE B 65 -26.81 -1.64 47.01
C ILE B 65 -26.43 -0.27 47.58
N VAL B 66 -25.34 0.32 47.05
CA VAL B 66 -24.79 1.56 47.59
C VAL B 66 -25.58 2.79 47.14
N ASP B 67 -25.99 2.81 45.87
CA ASP B 67 -26.78 3.92 45.34
C ASP B 67 -27.70 3.43 44.22
N VAL B 68 -28.83 4.11 44.06
CA VAL B 68 -29.76 3.86 42.97
C VAL B 68 -30.03 5.18 42.23
N GLU B 69 -30.15 5.10 40.91
CA GLU B 69 -30.35 6.29 40.09
C GLU B 69 -31.28 6.01 38.90
N LYS B 70 -32.19 6.95 38.64
CA LYS B 70 -33.13 6.85 37.52
C LYS B 70 -32.50 7.47 36.28
N VAL B 71 -32.61 6.81 35.14
CA VAL B 71 -31.98 7.29 33.89
C VAL B 71 -32.87 7.04 32.67
N GLU B 72 -32.79 7.96 31.70
CA GLU B 72 -33.42 7.76 30.39
C GLU B 72 -32.48 6.94 29.54
N LYS B 73 -32.97 5.81 29.04
CA LYS B 73 -32.19 4.96 28.14
C LYS B 73 -33.02 4.56 26.94
N LYS B 74 -32.37 4.00 25.94
CA LYS B 74 -33.03 3.41 24.79
C LYS B 74 -32.75 1.91 24.81
N PHE B 75 -33.75 1.11 24.46
CA PHE B 75 -33.55 -0.33 24.30
C PHE B 75 -34.09 -0.73 22.93
N LEU B 76 -33.16 -1.00 22.01
CA LEU B 76 -33.49 -1.28 20.61
C LEU B 76 -34.25 -0.12 19.97
N GLY B 77 -33.72 1.09 20.15
CA GLY B 77 -34.27 2.29 19.51
C GLY B 77 -35.30 3.02 20.36
N LYS B 78 -36.42 2.36 20.63
CA LYS B 78 -37.52 2.97 21.38
C LYS B 78 -37.14 3.22 22.83
N PRO B 79 -37.71 4.27 23.47
CA PRO B 79 -37.27 4.66 24.81
C PRO B 79 -37.66 3.67 25.91
N ILE B 80 -37.00 3.80 27.06
CA ILE B 80 -37.27 2.92 28.21
C ILE B 80 -36.71 3.55 29.49
N THR B 81 -37.49 3.48 30.57
CA THR B 81 -37.05 3.97 31.88
C THR B 81 -36.41 2.83 32.65
N VAL B 82 -35.19 3.05 33.13
CA VAL B 82 -34.40 2.01 33.81
C VAL B 82 -33.65 2.59 35.00
N TRP B 83 -33.44 1.75 36.02
CA TRP B 83 -32.74 2.16 37.24
C TRP B 83 -31.31 1.61 37.26
N LYS B 84 -30.35 2.51 37.50
CA LYS B 84 -28.93 2.16 37.54
C LYS B 84 -28.50 1.90 38.98
N LEU B 85 -28.50 0.64 39.38
CA LEU B 85 -28.13 0.26 40.75
C LEU B 85 -26.61 0.14 40.90
N TYR B 86 -26.02 1.06 41.67
CA TYR B 86 -24.58 1.04 41.93
C TYR B 86 -24.23 0.05 43.04
N LEU B 87 -22.98 -0.42 43.03
CA LEU B 87 -22.49 -1.40 44.01
C LEU B 87 -21.11 -0.99 44.53
N GLU B 88 -20.56 -1.77 45.45
CA GLU B 88 -19.24 -1.49 46.03
C GLU B 88 -18.12 -2.17 45.25
N HIS B 89 -18.27 -3.46 45.01
CA HIS B 89 -17.25 -4.25 44.30
C HIS B 89 -17.84 -4.93 43.06
N PRO B 90 -17.05 -5.08 41.99
CA PRO B 90 -17.51 -5.81 40.81
C PRO B 90 -17.99 -7.24 41.09
N GLN B 91 -17.37 -7.90 42.07
CA GLN B 91 -17.73 -9.26 42.45
C GLN B 91 -19.04 -9.34 43.24
N ASP B 92 -19.63 -8.18 43.56
CA ASP B 92 -20.98 -8.12 44.13
C ASP B 92 -22.06 -8.30 43.07
N GLN B 93 -21.71 -8.10 41.81
CA GLN B 93 -22.69 -8.11 40.71
C GLN B 93 -23.37 -9.47 40.49
N PRO B 94 -22.62 -10.59 40.64
CA PRO B 94 -23.28 -11.91 40.61
C PRO B 94 -24.32 -12.10 41.71
N THR B 95 -23.98 -11.79 42.96
CA THR B 95 -24.87 -12.02 44.09
C THR B 95 -26.12 -11.12 44.06
N ILE B 96 -25.91 -9.84 43.76
CA ILE B 96 -27.00 -8.86 43.71
C ILE B 96 -27.93 -9.11 42.50
N ARG B 97 -27.37 -9.61 41.40
CA ARG B 97 -28.17 -9.96 40.23
C ARG B 97 -29.23 -11.00 40.56
N GLU B 98 -28.79 -12.13 41.10
CA GLU B 98 -29.67 -13.26 41.39
C GLU B 98 -30.86 -12.86 42.27
N LYS B 99 -30.59 -12.09 43.33
CA LYS B 99 -31.62 -11.70 44.29
C LYS B 99 -32.52 -10.57 43.79
N VAL B 100 -31.98 -9.68 42.95
CA VAL B 100 -32.78 -8.62 42.34
C VAL B 100 -33.77 -9.17 41.33
N ARG B 101 -33.32 -10.15 40.53
CA ARG B 101 -34.20 -10.87 39.61
C ARG B 101 -35.37 -11.55 40.31
N GLU B 102 -35.15 -12.01 41.54
CA GLU B 102 -36.16 -12.71 42.33
C GLU B 102 -37.37 -11.85 42.66
N HIS B 103 -37.16 -10.54 42.80
CA HIS B 103 -38.23 -9.60 43.17
C HIS B 103 -39.28 -9.50 42.06
N PRO B 104 -40.58 -9.53 42.42
CA PRO B 104 -41.64 -9.59 41.40
C PRO B 104 -41.76 -8.35 40.51
N ALA B 105 -41.38 -7.19 41.03
CA ALA B 105 -41.44 -5.94 40.27
C ALA B 105 -40.41 -5.88 39.14
N VAL B 106 -39.25 -6.51 39.34
CA VAL B 106 -38.16 -6.50 38.35
C VAL B 106 -38.52 -7.34 37.13
N VAL B 107 -38.38 -6.75 35.94
CA VAL B 107 -38.66 -7.43 34.67
C VAL B 107 -37.39 -8.10 34.14
N ASP B 108 -36.27 -7.38 34.22
CA ASP B 108 -34.95 -7.91 33.84
C ASP B 108 -33.86 -6.95 34.29
N ILE B 109 -32.63 -7.46 34.45
CA ILE B 109 -31.46 -6.61 34.67
C ILE B 109 -30.52 -6.65 33.47
N PHE B 110 -29.74 -5.58 33.28
CA PHE B 110 -28.85 -5.47 32.13
C PHE B 110 -27.45 -5.01 32.51
N GLU B 111 -26.47 -5.38 31.68
CA GLU B 111 -25.07 -4.99 31.82
C GLU B 111 -24.50 -5.33 33.20
N TYR B 112 -24.40 -6.62 33.48
CA TYR B 112 -23.95 -7.14 34.77
C TYR B 112 -22.66 -7.97 34.69
N ASP B 113 -22.24 -8.33 33.48
CA ASP B 113 -21.11 -9.25 33.28
C ASP B 113 -20.04 -8.65 32.38
N ILE B 114 -20.01 -7.32 32.30
CA ILE B 114 -18.96 -6.60 31.58
C ILE B 114 -17.80 -6.39 32.56
N PRO B 115 -16.59 -6.88 32.21
CA PRO B 115 -15.44 -6.72 33.11
C PRO B 115 -15.18 -5.26 33.53
N PHE B 116 -14.79 -5.07 34.78
CA PHE B 116 -14.65 -3.75 35.40
C PHE B 116 -13.62 -2.86 34.71
N ALA B 117 -12.51 -3.45 34.25
CA ALA B 117 -11.49 -2.71 33.52
C ALA B 117 -11.98 -2.30 32.12
N LYS B 118 -12.78 -3.15 31.49
CA LYS B 118 -13.38 -2.85 30.19
C LYS B 118 -14.55 -1.89 30.33
N ARG B 119 -15.25 -1.97 31.46
CA ARG B 119 -16.32 -1.04 31.82
C ARG B 119 -15.79 0.39 31.95
N TYR B 120 -14.62 0.52 32.58
CA TYR B 120 -13.99 1.82 32.83
C TYR B 120 -13.63 2.54 31.53
N LEU B 121 -12.86 1.86 30.67
CA LEU B 121 -12.42 2.43 29.39
C LEU B 121 -13.57 2.96 28.54
N ILE B 122 -14.69 2.23 28.57
CA ILE B 122 -15.86 2.60 27.80
C ILE B 122 -16.52 3.85 28.38
N ASP B 123 -16.87 3.78 29.66
CA ASP B 123 -17.57 4.87 30.35
C ASP B 123 -16.77 6.17 30.35
N LYS B 124 -15.50 6.09 30.73
CA LYS B 124 -14.63 7.28 30.74
C LYS B 124 -14.25 7.75 29.34
N GLY B 125 -14.53 6.93 28.32
CA GLY B 125 -14.30 7.31 26.93
C GLY B 125 -12.85 7.22 26.51
N LEU B 126 -12.05 6.46 27.27
CA LEU B 126 -10.62 6.32 27.00
C LEU B 126 -10.35 5.29 25.90
N ILE B 127 -9.27 5.51 25.14
CA ILE B 127 -8.88 4.64 24.04
C ILE B 127 -7.43 4.20 24.23
N PRO B 128 -7.19 2.89 24.39
CA PRO B 128 -5.81 2.42 24.50
C PRO B 128 -4.95 2.70 23.26
N MET B 129 -3.71 3.08 23.51
CA MET B 129 -2.69 3.29 22.48
C MET B 129 -3.09 4.30 21.41
N GLU B 130 -3.39 5.52 21.87
CA GLU B 130 -3.59 6.67 21.00
C GLU B 130 -2.52 7.72 21.30
N GLY B 131 -1.92 8.28 20.26
CA GLY B 131 -0.94 9.37 20.41
C GLY B 131 0.37 9.11 19.69
N GLU B 132 1.39 9.89 20.07
CA GLU B 132 2.69 9.85 19.43
C GLU B 132 3.75 9.36 20.41
N GLU B 133 3.79 8.04 20.63
CA GLU B 133 4.80 7.41 21.48
C GLU B 133 5.51 6.30 20.72
N GLU B 134 6.84 6.33 20.73
CA GLU B 134 7.65 5.28 20.11
C GLU B 134 7.77 4.09 21.07
N LEU B 135 7.11 3.00 20.72
CA LEU B 135 7.11 1.79 21.55
C LEU B 135 8.34 0.94 21.24
N LYS B 136 8.98 0.43 22.29
CA LYS B 136 10.12 -0.48 22.15
C LYS B 136 9.62 -1.93 22.07
N ILE B 137 9.93 -2.59 20.95
CA ILE B 137 9.49 -3.94 20.67
C ILE B 137 10.66 -4.92 20.84
N LEU B 138 10.38 -6.10 21.38
CA LEU B 138 11.42 -7.12 21.62
C LEU B 138 10.82 -8.52 21.48
N ALA B 139 11.31 -9.28 20.51
CA ALA B 139 10.85 -10.65 20.31
C ALA B 139 11.75 -11.61 21.06
N PHE B 140 11.22 -12.77 21.44
CA PHE B 140 12.02 -13.84 22.03
C PHE B 140 11.45 -15.22 21.77
N ALA B 141 12.35 -16.21 21.70
CA ALA B 141 11.98 -17.61 21.51
C ALA B 141 12.91 -18.49 22.31
N ILE B 142 12.56 -19.76 22.44
CA ILE B 142 13.38 -20.73 23.17
C ILE B 142 13.49 -22.07 22.44
N ALA B 143 14.63 -22.72 22.62
CA ALA B 143 14.84 -24.09 22.15
C ALA B 143 14.99 -24.99 23.37
N THR B 144 14.28 -26.11 23.38
CA THR B 144 14.29 -27.04 24.51
C THR B 144 14.78 -28.42 24.09
N LEU B 145 15.26 -29.19 25.07
CA LEU B 145 15.79 -30.53 24.83
C LEU B 145 14.83 -31.59 25.37
N TYR B 146 14.02 -32.17 24.48
CA TYR B 146 13.26 -33.37 24.80
C TYR B 146 13.42 -34.42 23.71
N HIS B 147 13.43 -35.69 24.11
CA HIS B 147 13.63 -36.81 23.20
C HIS B 147 12.29 -37.18 22.57
N GLU B 148 11.29 -37.33 23.43
CA GLU B 148 9.88 -37.42 23.01
C GLU B 148 9.01 -36.81 24.11
N GLY B 149 7.72 -37.13 24.14
CA GLY B 149 6.81 -36.60 25.15
C GLY B 149 7.14 -37.02 26.57
N GLU B 150 8.07 -36.28 27.19
CA GLU B 150 8.30 -36.37 28.64
C GLU B 150 7.26 -35.49 29.33
N GLU B 151 7.36 -35.36 30.66
CA GLU B 151 6.52 -34.41 31.38
C GLU B 151 6.93 -33.00 30.98
N PHE B 152 5.96 -32.18 30.61
CA PHE B 152 6.21 -30.82 30.11
C PHE B 152 7.11 -30.04 31.07
N GLY B 153 8.33 -29.75 30.62
CA GLY B 153 9.29 -28.97 31.40
C GLY B 153 10.29 -29.80 32.20
N LYS B 154 10.46 -31.06 31.83
CA LYS B 154 11.49 -31.91 32.44
C LYS B 154 12.83 -31.78 31.70
N GLY B 155 12.77 -31.36 30.44
CA GLY B 155 13.97 -31.11 29.65
C GLY B 155 14.50 -29.70 29.85
N PRO B 156 15.82 -29.51 29.74
CA PRO B 156 16.39 -28.17 29.87
C PRO B 156 16.09 -27.27 28.68
N ILE B 157 16.01 -25.96 28.93
CA ILE B 157 15.98 -24.99 27.85
C ILE B 157 17.40 -24.89 27.30
N ILE B 158 17.56 -25.29 26.04
CA ILE B 158 18.86 -25.33 25.38
C ILE B 158 19.38 -23.91 25.13
N MET B 159 18.55 -23.09 24.51
CA MET B 159 18.89 -21.70 24.20
C MET B 159 17.70 -20.77 24.43
N ILE B 160 18.00 -19.49 24.61
CA ILE B 160 17.01 -18.44 24.63
C ILE B 160 17.48 -17.36 23.66
N SER B 161 16.73 -17.17 22.58
CA SER B 161 17.06 -16.15 21.58
C SER B 161 16.13 -14.96 21.71
N TYR B 162 16.66 -13.77 21.41
CA TYR B 162 15.88 -12.55 21.40
C TYR B 162 16.22 -11.70 20.18
N ALA B 163 15.35 -10.75 19.86
CA ALA B 163 15.54 -9.91 18.67
C ALA B 163 14.74 -8.61 18.75
N ASP B 164 15.30 -7.57 18.14
CA ASP B 164 14.66 -6.26 18.09
C ASP B 164 15.08 -5.54 16.79
N GLU B 165 14.91 -4.23 16.74
CA GLU B 165 15.28 -3.44 15.56
C GLU B 165 16.79 -3.46 15.26
N ASN B 166 17.61 -3.50 16.29
CA ASN B 166 19.07 -3.38 16.13
C ASN B 166 19.85 -4.70 16.04
N GLU B 167 19.32 -5.77 16.64
CA GLU B 167 20.08 -7.02 16.75
C GLU B 167 19.21 -8.27 16.94
N ALA B 168 19.85 -9.44 16.81
CA ALA B 168 19.18 -10.73 17.00
C ALA B 168 20.18 -11.74 17.55
N LYS B 169 20.14 -11.98 18.86
CA LYS B 169 21.16 -12.76 19.55
C LYS B 169 20.62 -14.07 20.14
N VAL B 170 21.55 -14.91 20.60
CA VAL B 170 21.22 -16.18 21.25
C VAL B 170 21.99 -16.34 22.57
N ILE B 171 21.28 -16.77 23.62
CA ILE B 171 21.90 -17.01 24.93
C ILE B 171 21.91 -18.51 25.18
N THR B 172 23.06 -19.07 25.53
CA THR B 172 23.21 -20.51 25.73
C THR B 172 24.32 -20.87 26.72
N TRP B 173 24.41 -22.16 27.05
CA TRP B 173 25.41 -22.66 28.00
C TRP B 173 26.23 -23.81 27.40
N LYS B 174 26.61 -23.65 26.13
CA LYS B 174 27.61 -24.50 25.47
C LYS B 174 28.51 -23.60 24.64
N ASN B 175 29.73 -24.06 24.36
CA ASN B 175 30.66 -23.31 23.53
C ASN B 175 30.24 -23.32 22.06
N ILE B 176 30.01 -22.14 21.50
CA ILE B 176 29.69 -21.97 20.08
C ILE B 176 30.42 -20.75 19.54
N ASP B 177 31.09 -20.92 18.40
CA ASP B 177 32.03 -19.91 17.88
C ASP B 177 31.36 -18.77 17.09
N LEU B 178 30.04 -18.84 16.89
CA LEU B 178 29.32 -17.80 16.14
C LEU B 178 29.32 -16.48 16.90
N PRO B 179 29.37 -15.34 16.17
CA PRO B 179 29.53 -14.03 16.81
C PRO B 179 28.25 -13.43 17.42
N TYR B 180 27.10 -14.00 17.10
CA TYR B 180 25.83 -13.52 17.63
C TYR B 180 25.31 -14.37 18.80
N VAL B 181 26.12 -15.33 19.25
CA VAL B 181 25.75 -16.23 20.34
C VAL B 181 26.45 -15.81 21.64
N GLU B 182 25.65 -15.49 22.66
CA GLU B 182 26.18 -15.21 23.99
C GLU B 182 26.30 -16.52 24.76
N VAL B 183 27.50 -16.83 25.23
CA VAL B 183 27.78 -18.07 25.94
C VAL B 183 27.98 -17.79 27.42
N VAL B 184 27.23 -18.51 28.26
CA VAL B 184 27.27 -18.31 29.71
C VAL B 184 27.49 -19.67 30.42
N SER B 185 27.53 -19.65 31.75
CA SER B 185 28.01 -20.80 32.52
C SER B 185 27.03 -21.98 32.60
N SER B 186 25.73 -21.71 32.75
CA SER B 186 24.73 -22.77 32.88
C SER B 186 23.35 -22.31 32.41
N GLU B 187 22.38 -23.21 32.48
CA GLU B 187 20.99 -22.87 32.17
C GLU B 187 20.45 -21.83 33.15
N ARG B 188 20.87 -21.95 34.40
CA ARG B 188 20.48 -21.00 35.45
C ARG B 188 20.93 -19.59 35.10
N GLU B 189 22.15 -19.46 34.60
CA GLU B 189 22.70 -18.16 34.19
C GLU B 189 22.07 -17.68 32.89
N MET B 190 21.74 -18.61 32.00
CA MET B 190 21.06 -18.27 30.74
C MET B 190 19.74 -17.54 31.00
N ILE B 191 18.97 -18.00 31.98
CA ILE B 191 17.73 -17.34 32.35
C ILE B 191 18.00 -16.00 33.02
N LYS B 192 18.95 -15.98 33.95
CA LYS B 192 19.37 -14.73 34.60
C LYS B 192 19.81 -13.70 33.57
N ARG B 193 20.61 -14.14 32.60
CA ARG B 193 21.07 -13.30 31.50
C ARG B 193 19.90 -12.74 30.69
N PHE B 194 18.91 -13.59 30.43
CA PHE B 194 17.70 -13.19 29.71
C PHE B 194 16.94 -12.08 30.44
N LEU B 195 16.91 -12.12 31.77
CA LEU B 195 16.27 -11.07 32.57
C LEU B 195 17.01 -9.74 32.46
N ARG B 196 18.34 -9.79 32.35
CA ARG B 196 19.14 -8.57 32.15
C ARG B 196 18.84 -7.93 30.78
N ILE B 197 18.75 -8.75 29.74
CA ILE B 197 18.42 -8.26 28.40
C ILE B 197 17.07 -7.54 28.41
N ILE B 198 16.07 -8.16 29.04
CA ILE B 198 14.74 -7.56 29.18
C ILE B 198 14.80 -6.20 29.87
N ARG B 199 15.60 -6.11 30.92
CA ARG B 199 15.76 -4.87 31.69
C ARG B 199 16.49 -3.77 30.90
N GLU B 200 17.55 -4.16 30.19
CA GLU B 200 18.32 -3.21 29.37
C GLU B 200 17.45 -2.56 28.30
N LYS B 201 16.79 -3.41 27.52
CA LYS B 201 15.94 -2.94 26.41
C LYS B 201 14.60 -2.39 26.88
N ASP B 202 14.11 -2.89 28.02
CA ASP B 202 12.88 -2.37 28.64
C ASP B 202 11.71 -2.30 27.65
N PRO B 203 11.33 -3.44 27.06
CA PRO B 203 10.31 -3.44 26.00
C PRO B 203 8.90 -3.11 26.49
N ASP B 204 8.19 -2.27 25.75
CA ASP B 204 6.77 -2.02 25.99
C ASP B 204 5.94 -3.19 25.49
N ILE B 205 6.40 -3.78 24.39
CA ILE B 205 5.72 -4.93 23.77
C ILE B 205 6.71 -6.08 23.61
N ILE B 206 6.35 -7.24 24.15
CA ILE B 206 7.15 -8.45 23.99
C ILE B 206 6.42 -9.39 23.05
N VAL B 207 7.10 -9.80 21.97
CA VAL B 207 6.48 -10.59 20.91
C VAL B 207 7.00 -12.02 20.88
N THR B 208 6.08 -12.97 20.79
CA THR B 208 6.40 -14.39 20.68
C THR B 208 5.51 -15.06 19.63
N TYR B 209 5.89 -16.29 19.25
CA TYR B 209 5.03 -17.12 18.43
C TYR B 209 4.61 -18.36 19.23
N ASN B 210 3.35 -18.37 19.67
CA ASN B 210 2.80 -19.42 20.53
C ASN B 210 3.38 -19.37 21.95
N GLY B 211 3.66 -18.16 22.42
CA GLY B 211 4.22 -17.96 23.76
C GLY B 211 3.27 -18.23 24.91
N ASP B 212 1.97 -18.08 24.69
CA ASP B 212 0.96 -18.39 25.71
C ASP B 212 0.97 -19.89 26.06
N SER B 213 1.21 -20.73 25.07
CA SER B 213 1.09 -22.18 25.24
C SER B 213 2.42 -22.91 25.43
N PHE B 214 3.52 -22.30 24.98
CA PHE B 214 4.84 -22.95 25.08
C PHE B 214 5.90 -22.12 25.77
N ASP B 215 6.36 -21.05 25.12
CA ASP B 215 7.55 -20.31 25.57
C ASP B 215 7.51 -19.90 27.05
N PHE B 216 6.42 -19.26 27.48
CA PHE B 216 6.30 -18.78 28.86
C PHE B 216 6.05 -19.90 29.88
N PRO B 217 5.04 -20.77 29.63
CA PRO B 217 4.82 -21.93 30.52
C PRO B 217 6.05 -22.82 30.73
N TYR B 218 6.82 -23.04 29.67
CA TYR B 218 8.02 -23.87 29.74
C TYR B 218 9.11 -23.19 30.58
N LEU B 219 9.32 -21.91 30.31
CA LEU B 219 10.29 -21.09 31.04
C LEU B 219 9.94 -20.98 32.53
N ALA B 220 8.64 -21.03 32.84
CA ALA B 220 8.15 -20.94 34.22
C ALA B 220 8.44 -22.21 35.02
N LYS B 221 8.19 -23.37 34.42
CA LYS B 221 8.47 -24.66 35.08
C LYS B 221 9.97 -24.88 35.25
N ARG B 222 10.76 -24.41 34.28
CA ARG B 222 12.22 -24.46 34.36
C ARG B 222 12.74 -23.48 35.42
N ALA B 223 12.19 -22.27 35.43
CA ALA B 223 12.59 -21.23 36.40
C ALA B 223 12.30 -21.65 37.83
N GLU B 224 11.15 -22.29 38.04
CA GLU B 224 10.81 -22.83 39.36
C GLU B 224 11.78 -23.93 39.76
N LYS B 225 12.08 -24.82 38.81
CA LYS B 225 12.95 -25.98 39.06
C LYS B 225 14.39 -25.59 39.39
N LEU B 226 14.84 -24.45 38.86
CA LEU B 226 16.19 -23.94 39.14
C LEU B 226 16.18 -22.88 40.25
N GLY B 227 15.02 -22.62 40.85
CA GLY B 227 14.89 -21.71 41.99
C GLY B 227 15.05 -20.24 41.65
N ILE B 228 14.65 -19.87 40.44
CA ILE B 228 14.85 -18.50 39.93
C ILE B 228 13.51 -17.82 39.63
N LYS B 229 13.37 -16.58 40.07
CA LYS B 229 12.17 -15.80 39.84
C LYS B 229 12.25 -15.13 38.46
N LEU B 230 11.13 -15.15 37.74
CA LEU B 230 11.07 -14.55 36.42
C LEU B 230 10.67 -13.08 36.52
N THR B 231 11.63 -12.23 36.88
CA THR B 231 11.38 -10.82 37.11
C THR B 231 11.25 -10.06 35.78
N ILE B 232 10.22 -10.39 35.01
CA ILE B 232 10.04 -9.86 33.66
C ILE B 232 9.14 -8.61 33.65
N GLY B 233 8.17 -8.57 34.56
CA GLY B 233 7.26 -7.42 34.66
C GLY B 233 7.99 -6.17 35.12
N ARG B 234 7.41 -5.01 34.79
CA ARG B 234 8.01 -3.73 35.18
C ARG B 234 7.94 -3.49 36.69
N ASP B 235 6.93 -4.07 37.34
CA ASP B 235 6.80 -4.01 38.79
C ASP B 235 7.59 -5.11 39.51
N GLY B 236 8.34 -5.90 38.74
CA GLY B 236 9.12 -7.00 39.27
C GLY B 236 8.39 -8.34 39.25
N SER B 237 7.07 -8.31 39.11
CA SER B 237 6.25 -9.52 39.15
C SER B 237 6.55 -10.48 38.00
N GLU B 238 6.15 -11.74 38.19
CA GLU B 238 6.34 -12.76 37.17
C GLU B 238 5.19 -12.76 36.16
N PRO B 239 5.41 -13.36 34.98
CA PRO B 239 4.29 -13.60 34.06
C PRO B 239 3.18 -14.41 34.73
N LYS B 240 1.93 -14.05 34.44
CA LYS B 240 0.77 -14.67 35.09
C LYS B 240 -0.15 -15.28 34.06
N MET B 241 -0.63 -16.49 34.35
CA MET B 241 -1.59 -17.16 33.47
C MET B 241 -2.97 -16.52 33.64
N GLN B 242 -3.67 -16.34 32.54
CA GLN B 242 -5.05 -15.84 32.56
C GLN B 242 -5.91 -16.53 31.51
N ARG B 243 -7.05 -17.04 31.94
CA ARG B 243 -7.99 -17.72 31.05
C ARG B 243 -8.89 -16.71 30.34
N ILE B 244 -9.19 -16.99 29.07
CA ILE B 244 -10.19 -16.22 28.31
C ILE B 244 -11.36 -17.15 27.99
N GLY B 245 -11.80 -17.91 28.99
CA GLY B 245 -12.81 -18.94 28.80
C GLY B 245 -12.24 -20.13 28.06
N ASP B 246 -12.19 -20.02 26.73
CA ASP B 246 -11.73 -21.12 25.87
C ASP B 246 -10.27 -20.89 25.43
N MET B 247 -9.44 -20.39 26.34
CA MET B 247 -8.03 -20.10 26.06
C MET B 247 -7.27 -19.82 27.35
N THR B 248 -6.00 -20.25 27.41
CA THR B 248 -5.09 -19.88 28.49
C THR B 248 -4.01 -18.98 27.94
N ALA B 249 -3.86 -17.78 28.52
CA ALA B 249 -2.91 -16.79 28.02
C ALA B 249 -2.00 -16.28 29.13
N VAL B 250 -0.92 -15.60 28.73
CA VAL B 250 0.09 -15.13 29.68
C VAL B 250 0.17 -13.59 29.72
N GLU B 251 0.00 -13.06 30.93
CA GLU B 251 -0.01 -11.61 31.17
C GLU B 251 1.34 -11.19 31.74
N VAL B 252 1.81 -9.99 31.36
CA VAL B 252 3.05 -9.42 31.89
C VAL B 252 2.81 -7.95 32.29
N LYS B 253 2.88 -7.67 33.59
CA LYS B 253 2.53 -6.34 34.11
C LYS B 253 3.51 -5.27 33.64
N GLY B 254 2.96 -4.15 33.16
CA GLY B 254 3.77 -3.05 32.62
C GLY B 254 4.03 -3.14 31.13
N ARG B 255 3.98 -4.35 30.58
CA ARG B 255 4.28 -4.59 29.16
C ARG B 255 3.07 -5.23 28.47
N ILE B 256 3.21 -5.47 27.17
CA ILE B 256 2.17 -6.13 26.39
C ILE B 256 2.74 -7.42 25.79
N HIS B 257 2.32 -8.56 26.31
CA HIS B 257 2.70 -9.85 25.72
C HIS B 257 1.85 -10.07 24.48
N PHE B 258 2.46 -9.83 23.32
CA PHE B 258 1.80 -9.99 22.04
C PHE B 258 2.19 -11.35 21.43
N ASP B 259 1.25 -12.29 21.44
CA ASP B 259 1.49 -13.62 20.88
C ASP B 259 0.90 -13.69 19.46
N LEU B 260 1.79 -13.83 18.48
CA LEU B 260 1.42 -13.82 17.06
C LEU B 260 0.48 -14.95 16.62
N TYR B 261 0.58 -16.10 17.27
CA TYR B 261 -0.20 -17.29 16.86
C TYR B 261 -1.71 -17.03 16.78
N HIS B 262 -2.24 -16.23 17.70
CA HIS B 262 -3.68 -15.94 17.73
C HIS B 262 -4.11 -14.99 16.62
N VAL B 263 -3.23 -14.07 16.23
CA VAL B 263 -3.57 -13.03 15.24
C VAL B 263 -3.44 -13.55 13.80
N ILE B 264 -2.37 -14.29 13.54
CA ILE B 264 -2.06 -14.75 12.17
C ILE B 264 -3.08 -15.78 11.68
N THR B 265 -3.59 -16.62 12.58
CA THR B 265 -4.60 -17.61 12.26
C THR B 265 -5.92 -16.99 11.82
N ARG B 266 -6.20 -15.78 12.31
CA ARG B 266 -7.43 -15.05 11.96
C ARG B 266 -7.26 -14.20 10.69
N THR B 267 -6.03 -13.73 10.45
CA THR B 267 -5.73 -12.88 9.29
C THR B 267 -5.77 -13.64 7.97
N ILE B 268 -5.19 -14.85 7.97
CA ILE B 268 -5.13 -15.69 6.77
C ILE B 268 -5.58 -17.12 7.08
N ASN B 269 -5.70 -17.94 6.03
CA ASN B 269 -6.10 -19.35 6.18
C ASN B 269 -5.19 -20.31 5.42
N LEU B 270 -4.19 -20.83 6.12
CA LEU B 270 -3.22 -21.78 5.57
C LEU B 270 -3.55 -23.20 6.04
N PRO B 271 -2.95 -24.22 5.40
CA PRO B 271 -3.16 -25.60 5.87
C PRO B 271 -2.52 -25.88 7.25
N THR B 272 -1.30 -25.39 7.46
CA THR B 272 -0.61 -25.52 8.74
C THR B 272 0.01 -24.18 9.17
N TYR B 273 0.04 -23.94 10.48
CA TYR B 273 0.45 -22.63 11.03
C TYR B 273 1.79 -22.71 11.78
N THR B 274 2.79 -23.34 11.17
CA THR B 274 4.14 -23.35 11.73
C THR B 274 4.81 -22.01 11.45
N LEU B 275 5.76 -21.63 12.30
CA LEU B 275 6.49 -20.36 12.17
C LEU B 275 7.17 -20.22 10.80
N GLU B 276 7.53 -21.36 10.20
CA GLU B 276 8.16 -21.38 8.87
C GLU B 276 7.15 -21.07 7.77
N ALA B 277 6.03 -21.80 7.77
CA ALA B 277 4.97 -21.62 6.78
C ALA B 277 4.43 -20.20 6.77
N VAL B 278 4.21 -19.64 7.95
CA VAL B 278 3.69 -18.28 8.08
C VAL B 278 4.69 -17.25 7.54
N TYR B 279 5.95 -17.38 7.93
CA TYR B 279 7.00 -16.47 7.45
C TYR B 279 7.14 -16.51 5.92
N GLU B 280 6.89 -17.68 5.33
CA GLU B 280 6.89 -17.82 3.88
C GLU B 280 5.64 -17.19 3.26
N ALA B 281 4.48 -17.51 3.83
CA ALA B 281 3.20 -16.97 3.37
C ALA B 281 3.17 -15.44 3.37
N ILE B 282 3.86 -14.84 4.34
CA ILE B 282 3.93 -13.39 4.43
C ILE B 282 5.02 -12.81 3.53
N PHE B 283 6.28 -13.09 3.87
CA PHE B 283 7.43 -12.41 3.25
C PHE B 283 7.94 -13.07 1.96
N GLY B 284 7.57 -14.33 1.72
CA GLY B 284 8.00 -15.05 0.53
C GLY B 284 9.38 -15.66 0.63
N LYS B 285 9.91 -15.75 1.85
CA LYS B 285 11.22 -16.35 2.10
C LYS B 285 10.99 -17.80 2.55
N PRO B 286 11.82 -18.75 2.08
CA PRO B 286 11.68 -20.12 2.54
C PRO B 286 12.40 -20.35 3.87
N LYS B 287 11.66 -20.29 4.97
CA LYS B 287 12.25 -20.49 6.30
C LYS B 287 12.33 -21.99 6.62
N GLU B 288 13.48 -22.41 7.16
CA GLU B 288 13.75 -23.82 7.40
C GLU B 288 13.35 -24.26 8.80
N LYS B 289 13.02 -25.54 8.95
CA LYS B 289 12.59 -26.10 10.24
C LYS B 289 13.53 -27.22 10.70
N VAL B 290 14.11 -27.05 11.89
CA VAL B 290 14.93 -28.07 12.54
C VAL B 290 14.10 -28.76 13.62
N TYR B 291 14.07 -30.08 13.61
CA TYR B 291 13.22 -30.87 14.50
C TYR B 291 13.97 -31.28 15.77
N ALA B 292 13.24 -31.91 16.70
CA ALA B 292 13.81 -32.33 17.99
C ALA B 292 14.82 -33.47 17.86
N ASP B 293 14.85 -34.15 16.71
CA ASP B 293 15.81 -35.21 16.45
C ASP B 293 17.21 -34.63 16.23
N GLU B 294 17.31 -33.66 15.33
CA GLU B 294 18.60 -33.04 14.99
C GLU B 294 19.18 -32.21 16.13
N ILE B 295 18.31 -31.53 16.88
CA ILE B 295 18.74 -30.65 17.98
C ILE B 295 19.25 -31.43 19.18
N ALA B 296 18.47 -32.41 19.62
CA ALA B 296 18.84 -33.25 20.77
C ALA B 296 20.12 -34.02 20.50
N LYS B 297 20.22 -34.59 19.30
CA LYS B 297 21.43 -35.32 18.88
C LYS B 297 22.64 -34.38 18.79
N ALA B 298 22.43 -33.17 18.28
CA ALA B 298 23.50 -32.19 18.15
C ALA B 298 23.94 -31.62 19.50
N TRP B 299 23.00 -31.51 20.43
CA TRP B 299 23.29 -31.01 21.78
C TRP B 299 24.07 -32.04 22.60
N GLU B 300 23.62 -33.29 22.56
CA GLU B 300 24.28 -34.38 23.27
C GLU B 300 25.66 -34.71 22.68
N SER B 301 25.78 -34.57 21.35
CA SER B 301 27.06 -34.77 20.67
C SER B 301 28.01 -33.59 20.91
N GLY B 302 27.46 -32.38 20.91
CA GLY B 302 28.27 -31.16 20.97
C GLY B 302 28.89 -30.83 19.63
N GLU B 303 28.22 -31.25 18.55
CA GLU B 303 28.68 -31.03 17.19
C GLU B 303 27.51 -30.56 16.32
N ASN B 304 27.84 -29.79 15.27
CA ASN B 304 26.83 -29.17 14.40
C ASN B 304 25.88 -28.24 15.15
N LEU B 305 26.40 -27.54 16.15
CA LEU B 305 25.64 -26.52 16.89
C LEU B 305 25.59 -25.20 16.11
N GLU B 306 26.26 -25.16 14.96
CA GLU B 306 26.22 -24.02 14.05
C GLU B 306 24.79 -23.83 13.52
N ARG B 307 24.21 -24.93 13.05
CA ARG B 307 22.87 -24.92 12.45
C ARG B 307 21.78 -24.73 13.51
N VAL B 308 21.98 -25.32 14.68
CA VAL B 308 21.02 -25.22 15.78
C VAL B 308 20.94 -23.79 16.32
N ALA B 309 22.08 -23.12 16.40
CA ALA B 309 22.13 -21.72 16.85
C ALA B 309 21.50 -20.77 15.84
N LYS B 310 21.68 -21.08 14.56
CA LYS B 310 21.13 -20.26 13.47
C LYS B 310 19.62 -20.45 13.35
N TYR B 311 19.13 -21.64 13.72
CA TYR B 311 17.69 -21.90 13.78
C TYR B 311 17.03 -21.09 14.90
N SER B 312 17.76 -20.95 16.02
CA SER B 312 17.26 -20.22 17.18
C SER B 312 17.13 -18.72 16.93
N MET B 313 18.15 -18.15 16.28
CA MET B 313 18.16 -16.71 16.01
C MET B 313 17.12 -16.33 14.95
N GLU B 314 16.92 -17.20 13.97
CA GLU B 314 15.93 -16.98 12.91
C GLU B 314 14.50 -17.13 13.42
N ASP B 315 14.32 -18.00 14.41
CA ASP B 315 13.06 -18.06 15.15
C ASP B 315 12.72 -16.67 15.72
N ALA B 316 13.71 -16.05 16.37
CA ALA B 316 13.52 -14.75 16.99
C ALA B 316 13.46 -13.62 15.97
N LYS B 317 14.19 -13.77 14.86
CA LYS B 317 14.23 -12.75 13.81
C LYS B 317 12.91 -12.74 13.03
N ALA B 318 12.39 -13.93 12.75
CA ALA B 318 11.09 -14.07 12.08
C ALA B 318 9.95 -13.66 12.99
N THR B 319 10.08 -13.92 14.28
CA THR B 319 9.08 -13.54 15.27
C THR B 319 9.00 -12.02 15.41
N TYR B 320 10.14 -11.34 15.33
CA TYR B 320 10.18 -9.88 15.40
C TYR B 320 9.62 -9.24 14.12
N GLU B 321 10.06 -9.76 12.97
CA GLU B 321 9.64 -9.22 11.67
C GLU B 321 8.15 -9.42 11.39
N LEU B 322 7.60 -10.57 11.82
CA LEU B 322 6.15 -10.80 11.78
C LEU B 322 5.44 -9.90 12.79
N GLY B 323 6.08 -9.69 13.95
CA GLY B 323 5.55 -8.76 14.93
C GLY B 323 5.47 -7.35 14.37
N LYS B 324 6.52 -6.93 13.69
CA LYS B 324 6.61 -5.58 13.12
C LYS B 324 5.61 -5.38 11.97
N GLU B 325 5.17 -6.49 11.37
CA GLU B 325 4.20 -6.45 10.27
C GLU B 325 2.74 -6.46 10.75
N PHE B 326 2.45 -7.27 11.77
CA PHE B 326 1.08 -7.45 12.26
C PHE B 326 0.68 -6.48 13.37
N LEU B 327 1.66 -5.84 14.00
CA LEU B 327 1.41 -4.98 15.17
C LEU B 327 0.63 -3.70 14.82
N PRO B 328 0.99 -3.03 13.71
CA PRO B 328 0.21 -1.84 13.31
C PRO B 328 -1.26 -2.15 13.05
N MET B 329 -1.53 -3.26 12.36
CA MET B 329 -2.91 -3.72 12.16
C MET B 329 -3.59 -3.93 13.49
N GLU B 330 -2.89 -4.58 14.41
CA GLU B 330 -3.50 -5.01 15.66
C GLU B 330 -3.66 -3.88 16.68
N ILE B 331 -2.85 -2.82 16.58
CA ILE B 331 -3.03 -1.65 17.45
C ILE B 331 -4.13 -0.72 16.92
N GLN B 332 -4.30 -0.67 15.59
CA GLN B 332 -5.38 0.10 14.97
C GLN B 332 -6.73 -0.52 15.32
N LEU B 333 -6.80 -1.85 15.34
CA LEU B 333 -7.99 -2.57 15.79
C LEU B 333 -8.34 -2.20 17.22
N SER B 334 -7.36 -2.31 18.11
CA SER B 334 -7.54 -2.00 19.53
C SER B 334 -7.94 -0.54 19.71
N ARG B 335 -7.40 0.33 18.87
CA ARG B 335 -7.73 1.75 18.85
C ARG B 335 -9.16 1.97 18.34
N LEU B 336 -9.52 1.24 17.28
CA LEU B 336 -10.84 1.35 16.65
C LEU B 336 -11.95 0.73 17.50
N ILE B 337 -11.60 -0.29 18.29
CA ILE B 337 -12.55 -0.99 19.15
C ILE B 337 -12.57 -0.39 20.56
N GLY B 338 -11.44 0.13 21.02
CA GLY B 338 -11.35 0.81 22.30
C GLY B 338 -11.01 -0.08 23.48
N GLN B 339 -10.38 -1.23 23.21
CA GLN B 339 -9.92 -2.13 24.25
C GLN B 339 -8.42 -2.36 24.09
N PRO B 340 -7.75 -2.83 25.15
CA PRO B 340 -6.28 -3.01 25.08
C PRO B 340 -5.85 -4.11 24.10
N LEU B 341 -4.63 -3.97 23.58
CA LEU B 341 -4.09 -4.87 22.57
C LEU B 341 -3.93 -6.32 23.06
N TRP B 342 -3.66 -6.48 24.35
CA TRP B 342 -3.51 -7.81 24.94
C TRP B 342 -4.79 -8.61 24.72
N ASP B 343 -5.92 -7.98 24.99
CA ASP B 343 -7.22 -8.61 24.85
C ASP B 343 -7.64 -8.70 23.38
N VAL B 344 -7.43 -7.63 22.62
CA VAL B 344 -7.83 -7.57 21.21
C VAL B 344 -7.16 -8.66 20.37
N SER B 345 -5.87 -8.85 20.59
CA SER B 345 -5.07 -9.79 19.81
C SER B 345 -5.42 -11.26 20.04
N ARG B 346 -6.07 -11.56 21.17
CA ARG B 346 -6.52 -12.92 21.48
C ARG B 346 -8.03 -13.10 21.26
N SER B 347 -8.67 -12.05 20.76
CA SER B 347 -10.13 -12.04 20.59
C SER B 347 -10.54 -12.47 19.18
N SER B 348 -11.64 -13.21 19.08
CA SER B 348 -12.23 -13.58 17.79
C SER B 348 -12.86 -12.36 17.11
N THR B 349 -13.14 -12.47 15.82
CA THR B 349 -13.75 -11.40 15.05
C THR B 349 -15.10 -11.00 15.64
N GLY B 350 -15.93 -11.99 15.92
CA GLY B 350 -17.27 -11.77 16.47
C GLY B 350 -17.25 -11.02 17.79
N ASN B 351 -16.31 -11.38 18.66
CA ASN B 351 -16.17 -10.74 19.96
C ASN B 351 -15.61 -9.32 19.86
N LEU B 352 -14.71 -9.10 18.90
CA LEU B 352 -14.21 -7.75 18.58
C LEU B 352 -15.37 -6.80 18.25
N VAL B 353 -16.34 -7.28 17.48
CA VAL B 353 -17.51 -6.49 17.12
C VAL B 353 -18.38 -6.23 18.36
N GLU B 354 -18.56 -7.25 19.19
CA GLU B 354 -19.30 -7.10 20.44
C GLU B 354 -18.76 -5.93 21.27
N TRP B 355 -17.44 -5.88 21.47
CA TRP B 355 -16.82 -4.76 22.21
C TRP B 355 -17.01 -3.41 21.51
N PHE B 356 -16.98 -3.41 20.19
CA PHE B 356 -17.29 -2.22 19.39
C PHE B 356 -18.71 -1.73 19.70
N LEU B 357 -19.66 -2.67 19.73
CA LEU B 357 -21.07 -2.35 19.93
C LEU B 357 -21.41 -1.93 21.37
N LEU B 358 -20.64 -2.42 22.35
CA LEU B 358 -20.85 -2.05 23.74
C LEU B 358 -20.40 -0.61 24.02
N ARG B 359 -19.29 -0.23 23.42
CA ARG B 359 -18.79 1.14 23.50
C ARG B 359 -19.72 2.14 22.80
N LYS B 360 -20.15 1.79 21.59
CA LYS B 360 -21.02 2.66 20.80
C LYS B 360 -22.42 2.80 21.41
N ALA B 361 -22.95 1.70 21.94
CA ALA B 361 -24.23 1.72 22.63
C ALA B 361 -24.24 2.74 23.78
N TYR B 362 -23.14 2.79 24.53
CA TYR B 362 -22.98 3.77 25.60
C TYR B 362 -23.05 5.19 25.06
N GLU B 363 -22.27 5.45 24.02
CA GLU B 363 -22.24 6.76 23.37
C GLU B 363 -23.63 7.18 22.87
N ARG B 364 -24.41 6.22 22.40
CA ARG B 364 -25.75 6.48 21.87
C ARG B 364 -26.88 6.34 22.90
N ASN B 365 -26.53 6.18 24.18
CA ASN B 365 -27.52 6.05 25.27
C ASN B 365 -28.44 4.86 25.06
N GLU B 366 -27.87 3.72 24.69
CA GLU B 366 -28.65 2.54 24.34
C GLU B 366 -28.20 1.32 25.14
N VAL B 367 -29.12 0.77 25.94
CA VAL B 367 -28.82 -0.35 26.82
C VAL B 367 -28.50 -1.60 26.01
N ALA B 368 -27.44 -2.31 26.42
CA ALA B 368 -26.99 -3.50 25.70
C ALA B 368 -27.88 -4.69 26.05
N PRO B 369 -28.24 -5.50 25.05
CA PRO B 369 -28.92 -6.76 25.36
C PRO B 369 -27.99 -7.71 26.09
N ASN B 370 -28.56 -8.63 26.86
CA ASN B 370 -27.75 -9.57 27.62
C ASN B 370 -27.18 -10.68 26.73
N LYS B 371 -26.22 -11.41 27.26
CA LYS B 371 -25.79 -12.67 26.63
C LYS B 371 -26.97 -13.63 26.69
N PRO B 372 -27.03 -14.59 25.75
CA PRO B 372 -28.10 -15.57 25.80
C PRO B 372 -27.89 -16.57 26.94
N SER B 373 -28.98 -17.16 27.41
CA SER B 373 -28.91 -18.22 28.41
C SER B 373 -28.28 -19.46 27.79
N GLU B 374 -27.80 -20.38 28.63
CA GLU B 374 -27.25 -21.65 28.16
C GLU B 374 -28.22 -22.37 27.23
N GLU B 375 -29.52 -22.30 27.55
CA GLU B 375 -30.58 -22.87 26.73
C GLU B 375 -30.72 -22.13 25.40
N GLU B 376 -30.68 -20.81 25.44
CA GLU B 376 -30.76 -19.98 24.24
C GLU B 376 -29.50 -20.13 23.38
N TYR B 377 -28.34 -20.17 24.02
CA TYR B 377 -27.07 -20.37 23.33
C TYR B 377 -27.04 -21.68 22.56
N GLN B 378 -27.54 -22.75 23.18
CA GLN B 378 -27.57 -24.07 22.55
C GLN B 378 -28.63 -24.15 21.46
N ARG B 379 -29.70 -23.35 21.61
CA ARG B 379 -30.75 -23.23 20.59
C ARG B 379 -30.21 -22.52 19.34
N ARG B 380 -29.54 -21.38 19.55
CA ARG B 380 -28.95 -20.61 18.45
C ARG B 380 -27.92 -21.42 17.67
N LEU B 381 -27.13 -22.22 18.38
CA LEU B 381 -26.09 -23.05 17.77
C LEU B 381 -26.67 -24.17 16.92
N ARG B 382 -27.91 -24.56 17.19
CA ARG B 382 -28.60 -25.61 16.45
C ARG B 382 -29.09 -25.14 15.08
N GLU B 383 -29.43 -23.86 14.97
CA GLU B 383 -30.05 -23.32 13.76
C GLU B 383 -29.11 -23.29 12.55
N SER B 384 -29.68 -23.56 11.37
CA SER B 384 -28.94 -23.58 10.11
C SER B 384 -29.17 -22.29 9.34
N TYR B 385 -28.13 -21.84 8.63
CA TYR B 385 -28.17 -20.59 7.87
C TYR B 385 -27.95 -20.87 6.39
N THR B 386 -28.78 -20.27 5.54
CA THR B 386 -28.64 -20.43 4.09
C THR B 386 -27.38 -19.71 3.58
N GLY B 387 -26.82 -20.21 2.48
CA GLY B 387 -25.60 -19.65 1.91
C GLY B 387 -25.86 -18.72 0.75
N GLY B 388 -24.78 -18.23 0.14
CA GLY B 388 -24.88 -17.38 -1.05
C GLY B 388 -25.21 -18.21 -2.28
N PHE B 389 -25.66 -17.55 -3.33
CA PHE B 389 -26.04 -18.23 -4.56
C PHE B 389 -24.82 -18.79 -5.28
N VAL B 390 -24.82 -20.10 -5.50
CA VAL B 390 -23.76 -20.77 -6.25
C VAL B 390 -24.35 -21.53 -7.43
N LYS B 391 -23.94 -21.14 -8.64
CA LYS B 391 -24.47 -21.70 -9.88
C LYS B 391 -23.67 -22.93 -10.30
N GLU B 392 -24.35 -23.92 -10.87
CA GLU B 392 -23.66 -25.01 -11.57
C GLU B 392 -23.01 -24.41 -12.81
N PRO B 393 -21.68 -24.49 -12.90
CA PRO B 393 -20.99 -23.75 -13.95
C PRO B 393 -21.19 -24.33 -15.34
N GLU B 394 -21.08 -23.47 -16.35
CA GLU B 394 -21.09 -23.90 -17.75
C GLU B 394 -19.76 -24.61 -18.02
N LYS B 395 -19.84 -25.89 -18.39
CA LYS B 395 -18.64 -26.70 -18.58
C LYS B 395 -18.00 -26.43 -19.94
N GLY B 396 -16.78 -26.94 -20.13
CA GLY B 396 -16.01 -26.72 -21.35
C GLY B 396 -14.98 -25.63 -21.16
N LEU B 397 -14.10 -25.49 -22.15
CA LEU B 397 -13.05 -24.46 -22.12
C LEU B 397 -13.59 -23.16 -22.69
N TRP B 398 -13.30 -22.05 -22.02
CA TRP B 398 -13.78 -20.73 -22.43
C TRP B 398 -12.62 -19.73 -22.52
N ASP B 399 -12.60 -18.95 -23.59
CA ASP B 399 -11.60 -17.91 -23.80
C ASP B 399 -12.09 -16.56 -23.29
N ASP B 400 -11.14 -15.67 -23.01
CA ASP B 400 -11.43 -14.26 -22.72
C ASP B 400 -12.56 -14.06 -21.71
N ILE B 401 -12.29 -14.47 -20.47
CA ILE B 401 -13.28 -14.42 -19.40
C ILE B 401 -13.06 -13.17 -18.53
N VAL B 402 -14.15 -12.47 -18.24
CA VAL B 402 -14.09 -11.32 -17.33
C VAL B 402 -14.68 -11.73 -15.99
N TYR B 403 -14.11 -11.20 -14.91
CA TYR B 403 -14.63 -11.41 -13.57
C TYR B 403 -15.19 -10.10 -13.03
N LEU B 404 -16.43 -10.16 -12.55
CA LEU B 404 -17.10 -9.02 -11.94
C LEU B 404 -17.53 -9.39 -10.54
N ASP B 405 -17.44 -8.45 -9.60
CA ASP B 405 -17.94 -8.69 -8.24
C ASP B 405 -18.42 -7.43 -7.56
N PHE B 406 -19.13 -7.60 -6.45
CA PHE B 406 -19.68 -6.48 -5.69
C PHE B 406 -18.64 -5.90 -4.74
N ILE B 407 -18.85 -4.64 -4.36
CA ILE B 407 -18.00 -3.96 -3.39
C ILE B 407 -18.71 -3.98 -2.04
N ALA B 408 -18.09 -4.64 -1.06
CA ALA B 408 -18.65 -4.69 0.29
C ALA B 408 -20.10 -5.18 0.25
N LEU B 409 -20.33 -6.26 -0.48
CA LEU B 409 -21.68 -6.76 -0.76
C LEU B 409 -22.61 -6.76 0.46
N TYR B 410 -22.20 -7.45 1.52
CA TYR B 410 -23.06 -7.62 2.70
C TYR B 410 -23.17 -6.36 3.55
N PRO B 411 -22.04 -5.73 3.89
CA PRO B 411 -22.13 -4.43 4.55
C PRO B 411 -23.03 -3.42 3.79
N SER B 412 -22.91 -3.39 2.47
CA SER B 412 -23.70 -2.49 1.65
C SER B 412 -25.19 -2.80 1.70
N ILE B 413 -25.53 -4.09 1.73
CA ILE B 413 -26.92 -4.54 1.90
C ILE B 413 -27.46 -4.15 3.28
N ILE B 414 -26.66 -4.39 4.32
CA ILE B 414 -27.04 -4.03 5.68
C ILE B 414 -27.36 -2.54 5.80
N ILE B 415 -26.53 -1.70 5.22
CA ILE B 415 -26.70 -0.25 5.31
C ILE B 415 -27.86 0.23 4.44
N THR B 416 -27.89 -0.19 3.18
CA THR B 416 -28.90 0.29 2.23
C THR B 416 -30.34 -0.04 2.65
N HIS B 417 -30.54 -1.26 3.18
CA HIS B 417 -31.86 -1.69 3.62
C HIS B 417 -32.06 -1.59 5.14
N ASN B 418 -31.12 -0.91 5.82
CA ASN B 418 -31.23 -0.62 7.24
C ASN B 418 -31.46 -1.89 8.09
N VAL B 419 -30.67 -2.93 7.81
CA VAL B 419 -30.87 -4.26 8.39
C VAL B 419 -30.34 -4.34 9.82
N SER B 420 -31.25 -4.47 10.79
CA SER B 420 -30.88 -4.57 12.20
C SER B 420 -32.02 -5.10 13.07
N PRO B 421 -31.68 -5.60 14.28
CA PRO B 421 -32.71 -6.09 15.20
C PRO B 421 -33.59 -4.99 15.80
N ASP B 422 -33.10 -3.75 15.83
CA ASP B 422 -33.88 -2.63 16.33
C ASP B 422 -34.83 -2.05 15.28
N THR B 423 -34.76 -2.55 14.04
CA THR B 423 -35.66 -2.11 12.97
C THR B 423 -36.49 -3.25 12.36
N LEU B 424 -36.40 -4.45 12.95
CA LEU B 424 -37.12 -5.62 12.44
C LEU B 424 -38.59 -5.59 12.85
N ASN B 425 -39.48 -5.61 11.85
CA ASN B 425 -40.93 -5.69 12.09
C ASN B 425 -41.41 -4.77 13.20
N LEU B 426 -41.11 -3.48 13.07
CA LEU B 426 -41.53 -2.47 14.06
C LEU B 426 -43.00 -2.11 13.88
N GLU B 427 -43.68 -1.83 14.99
CA GLU B 427 -45.09 -1.45 14.97
C GLU B 427 -45.24 0.03 14.69
N GLY B 428 -46.16 0.36 13.78
CA GLY B 428 -46.42 1.75 13.41
C GLY B 428 -45.36 2.38 12.52
N CYS B 429 -44.53 1.53 11.90
CA CYS B 429 -43.47 2.02 11.01
C CYS B 429 -44.07 2.43 9.66
N LYS B 430 -43.73 3.64 9.22
CA LYS B 430 -44.39 4.26 8.08
C LYS B 430 -43.85 3.75 6.74
N ASN B 431 -42.54 3.51 6.67
CA ASN B 431 -41.92 2.96 5.47
C ASN B 431 -40.88 1.90 5.79
N TYR B 432 -40.94 0.78 5.08
CA TYR B 432 -40.03 -0.34 5.31
C TYR B 432 -39.66 -1.05 4.00
N ASP B 433 -38.50 -1.70 4.00
CA ASP B 433 -38.06 -2.52 2.88
C ASP B 433 -38.26 -3.99 3.24
N ILE B 434 -38.90 -4.73 2.35
CA ILE B 434 -39.19 -6.15 2.58
C ILE B 434 -38.09 -6.99 1.94
N ALA B 435 -37.55 -7.94 2.71
CA ALA B 435 -36.51 -8.85 2.22
C ALA B 435 -37.13 -9.89 1.28
N PRO B 436 -36.36 -10.33 0.27
CA PRO B 436 -36.88 -11.30 -0.69
C PRO B 436 -37.00 -12.70 -0.10
N GLN B 437 -38.04 -13.43 -0.49
CA GLN B 437 -38.26 -14.83 -0.08
C GLN B 437 -38.57 -14.98 1.42
N VAL B 438 -37.59 -14.69 2.27
CA VAL B 438 -37.74 -14.83 3.73
C VAL B 438 -38.77 -13.86 4.32
N GLY B 439 -38.93 -12.70 3.71
CA GLY B 439 -40.06 -11.82 3.99
C GLY B 439 -40.04 -11.02 5.30
N HIS B 440 -38.85 -10.69 5.78
CA HIS B 440 -38.71 -9.87 6.99
C HIS B 440 -38.76 -8.39 6.62
N LYS B 441 -39.57 -7.62 7.36
CA LYS B 441 -39.72 -6.18 7.10
C LYS B 441 -38.78 -5.39 7.99
N PHE B 442 -37.99 -4.49 7.39
CA PHE B 442 -37.07 -3.65 8.14
C PHE B 442 -37.42 -2.19 7.96
N CYS B 443 -37.58 -1.48 9.07
CA CYS B 443 -38.04 -0.10 9.08
C CYS B 443 -36.94 0.85 8.58
N LYS B 444 -37.34 1.89 7.85
CA LYS B 444 -36.41 2.85 7.28
C LYS B 444 -36.73 4.30 7.62
N ASP B 445 -37.52 4.51 8.69
CA ASP B 445 -37.80 5.85 9.20
C ASP B 445 -36.53 6.45 9.82
N ILE B 446 -35.96 5.74 10.80
CA ILE B 446 -34.73 6.16 11.48
C ILE B 446 -33.65 5.09 11.31
N PRO B 447 -32.39 5.50 11.06
CA PRO B 447 -31.33 4.51 10.87
C PRO B 447 -31.13 3.57 12.07
N GLY B 448 -30.89 2.29 11.77
CA GLY B 448 -30.70 1.28 12.81
C GLY B 448 -29.37 1.44 13.51
N PHE B 449 -29.26 0.84 14.70
CA PHE B 449 -28.07 0.93 15.54
C PHE B 449 -26.82 0.49 14.79
N ILE B 450 -26.85 -0.72 14.24
CA ILE B 450 -25.72 -1.29 13.50
C ILE B 450 -25.50 -0.66 12.12
N PRO B 451 -26.57 -0.55 11.29
CA PRO B 451 -26.43 0.13 9.99
C PRO B 451 -25.83 1.53 10.04
N SER B 452 -26.15 2.28 11.09
CA SER B 452 -25.62 3.64 11.26
C SER B 452 -24.12 3.59 11.53
N LEU B 453 -23.73 2.76 12.48
CA LEU B 453 -22.32 2.56 12.83
C LEU B 453 -21.52 2.02 11.65
N LEU B 454 -22.14 1.14 10.86
CA LEU B 454 -21.47 0.50 9.75
C LEU B 454 -21.25 1.48 8.60
N GLY B 455 -22.23 2.34 8.35
CA GLY B 455 -22.09 3.43 7.39
C GLY B 455 -20.97 4.38 7.76
N HIS B 456 -20.89 4.71 9.05
CA HIS B 456 -19.85 5.60 9.56
C HIS B 456 -18.45 5.02 9.41
N LEU B 457 -18.33 3.69 9.52
CA LEU B 457 -17.06 3.01 9.30
C LEU B 457 -16.62 3.13 7.84
N LEU B 458 -17.50 2.73 6.93
CA LEU B 458 -17.21 2.79 5.49
C LEU B 458 -16.92 4.21 5.02
N GLU B 459 -17.60 5.20 5.61
CA GLU B 459 -17.37 6.60 5.26
C GLU B 459 -15.94 7.00 5.60
N GLU B 460 -15.54 6.71 6.84
CA GLU B 460 -14.19 6.93 7.31
C GLU B 460 -13.15 6.29 6.38
N ARG B 461 -13.42 5.04 5.98
CA ARG B 461 -12.48 4.30 5.14
C ARG B 461 -12.22 5.00 3.79
N GLN B 462 -13.26 5.55 3.18
CA GLN B 462 -13.11 6.31 1.93
C GLN B 462 -12.33 7.60 2.15
N LYS B 463 -12.52 8.24 3.30
CA LYS B 463 -11.73 9.41 3.66
C LYS B 463 -10.24 9.08 3.75
N ILE B 464 -9.93 7.88 4.26
CA ILE B 464 -8.54 7.43 4.35
C ILE B 464 -7.98 7.15 2.96
N LYS B 465 -8.69 6.32 2.18
CA LYS B 465 -8.22 5.93 0.85
C LYS B 465 -8.06 7.12 -0.09
N THR B 466 -8.92 8.13 0.08
CA THR B 466 -8.82 9.38 -0.68
C THR B 466 -7.60 10.19 -0.25
N LYS B 467 -7.32 10.19 1.05
CA LYS B 467 -6.14 10.89 1.60
C LYS B 467 -4.85 10.21 1.14
N MET B 468 -4.87 8.88 1.05
CA MET B 468 -3.71 8.11 0.58
C MET B 468 -3.33 8.41 -0.87
N LYS B 469 -4.29 8.84 -1.69
CA LYS B 469 -4.01 9.25 -3.07
C LYS B 469 -3.22 10.57 -3.11
N GLU B 470 -3.49 11.46 -2.15
CA GLU B 470 -2.83 12.77 -2.09
C GLU B 470 -1.50 12.72 -1.35
N THR B 471 -1.50 12.08 -0.18
CA THR B 471 -0.36 12.16 0.75
C THR B 471 0.96 11.66 0.15
N GLN B 472 2.06 12.26 0.60
CA GLN B 472 3.41 11.94 0.11
C GLN B 472 4.27 11.25 1.18
N ASP B 473 4.09 11.67 2.43
CA ASP B 473 4.78 11.06 3.58
C ASP B 473 4.59 9.55 3.57
N PRO B 474 5.70 8.78 3.45
CA PRO B 474 5.59 7.32 3.40
C PRO B 474 5.20 6.67 4.72
N ILE B 475 5.48 7.35 5.83
CA ILE B 475 5.13 6.83 7.17
C ILE B 475 3.64 7.07 7.45
N GLU B 476 3.14 8.23 7.05
CA GLU B 476 1.71 8.56 7.18
C GLU B 476 0.85 7.70 6.27
N LYS B 477 1.34 7.43 5.06
CA LYS B 477 0.61 6.63 4.07
C LYS B 477 0.36 5.22 4.60
N ILE B 478 1.39 4.62 5.20
CA ILE B 478 1.29 3.26 5.70
C ILE B 478 0.42 3.16 6.96
N LEU B 479 0.41 4.22 7.78
CA LEU B 479 -0.47 4.28 8.95
C LEU B 479 -1.92 4.35 8.48
N LEU B 480 -2.20 5.29 7.57
CA LEU B 480 -3.51 5.38 6.92
C LEU B 480 -3.94 4.03 6.34
N ASP B 481 -3.00 3.36 5.66
CA ASP B 481 -3.26 2.04 5.10
C ASP B 481 -3.71 1.03 6.16
N TYR B 482 -3.06 1.04 7.32
CA TYR B 482 -3.43 0.15 8.42
C TYR B 482 -4.78 0.52 9.04
N ARG B 483 -5.03 1.82 9.27
CA ARG B 483 -6.34 2.30 9.73
C ARG B 483 -7.43 1.77 8.80
N GLN B 484 -7.23 1.98 7.51
CA GLN B 484 -8.13 1.52 6.46
C GLN B 484 -8.32 0.00 6.44
N LYS B 485 -7.25 -0.75 6.67
CA LYS B 485 -7.32 -2.22 6.77
C LYS B 485 -8.12 -2.68 7.98
N ALA B 486 -7.88 -2.04 9.12
CA ALA B 486 -8.57 -2.38 10.37
C ALA B 486 -10.08 -2.22 10.23
N ILE B 487 -10.52 -1.15 9.59
CA ILE B 487 -11.94 -0.88 9.34
C ILE B 487 -12.54 -1.89 8.37
N LYS B 488 -11.74 -2.36 7.42
CA LYS B 488 -12.20 -3.34 6.42
C LYS B 488 -12.66 -4.64 7.08
N LEU B 489 -11.75 -5.27 7.82
CA LEU B 489 -12.06 -6.52 8.52
C LEU B 489 -13.20 -6.34 9.52
N LEU B 490 -13.19 -5.24 10.26
CA LEU B 490 -14.26 -4.94 11.21
C LEU B 490 -15.61 -4.88 10.51
N ALA B 491 -15.68 -4.13 9.41
CA ALA B 491 -16.91 -3.97 8.64
C ALA B 491 -17.43 -5.29 8.08
N ASN B 492 -16.50 -6.18 7.69
CA ASN B 492 -16.84 -7.47 7.12
C ASN B 492 -17.12 -8.56 8.17
N SER B 493 -17.05 -8.18 9.46
CA SER B 493 -17.35 -9.10 10.55
C SER B 493 -18.80 -9.00 11.01
N PHE B 494 -19.45 -7.88 10.70
CA PHE B 494 -20.84 -7.62 11.14
C PHE B 494 -21.82 -8.68 10.67
N TYR B 495 -21.70 -9.11 9.41
CA TYR B 495 -22.56 -10.15 8.85
C TYR B 495 -22.53 -11.38 9.75
N GLY B 496 -21.35 -11.99 9.86
CA GLY B 496 -21.16 -13.18 10.69
C GLY B 496 -21.61 -13.01 12.13
N TYR B 497 -21.48 -11.80 12.66
CA TYR B 497 -21.91 -11.50 14.03
C TYR B 497 -23.42 -11.68 14.23
N TYR B 498 -24.21 -11.45 13.19
CA TYR B 498 -25.66 -11.66 13.30
C TYR B 498 -26.03 -13.14 13.50
N GLY B 499 -25.14 -14.04 13.08
CA GLY B 499 -25.31 -15.48 13.31
C GLY B 499 -24.40 -16.04 14.38
N TYR B 500 -23.76 -15.17 15.17
CA TYR B 500 -22.81 -15.55 16.21
C TYR B 500 -23.56 -15.91 17.50
N ALA B 501 -23.51 -17.19 17.86
CA ALA B 501 -24.32 -17.75 18.96
C ALA B 501 -24.23 -16.99 20.28
N LYS B 502 -23.04 -16.49 20.63
CA LYS B 502 -22.84 -15.77 21.89
C LYS B 502 -23.23 -14.29 21.83
N ALA B 503 -23.58 -13.79 20.64
CA ALA B 503 -23.79 -12.35 20.43
C ALA B 503 -24.97 -11.77 21.20
N ARG B 504 -24.76 -10.58 21.78
CA ARG B 504 -25.82 -9.84 22.45
C ARG B 504 -26.82 -9.28 21.43
N TRP B 505 -26.30 -8.71 20.35
CA TRP B 505 -27.13 -8.20 19.26
C TRP B 505 -27.34 -9.26 18.16
N TYR B 506 -27.41 -10.52 18.57
CA TYR B 506 -27.73 -11.64 17.68
C TYR B 506 -29.08 -11.43 17.00
N CYS B 507 -29.17 -11.87 15.75
CA CYS B 507 -30.39 -11.72 14.95
C CYS B 507 -30.32 -12.64 13.72
N LYS B 508 -31.00 -13.78 13.81
CA LYS B 508 -31.04 -14.74 12.71
C LYS B 508 -31.75 -14.14 11.48
N GLU B 509 -32.83 -13.40 11.72
CA GLU B 509 -33.61 -12.80 10.64
C GLU B 509 -32.81 -11.74 9.88
N CYS B 510 -31.95 -11.03 10.60
CA CYS B 510 -31.06 -10.06 9.97
C CYS B 510 -30.07 -10.76 9.04
N ALA B 511 -29.55 -11.91 9.49
CA ALA B 511 -28.62 -12.70 8.69
C ALA B 511 -29.30 -13.36 7.48
N GLU B 512 -30.54 -13.81 7.66
CA GLU B 512 -31.34 -14.37 6.56
C GLU B 512 -31.56 -13.38 5.42
N SER B 513 -31.93 -12.16 5.79
CA SER B 513 -32.31 -11.14 4.83
C SER B 513 -31.13 -10.60 4.02
N VAL B 514 -29.97 -10.45 4.67
CA VAL B 514 -28.75 -10.00 3.99
C VAL B 514 -28.38 -11.03 2.92
N THR B 515 -28.27 -12.30 3.32
CA THR B 515 -27.97 -13.40 2.40
C THR B 515 -29.03 -13.51 1.31
N ALA B 516 -30.29 -13.24 1.67
CA ALA B 516 -31.39 -13.25 0.71
C ALA B 516 -31.24 -12.14 -0.32
N TRP B 517 -31.03 -10.92 0.14
CA TRP B 517 -30.79 -9.78 -0.75
C TRP B 517 -29.58 -10.02 -1.66
N GLY B 518 -28.52 -10.60 -1.11
CA GLY B 518 -27.33 -10.95 -1.90
C GLY B 518 -27.66 -11.75 -3.14
N ARG B 519 -28.49 -12.78 -2.99
CA ARG B 519 -28.88 -13.65 -4.09
C ARG B 519 -29.73 -12.90 -5.13
N LYS B 520 -30.57 -12.00 -4.67
CA LYS B 520 -31.40 -11.17 -5.54
C LYS B 520 -30.54 -10.31 -6.47
N TYR B 521 -29.59 -9.58 -5.89
CA TYR B 521 -28.77 -8.63 -6.66
C TYR B 521 -27.76 -9.30 -7.59
N ILE B 522 -27.28 -10.48 -7.21
CA ILE B 522 -26.39 -11.25 -8.08
C ILE B 522 -27.17 -11.80 -9.28
N GLU B 523 -28.43 -12.18 -9.03
CA GLU B 523 -29.33 -12.61 -10.09
C GLU B 523 -29.75 -11.45 -10.98
N LEU B 524 -29.89 -10.26 -10.40
CA LEU B 524 -30.17 -9.05 -11.18
C LEU B 524 -29.00 -8.72 -12.11
N VAL B 525 -27.77 -8.84 -11.58
CA VAL B 525 -26.57 -8.68 -12.39
C VAL B 525 -26.52 -9.76 -13.48
N TRP B 526 -26.88 -10.99 -13.11
CA TRP B 526 -26.89 -12.13 -14.03
C TRP B 526 -27.90 -11.90 -15.15
N LYS B 527 -29.14 -11.61 -14.78
CA LYS B 527 -30.21 -11.34 -15.73
C LYS B 527 -29.83 -10.27 -16.76
N GLU B 528 -29.35 -9.12 -16.26
CA GLU B 528 -29.07 -7.96 -17.11
C GLU B 528 -27.83 -8.12 -17.99
N LEU B 529 -26.83 -8.82 -17.47
CA LEU B 529 -25.59 -9.06 -18.21
C LEU B 529 -25.84 -9.88 -19.47
N GLU B 530 -26.78 -10.83 -19.38
CA GLU B 530 -27.12 -11.68 -20.52
C GLU B 530 -28.19 -11.07 -21.40
N GLU B 531 -29.30 -10.63 -20.79
CA GLU B 531 -30.46 -10.12 -21.54
C GLU B 531 -30.20 -8.83 -22.31
N LYS B 532 -29.40 -7.93 -21.74
CA LYS B 532 -29.20 -6.62 -22.34
C LYS B 532 -27.83 -6.41 -22.99
N PHE B 533 -26.79 -7.09 -22.48
CA PHE B 533 -25.42 -6.93 -23.00
C PHE B 533 -24.88 -8.13 -23.77
N GLY B 534 -25.66 -9.21 -23.83
CA GLY B 534 -25.35 -10.36 -24.69
C GLY B 534 -24.15 -11.19 -24.25
N PHE B 535 -23.83 -11.14 -22.95
CA PHE B 535 -22.78 -11.97 -22.38
C PHE B 535 -23.32 -13.37 -22.07
N LYS B 536 -22.42 -14.30 -21.81
CA LYS B 536 -22.79 -15.61 -21.30
C LYS B 536 -22.11 -15.81 -19.94
N VAL B 537 -22.93 -15.89 -18.88
CA VAL B 537 -22.41 -16.11 -17.53
C VAL B 537 -22.03 -17.58 -17.34
N LEU B 538 -20.75 -17.81 -17.03
CA LEU B 538 -20.21 -19.16 -16.90
C LEU B 538 -20.31 -19.70 -15.48
N TYR B 539 -20.12 -18.85 -14.47
CA TYR B 539 -20.06 -19.29 -13.07
C TYR B 539 -20.38 -18.14 -12.12
N ILE B 540 -21.09 -18.45 -11.03
CA ILE B 540 -21.46 -17.48 -10.01
C ILE B 540 -21.18 -18.06 -8.61
N ASP B 541 -20.57 -17.25 -7.75
CA ASP B 541 -20.37 -17.64 -6.35
C ASP B 541 -20.58 -16.44 -5.42
N THR B 542 -21.82 -16.28 -4.96
CA THR B 542 -22.18 -15.33 -3.90
C THR B 542 -22.08 -13.86 -4.32
N ASP B 543 -20.86 -13.33 -4.44
CA ASP B 543 -20.67 -11.92 -4.75
C ASP B 543 -19.90 -11.66 -6.06
N GLY B 544 -19.63 -12.72 -6.82
CA GLY B 544 -18.89 -12.58 -8.08
C GLY B 544 -19.43 -13.45 -9.21
N LEU B 545 -19.10 -13.07 -10.45
CA LEU B 545 -19.47 -13.83 -11.65
C LEU B 545 -18.34 -13.86 -12.68
N HIS B 546 -18.15 -15.02 -13.33
CA HIS B 546 -17.28 -15.14 -14.49
C HIS B 546 -18.14 -15.11 -15.74
N ALA B 547 -17.71 -14.38 -16.77
CA ALA B 547 -18.51 -14.19 -17.98
C ALA B 547 -17.68 -13.91 -19.23
N THR B 548 -18.31 -14.08 -20.39
CA THR B 548 -17.68 -13.76 -21.68
C THR B 548 -18.74 -13.52 -22.76
N ILE B 549 -18.29 -13.02 -23.92
CA ILE B 549 -19.12 -12.98 -25.13
C ILE B 549 -18.58 -14.11 -26.01
N PRO B 550 -19.15 -15.33 -25.87
CA PRO B 550 -18.51 -16.55 -26.37
C PRO B 550 -17.89 -16.42 -27.77
N GLY B 551 -16.56 -16.50 -27.83
CA GLY B 551 -15.85 -16.43 -29.10
C GLY B 551 -15.58 -15.02 -29.61
N GLY B 552 -16.06 -14.02 -28.87
CA GLY B 552 -15.91 -12.62 -29.27
C GLY B 552 -14.49 -12.13 -29.12
N GLU B 553 -14.27 -10.86 -29.45
CA GLU B 553 -12.92 -10.29 -29.46
C GLU B 553 -12.50 -9.81 -28.07
N SER B 554 -11.23 -10.02 -27.75
CA SER B 554 -10.69 -9.71 -26.42
C SER B 554 -10.91 -8.23 -26.03
N GLU B 555 -10.76 -7.33 -27.00
CA GLU B 555 -10.87 -5.89 -26.74
C GLU B 555 -12.32 -5.47 -26.53
N GLU B 556 -13.23 -6.03 -27.32
CA GLU B 556 -14.66 -5.72 -27.23
C GLU B 556 -15.27 -6.24 -25.92
N ILE B 557 -14.80 -7.41 -25.47
CA ILE B 557 -15.31 -8.04 -24.25
C ILE B 557 -15.00 -7.21 -23.01
N LYS B 558 -13.78 -6.69 -22.92
CA LYS B 558 -13.40 -5.78 -21.83
C LYS B 558 -14.21 -4.50 -21.89
N LYS B 559 -14.23 -3.89 -23.08
CA LYS B 559 -14.95 -2.63 -23.33
C LYS B 559 -16.40 -2.73 -22.86
N LYS B 560 -17.11 -3.75 -23.32
CA LYS B 560 -18.53 -3.93 -22.98
C LYS B 560 -18.75 -4.19 -21.48
N ALA B 561 -17.83 -4.91 -20.85
CA ALA B 561 -17.90 -5.18 -19.41
C ALA B 561 -17.79 -3.88 -18.60
N LEU B 562 -16.90 -2.98 -19.02
CA LEU B 562 -16.78 -1.67 -18.38
C LEU B 562 -18.07 -0.85 -18.53
N GLU B 563 -18.70 -0.98 -19.69
CA GLU B 563 -19.98 -0.30 -19.94
C GLU B 563 -21.12 -0.93 -19.15
N PHE B 564 -21.03 -2.23 -18.85
CA PHE B 564 -22.07 -2.91 -18.09
C PHE B 564 -22.13 -2.44 -16.63
N VAL B 565 -20.98 -2.21 -16.01
CA VAL B 565 -20.96 -1.82 -14.59
C VAL B 565 -21.48 -0.40 -14.41
N LYS B 566 -21.25 0.46 -15.40
CA LYS B 566 -21.83 1.80 -15.42
C LYS B 566 -23.35 1.72 -15.45
N TYR B 567 -23.87 0.92 -16.37
CA TYR B 567 -25.31 0.72 -16.51
C TYR B 567 -25.91 0.08 -15.25
N ILE B 568 -25.38 -1.08 -14.86
CA ILE B 568 -25.96 -1.84 -13.74
C ILE B 568 -25.91 -1.11 -12.41
N ASN B 569 -24.93 -0.22 -12.22
CA ASN B 569 -24.83 0.58 -10.99
C ASN B 569 -25.88 1.70 -10.91
N SER B 570 -26.48 2.05 -12.05
CA SER B 570 -27.58 3.00 -12.08
C SER B 570 -28.91 2.32 -11.68
N LYS B 571 -28.94 1.00 -11.75
CA LYS B 571 -30.12 0.22 -11.40
C LYS B 571 -29.96 -0.54 -10.07
N LEU B 572 -28.78 -0.41 -9.46
CA LEU B 572 -28.55 -0.92 -8.11
C LEU B 572 -28.78 0.21 -7.11
N PRO B 573 -29.54 -0.06 -6.02
CA PRO B 573 -29.88 0.99 -5.06
C PRO B 573 -28.83 1.21 -3.97
N GLY B 574 -28.71 2.45 -3.51
CA GLY B 574 -27.82 2.81 -2.42
C GLY B 574 -26.36 2.47 -2.66
N LEU B 575 -25.70 1.95 -1.62
CA LEU B 575 -24.30 1.57 -1.65
C LEU B 575 -23.96 0.36 -2.53
N LEU B 576 -24.95 -0.47 -2.85
CA LEU B 576 -24.72 -1.66 -3.69
C LEU B 576 -24.06 -1.28 -5.01
N GLU B 577 -22.81 -1.75 -5.19
CA GLU B 577 -22.01 -1.37 -6.35
C GLU B 577 -21.21 -2.55 -6.89
N LEU B 578 -21.16 -2.64 -8.21
CA LEU B 578 -20.38 -3.67 -8.90
C LEU B 578 -19.10 -3.03 -9.44
N GLU B 579 -18.06 -3.85 -9.60
CA GLU B 579 -16.78 -3.39 -10.15
C GLU B 579 -16.23 -4.41 -11.14
N TYR B 580 -15.45 -3.93 -12.10
CA TYR B 580 -14.66 -4.80 -12.96
C TYR B 580 -13.44 -5.24 -12.16
N GLU B 581 -13.24 -6.55 -12.06
CA GLU B 581 -12.21 -7.10 -11.17
C GLU B 581 -11.00 -7.64 -11.93
N GLY B 582 -11.21 -8.39 -13.01
CA GLY B 582 -10.09 -8.96 -13.76
C GLY B 582 -10.44 -9.70 -15.04
N PHE B 583 -9.40 -9.95 -15.84
CA PHE B 583 -9.52 -10.61 -17.14
C PHE B 583 -8.64 -11.86 -17.20
N TYR B 584 -9.17 -12.93 -17.77
CA TYR B 584 -8.43 -14.19 -17.89
C TYR B 584 -8.43 -14.68 -19.34
N LYS B 585 -7.24 -15.01 -19.85
CA LYS B 585 -7.08 -15.50 -21.23
C LYS B 585 -8.03 -16.65 -21.51
N ARG B 586 -8.02 -17.63 -20.62
CA ARG B 586 -9.00 -18.71 -20.67
C ARG B 586 -9.18 -19.36 -19.31
N GLY B 587 -10.10 -20.32 -19.24
CA GLY B 587 -10.40 -21.03 -18.01
C GLY B 587 -11.48 -22.07 -18.22
N PHE B 588 -11.60 -22.98 -17.25
CA PHE B 588 -12.63 -24.01 -17.29
C PHE B 588 -13.17 -24.25 -15.88
N PHE B 589 -14.46 -24.58 -15.81
CA PHE B 589 -15.14 -24.81 -14.54
C PHE B 589 -15.70 -26.23 -14.55
N VAL B 590 -15.24 -27.06 -13.61
CA VAL B 590 -15.67 -28.45 -13.52
C VAL B 590 -17.00 -28.54 -12.79
N THR B 591 -17.00 -28.10 -11.54
CA THR B 591 -18.21 -28.07 -10.71
C THR B 591 -18.16 -26.84 -9.79
N LYS B 592 -19.12 -26.74 -8.87
CA LYS B 592 -19.13 -25.69 -7.87
C LYS B 592 -17.85 -25.72 -7.04
N LYS B 593 -17.26 -24.55 -6.83
CA LYS B 593 -16.00 -24.40 -6.07
C LYS B 593 -14.85 -25.23 -6.63
N ARG B 594 -14.87 -25.49 -7.94
CA ARG B 594 -13.83 -26.29 -8.60
C ARG B 594 -13.59 -25.79 -10.03
N TYR B 595 -12.57 -24.95 -10.21
CA TYR B 595 -12.24 -24.40 -11.52
C TYR B 595 -10.77 -24.00 -11.63
N ALA B 596 -10.36 -23.64 -12.84
CA ALA B 596 -9.00 -23.18 -13.11
C ALA B 596 -9.04 -22.08 -14.15
N VAL B 597 -8.29 -21.00 -13.91
CA VAL B 597 -8.18 -19.89 -14.87
C VAL B 597 -6.75 -19.36 -14.94
N ILE B 598 -6.46 -18.59 -15.98
CA ILE B 598 -5.13 -18.04 -16.20
C ILE B 598 -5.23 -16.61 -16.74
N ASP B 599 -4.52 -15.67 -16.11
CA ASP B 599 -4.56 -14.27 -16.50
C ASP B 599 -3.69 -14.01 -17.72
N GLU B 600 -3.65 -12.76 -18.19
CA GLU B 600 -2.89 -12.42 -19.40
C GLU B 600 -1.38 -12.59 -19.23
N GLU B 601 -0.88 -12.41 -18.01
CA GLU B 601 0.55 -12.57 -17.73
C GLU B 601 0.99 -14.03 -17.69
N GLY B 602 0.04 -14.96 -17.55
CA GLY B 602 0.32 -16.39 -17.54
C GLY B 602 0.23 -17.04 -16.17
N LYS B 603 -0.10 -16.25 -15.14
CA LYS B 603 -0.28 -16.77 -13.79
C LYS B 603 -1.61 -17.50 -13.70
N VAL B 604 -1.56 -18.79 -13.37
CA VAL B 604 -2.77 -19.60 -13.23
C VAL B 604 -3.31 -19.50 -11.80
N ILE B 605 -4.62 -19.64 -11.66
CA ILE B 605 -5.25 -19.75 -10.34
C ILE B 605 -6.27 -20.88 -10.35
N THR B 606 -6.08 -21.83 -9.42
CA THR B 606 -6.94 -23.00 -9.29
C THR B 606 -7.61 -23.02 -7.92
N ARG B 607 -8.66 -23.81 -7.80
CA ARG B 607 -9.40 -23.93 -6.55
C ARG B 607 -10.16 -25.26 -6.53
N GLY B 608 -9.61 -26.25 -5.83
CA GLY B 608 -10.25 -27.56 -5.70
C GLY B 608 -9.67 -28.66 -6.59
N LEU B 609 -8.45 -28.45 -7.08
CA LEU B 609 -7.72 -29.46 -7.86
C LEU B 609 -6.26 -29.37 -7.43
N GLU B 610 -5.87 -30.17 -6.43
CA GLU B 610 -4.63 -29.92 -5.69
C GLU B 610 -3.80 -31.19 -5.43
N ILE B 611 -2.98 -31.14 -4.37
CA ILE B 611 -2.02 -32.18 -4.03
C ILE B 611 -2.28 -32.70 -2.62
N ASP B 615 -0.92 -38.50 1.27
CA ASP B 615 -1.22 -39.73 0.55
C ASP B 615 -1.22 -39.47 -0.95
N TRP B 616 -0.21 -38.72 -1.42
CA TRP B 616 -0.12 -38.36 -2.84
C TRP B 616 1.30 -38.51 -3.40
N SER B 617 1.38 -39.05 -4.61
CA SER B 617 2.64 -39.34 -5.27
C SER B 617 3.07 -38.16 -6.14
N GLU B 618 4.35 -38.14 -6.49
CA GLU B 618 4.90 -37.07 -7.33
C GLU B 618 4.64 -37.33 -8.81
N ILE B 619 4.36 -38.59 -9.18
CA ILE B 619 3.98 -38.93 -10.55
C ILE B 619 2.58 -38.41 -10.87
N ALA B 620 1.69 -38.44 -9.88
CA ALA B 620 0.34 -37.91 -10.02
C ALA B 620 0.36 -36.38 -10.00
N LYS B 621 1.20 -35.82 -9.13
CA LYS B 621 1.34 -34.37 -9.00
C LYS B 621 1.90 -33.74 -10.28
N GLU B 622 2.91 -34.39 -10.87
CA GLU B 622 3.53 -33.90 -12.09
C GLU B 622 2.59 -34.03 -13.31
N THR B 623 1.95 -35.19 -13.44
CA THR B 623 1.05 -35.44 -14.56
C THR B 623 -0.18 -34.53 -14.52
N GLN B 624 -0.73 -34.35 -13.32
CA GLN B 624 -1.91 -33.49 -13.14
C GLN B 624 -1.58 -32.02 -13.37
N ALA B 625 -0.43 -31.57 -12.89
CA ALA B 625 0.02 -30.19 -13.09
C ALA B 625 0.31 -29.92 -14.56
N ARG B 626 0.85 -30.92 -15.26
CA ARG B 626 1.16 -30.81 -16.69
C ARG B 626 -0.10 -30.75 -17.56
N VAL B 627 -1.17 -31.38 -17.09
CA VAL B 627 -2.47 -31.33 -17.77
C VAL B 627 -3.08 -29.93 -17.66
N LEU B 628 -2.92 -29.30 -16.49
CA LEU B 628 -3.35 -27.91 -16.29
C LEU B 628 -2.60 -26.94 -17.20
N GLU B 629 -1.30 -27.14 -17.36
CA GLU B 629 -0.48 -26.25 -18.19
C GLU B 629 -0.86 -26.37 -19.66
N THR B 630 -1.01 -27.60 -20.15
CA THR B 630 -1.36 -27.85 -21.55
C THR B 630 -2.78 -27.34 -21.89
N ILE B 631 -3.65 -27.24 -20.89
CA ILE B 631 -5.02 -26.76 -21.07
C ILE B 631 -5.12 -25.25 -20.90
N LEU B 632 -4.43 -24.68 -19.92
CA LEU B 632 -4.52 -23.25 -19.62
C LEU B 632 -3.64 -22.37 -20.52
N LYS B 633 -2.37 -22.73 -20.64
CA LYS B 633 -1.41 -21.93 -21.42
C LYS B 633 -1.55 -22.16 -22.92
N HIS B 634 -1.58 -23.42 -23.33
CA HIS B 634 -1.63 -23.78 -24.75
C HIS B 634 -3.04 -23.92 -25.29
N GLY B 635 -3.97 -24.34 -24.44
CA GLY B 635 -5.38 -24.46 -24.83
C GLY B 635 -5.64 -25.65 -25.72
N ASP B 636 -5.30 -26.84 -25.23
CA ASP B 636 -5.45 -28.07 -26.00
C ASP B 636 -5.75 -29.26 -25.08
N VAL B 637 -7.03 -29.60 -24.96
CA VAL B 637 -7.48 -30.72 -24.12
C VAL B 637 -7.09 -32.06 -24.74
N GLU B 638 -6.97 -32.11 -26.07
CA GLU B 638 -6.54 -33.32 -26.77
C GLU B 638 -5.14 -33.74 -26.34
N GLU B 639 -4.24 -32.76 -26.21
CA GLU B 639 -2.87 -33.01 -25.77
C GLU B 639 -2.80 -33.45 -24.30
N ALA B 640 -3.74 -32.95 -23.50
CA ALA B 640 -3.83 -33.34 -22.08
C ALA B 640 -4.18 -34.83 -21.95
N VAL B 641 -5.03 -35.33 -22.84
CA VAL B 641 -5.43 -36.74 -22.85
C VAL B 641 -4.27 -37.63 -23.31
N ARG B 642 -3.58 -37.21 -24.36
CA ARG B 642 -2.41 -37.94 -24.88
C ARG B 642 -1.32 -38.08 -23.83
N ILE B 643 -1.05 -36.99 -23.12
CA ILE B 643 -0.07 -36.98 -22.02
C ILE B 643 -0.40 -38.02 -20.96
N VAL B 644 -1.69 -38.13 -20.61
CA VAL B 644 -2.14 -39.11 -19.63
C VAL B 644 -1.99 -40.55 -20.16
N LYS B 645 -2.29 -40.73 -21.45
CA LYS B 645 -2.12 -42.03 -22.11
C LYS B 645 -0.64 -42.45 -22.15
N GLU B 646 0.25 -41.48 -22.34
CA GLU B 646 1.70 -41.73 -22.30
C GLU B 646 2.19 -42.07 -20.89
N VAL B 647 1.58 -41.46 -19.87
CA VAL B 647 1.99 -41.69 -18.48
C VAL B 647 1.66 -43.10 -18.01
N ILE B 648 0.46 -43.58 -18.32
CA ILE B 648 0.08 -44.97 -17.99
C ILE B 648 0.90 -45.98 -18.80
N GLN B 649 1.25 -45.62 -20.04
CA GLN B 649 2.18 -46.40 -20.86
C GLN B 649 3.59 -46.40 -20.26
N LYS B 650 3.98 -45.28 -19.66
CA LYS B 650 5.27 -45.15 -19.00
C LYS B 650 5.36 -46.10 -17.80
N LEU B 651 4.25 -46.26 -17.08
CA LEU B 651 4.18 -47.15 -15.92
C LEU B 651 4.30 -48.63 -16.32
N ALA B 652 3.80 -48.97 -17.51
CA ALA B 652 3.92 -50.32 -18.04
C ALA B 652 5.35 -50.65 -18.46
N ASN B 653 6.11 -49.62 -18.85
CA ASN B 653 7.51 -49.79 -19.24
C ASN B 653 8.46 -49.99 -18.06
N TYR B 654 8.00 -49.65 -16.85
CA TYR B 654 8.86 -49.59 -15.66
C TYR B 654 10.02 -48.60 -15.86
N GLU B 655 9.74 -47.52 -16.57
CA GLU B 655 10.72 -46.47 -16.85
C GLU B 655 10.57 -45.30 -15.88
N ILE B 656 9.41 -45.18 -15.24
CA ILE B 656 9.17 -44.12 -14.27
C ILE B 656 10.03 -44.33 -13.03
N PRO B 657 10.76 -43.29 -12.59
CA PRO B 657 11.59 -43.37 -11.38
C PRO B 657 10.80 -43.85 -10.15
N PRO B 658 11.39 -44.77 -9.36
CA PRO B 658 10.76 -45.21 -8.11
C PRO B 658 10.63 -44.09 -7.08
N GLU B 659 11.52 -43.11 -7.14
CA GLU B 659 11.50 -41.97 -6.21
C GLU B 659 10.24 -41.11 -6.35
N LYS B 660 9.72 -41.03 -7.58
CA LYS B 660 8.46 -40.33 -7.83
C LYS B 660 7.25 -41.08 -7.27
N LEU B 661 7.31 -42.41 -7.30
CA LEU B 661 6.19 -43.27 -6.88
C LEU B 661 6.00 -43.35 -5.36
N ALA B 662 6.90 -42.72 -4.59
CA ALA B 662 6.83 -42.76 -3.13
C ALA B 662 5.56 -42.06 -2.61
N ILE B 663 4.99 -42.61 -1.55
CA ILE B 663 3.78 -42.07 -0.93
C ILE B 663 4.00 -41.98 0.58
N TYR B 664 4.10 -40.75 1.10
CA TYR B 664 4.41 -40.52 2.50
C TYR B 664 3.15 -40.30 3.33
N GLU B 665 2.99 -41.11 4.38
CA GLU B 665 1.88 -40.98 5.33
C GLU B 665 2.39 -41.01 6.77
N GLN B 666 1.58 -40.50 7.69
CA GLN B 666 1.96 -40.36 9.10
C GLN B 666 1.22 -41.37 9.98
N ILE B 667 1.85 -41.75 11.09
CA ILE B 667 1.28 -42.70 12.04
C ILE B 667 0.71 -41.99 13.25
N THR B 668 -0.54 -42.32 13.62
CA THR B 668 -1.19 -41.71 14.77
C THR B 668 -0.73 -42.39 16.06
N ALA B 676 -7.43 -51.84 10.00
CA ALA B 676 -6.52 -52.28 11.06
C ALA B 676 -5.08 -52.30 10.56
N ILE B 677 -4.87 -52.91 9.39
CA ILE B 677 -3.55 -53.03 8.79
C ILE B 677 -3.48 -52.24 7.48
N GLY B 678 -3.07 -50.97 7.58
CA GLY B 678 -2.88 -50.12 6.40
C GLY B 678 -1.50 -50.33 5.79
N PRO B 679 -1.12 -49.49 4.82
CA PRO B 679 0.20 -49.56 4.17
C PRO B 679 1.41 -49.42 5.11
N HIS B 680 1.18 -49.13 6.38
CA HIS B 680 2.26 -49.00 7.37
C HIS B 680 2.65 -50.34 8.02
N VAL B 681 2.43 -51.45 7.33
CA VAL B 681 2.96 -52.75 7.75
C VAL B 681 4.46 -52.80 7.43
N ALA B 682 4.90 -52.01 6.46
CA ALA B 682 6.32 -51.85 6.15
C ALA B 682 7.08 -51.25 7.33
N VAL B 683 6.41 -50.40 8.09
CA VAL B 683 6.97 -49.84 9.33
C VAL B 683 7.09 -50.94 10.39
N ALA B 684 6.10 -51.83 10.43
CA ALA B 684 6.14 -52.99 11.31
C ALA B 684 7.28 -53.95 10.96
N LYS B 685 7.53 -54.12 9.66
CA LYS B 685 8.64 -54.95 9.18
C LYS B 685 10.00 -54.30 9.50
N LYS B 686 10.08 -52.98 9.33
CA LYS B 686 11.28 -52.22 9.68
C LYS B 686 11.51 -52.19 11.19
N LEU B 687 10.41 -52.16 11.95
CA LEU B 687 10.46 -52.16 13.41
C LEU B 687 11.01 -53.48 13.97
N ALA B 688 10.74 -54.57 13.27
CA ALA B 688 11.17 -55.91 13.70
C ALA B 688 12.69 -56.02 13.81
N ALA B 689 13.41 -55.39 12.88
CA ALA B 689 14.88 -55.38 12.89
C ALA B 689 15.43 -54.03 13.33
N LYS B 690 14.94 -53.55 14.47
CA LYS B 690 15.40 -52.28 15.07
C LYS B 690 15.18 -51.07 14.14
N GLY B 691 13.99 -50.49 14.21
CA GLY B 691 13.64 -49.32 13.42
C GLY B 691 13.53 -48.06 14.27
N VAL B 692 12.33 -47.82 14.78
CA VAL B 692 12.05 -46.64 15.62
C VAL B 692 12.53 -46.89 17.05
N PRO B 696 6.04 -42.64 18.41
CA PRO B 696 6.41 -41.32 17.90
C PRO B 696 5.84 -41.03 16.52
N GLY B 697 5.32 -39.82 16.33
CA GLY B 697 4.75 -39.41 15.03
C GLY B 697 5.83 -39.15 14.00
N MET B 698 6.02 -40.09 13.08
CA MET B 698 7.04 -40.00 12.04
C MET B 698 6.42 -40.20 10.66
N VAL B 699 7.06 -39.62 9.64
CA VAL B 699 6.63 -39.76 8.25
C VAL B 699 7.37 -40.93 7.59
N ILE B 700 6.62 -41.83 6.97
CA ILE B 700 7.19 -43.02 6.34
C ILE B 700 6.72 -43.16 4.89
N GLY B 701 7.67 -43.22 3.96
CA GLY B 701 7.37 -43.44 2.54
C GLY B 701 7.41 -44.92 2.18
N TYR B 702 6.72 -45.28 1.09
CA TYR B 702 6.67 -46.67 0.65
C TYR B 702 6.36 -46.78 -0.85
N ILE B 703 6.66 -47.95 -1.41
CA ILE B 703 6.34 -48.25 -2.81
C ILE B 703 5.70 -49.63 -2.89
N VAL B 704 4.45 -49.68 -3.35
CA VAL B 704 3.71 -50.95 -3.46
C VAL B 704 4.28 -51.82 -4.58
N LEU B 705 4.64 -53.05 -4.24
CA LEU B 705 5.20 -53.99 -5.21
C LEU B 705 4.12 -54.78 -5.91
N ARG B 706 4.47 -55.36 -7.06
CA ARG B 706 3.57 -56.20 -7.83
C ARG B 706 3.43 -57.54 -7.13
N GLY B 707 2.21 -58.02 -6.97
CA GLY B 707 1.98 -59.28 -6.26
C GLY B 707 0.55 -59.78 -6.27
N ASP B 708 0.35 -60.92 -5.61
CA ASP B 708 -0.96 -61.58 -5.51
C ASP B 708 -1.52 -61.51 -4.09
N GLY B 709 -0.94 -60.63 -3.25
CA GLY B 709 -1.35 -60.49 -1.86
C GLY B 709 -2.29 -59.31 -1.65
N PRO B 710 -2.60 -58.99 -0.37
CA PRO B 710 -3.44 -57.85 -0.03
C PRO B 710 -2.77 -56.48 -0.27
N ILE B 711 -3.36 -55.42 0.29
CA ILE B 711 -2.88 -54.05 0.08
C ILE B 711 -1.48 -53.81 0.63
N SER B 712 -1.27 -54.08 1.91
CA SER B 712 -0.07 -53.68 2.61
C SER B 712 1.05 -54.71 2.53
N ASN B 713 0.71 -55.96 2.27
CA ASN B 713 1.67 -57.07 2.29
C ASN B 713 2.83 -56.90 1.32
N ARG B 714 2.58 -56.30 0.16
CA ARG B 714 3.63 -56.04 -0.84
C ARG B 714 4.21 -54.62 -0.74
N ALA B 715 3.80 -53.87 0.28
CA ALA B 715 4.26 -52.49 0.45
C ALA B 715 5.65 -52.45 1.09
N ILE B 716 6.68 -52.34 0.25
CA ILE B 716 8.06 -52.24 0.71
C ILE B 716 8.41 -50.77 0.97
N LEU B 717 9.39 -50.54 1.84
CA LEU B 717 9.85 -49.19 2.17
C LEU B 717 10.45 -48.51 0.92
N ALA B 718 10.23 -47.20 0.81
CA ALA B 718 10.66 -46.42 -0.35
C ALA B 718 12.18 -46.30 -0.45
N GLU B 719 12.84 -46.23 0.72
CA GLU B 719 14.29 -46.10 0.78
C GLU B 719 15.02 -47.37 0.32
N GLU B 720 14.37 -48.52 0.51
CA GLU B 720 14.99 -49.82 0.21
C GLU B 720 14.65 -50.36 -1.20
N TYR B 721 14.09 -49.51 -2.06
CA TYR B 721 13.70 -49.94 -3.40
C TYR B 721 14.94 -50.09 -4.30
N ASP B 722 15.06 -51.25 -4.95
CA ASP B 722 16.13 -51.50 -5.91
C ASP B 722 15.51 -51.82 -7.28
N PRO B 723 16.04 -51.20 -8.36
CA PRO B 723 15.48 -51.39 -9.70
C PRO B 723 15.80 -52.76 -10.32
N LYS B 724 16.82 -53.44 -9.80
CA LYS B 724 17.25 -54.73 -10.33
C LYS B 724 16.28 -55.84 -9.94
N LYS B 725 15.98 -55.94 -8.64
CA LYS B 725 15.18 -57.02 -8.10
C LYS B 725 13.68 -56.74 -8.17
N HIS B 726 13.27 -55.60 -7.59
CA HIS B 726 11.86 -55.31 -7.37
C HIS B 726 11.14 -54.78 -8.60
N LYS B 727 9.81 -54.85 -8.56
CA LYS B 727 8.95 -54.27 -9.59
C LYS B 727 7.63 -53.80 -8.96
N TYR B 728 7.32 -52.52 -9.13
CA TYR B 728 6.12 -51.92 -8.54
C TYR B 728 4.85 -52.34 -9.26
N ASP B 729 3.72 -52.27 -8.56
CA ASP B 729 2.43 -52.62 -9.13
C ASP B 729 1.98 -51.53 -10.12
N ALA B 730 1.86 -51.90 -11.39
CA ALA B 730 1.50 -50.95 -12.44
C ALA B 730 0.07 -50.44 -12.27
N GLU B 731 -0.87 -51.37 -12.10
CA GLU B 731 -2.30 -51.02 -12.01
C GLU B 731 -2.67 -50.23 -10.75
N TYR B 732 -1.88 -50.38 -9.68
CA TYR B 732 -2.13 -49.65 -8.44
C TYR B 732 -1.99 -48.15 -8.65
N TYR B 733 -0.83 -47.73 -9.17
CA TYR B 733 -0.55 -46.30 -9.38
C TYR B 733 -1.36 -45.68 -10.52
N ILE B 734 -1.84 -46.51 -11.45
CA ILE B 734 -2.71 -46.03 -12.52
C ILE B 734 -4.10 -45.70 -11.96
N GLU B 735 -4.72 -46.69 -11.31
CA GLU B 735 -6.10 -46.56 -10.83
C GLU B 735 -6.22 -45.76 -9.53
N ASN B 736 -5.23 -45.88 -8.65
CA ASN B 736 -5.31 -45.27 -7.31
C ASN B 736 -4.52 -43.96 -7.17
N GLN B 737 -3.68 -43.62 -8.14
CA GLN B 737 -2.80 -42.45 -8.02
C GLN B 737 -2.90 -41.49 -9.22
N VAL B 738 -2.63 -41.99 -10.42
CA VAL B 738 -2.58 -41.15 -11.62
C VAL B 738 -3.97 -40.73 -12.11
N LEU B 739 -4.90 -41.68 -12.16
CA LEU B 739 -6.23 -41.40 -12.69
C LEU B 739 -7.09 -40.50 -11.79
N PRO B 740 -7.17 -40.79 -10.47
CA PRO B 740 -8.00 -39.96 -9.58
C PRO B 740 -7.64 -38.48 -9.59
N ALA B 741 -6.34 -38.17 -9.68
CA ALA B 741 -5.87 -36.79 -9.72
C ALA B 741 -6.23 -36.10 -11.04
N VAL B 742 -5.99 -36.81 -12.15
CA VAL B 742 -6.21 -36.25 -13.49
C VAL B 742 -7.68 -36.23 -13.89
N LEU B 743 -8.43 -37.27 -13.51
CA LEU B 743 -9.85 -37.38 -13.88
C LEU B 743 -10.71 -36.24 -13.30
N ARG B 744 -10.29 -35.66 -12.18
CA ARG B 744 -11.01 -34.55 -11.58
C ARG B 744 -11.09 -33.35 -12.53
N ILE B 745 -10.06 -33.17 -13.36
CA ILE B 745 -10.01 -32.10 -14.35
C ILE B 745 -10.70 -32.55 -15.65
N LEU B 746 -10.33 -33.73 -16.14
CA LEU B 746 -10.82 -34.22 -17.43
C LEU B 746 -12.24 -34.78 -17.42
N GLU B 747 -12.84 -34.92 -16.23
CA GLU B 747 -14.27 -35.27 -16.12
C GLU B 747 -15.14 -34.10 -16.56
N GLY B 748 -14.62 -32.88 -16.45
CA GLY B 748 -15.32 -31.67 -16.89
C GLY B 748 -15.44 -31.55 -18.41
N PHE B 749 -14.58 -32.26 -19.14
CA PHE B 749 -14.61 -32.27 -20.60
C PHE B 749 -15.28 -33.52 -21.18
N GLY B 750 -15.83 -34.36 -20.31
CA GLY B 750 -16.54 -35.57 -20.73
C GLY B 750 -15.61 -36.69 -21.12
N TYR B 751 -14.86 -37.20 -20.15
CA TYR B 751 -13.98 -38.36 -20.34
C TYR B 751 -14.16 -39.35 -19.19
N ARG B 752 -13.95 -40.63 -19.48
CA ARG B 752 -14.09 -41.70 -18.50
C ARG B 752 -12.73 -42.34 -18.22
N LYS B 753 -12.71 -43.32 -17.31
CA LYS B 753 -11.49 -44.06 -16.97
C LYS B 753 -10.92 -44.79 -18.19
N GLU B 754 -11.79 -45.39 -18.98
CA GLU B 754 -11.38 -46.19 -20.14
C GLU B 754 -10.86 -45.34 -21.30
N ASP B 755 -11.30 -44.09 -21.36
CA ASP B 755 -10.84 -43.16 -22.40
C ASP B 755 -9.37 -42.80 -22.22
N LEU B 756 -9.00 -42.42 -21.00
CA LEU B 756 -7.64 -42.05 -20.68
C LEU B 756 -6.78 -43.30 -20.46
C1 GOL C . 25.89 8.86 -21.14
O1 GOL C . 26.39 9.31 -22.40
C2 GOL C . 24.41 8.49 -21.25
O2 GOL C . 23.65 9.65 -21.60
C3 GOL C . 23.93 7.95 -19.90
O3 GOL C . 22.84 7.06 -20.10
C1 GOL D . -10.24 21.13 -3.60
O1 GOL D . -11.29 22.11 -3.54
C2 GOL D . -10.47 20.08 -2.52
O2 GOL D . -11.29 20.64 -1.49
C3 GOL D . -9.14 19.61 -1.94
O3 GOL D . -9.26 18.25 -1.51
C1 GOL E . -4.22 -8.48 30.87
O1 GOL E . -2.99 -8.07 30.27
C2 GOL E . -5.02 -7.24 31.27
O2 GOL E . -4.36 -6.56 32.36
C3 GOL E . -6.43 -7.65 31.68
O3 GOL E . -7.15 -6.48 32.11
C1 GOL F . -11.25 -16.11 -8.99
O1 GOL F . -11.13 -15.92 -10.40
C2 GOL F . -10.82 -14.85 -8.22
O2 GOL F . -11.33 -13.68 -8.86
C3 GOL F . -9.29 -14.76 -8.14
O3 GOL F . -8.84 -15.12 -6.83
#